data_4FF4
#
_entry.id   4FF4
#
_cell.length_a   82.398
_cell.length_b   111.779
_cell.length_c   276.894
_cell.angle_alpha   90.00
_cell.angle_beta   90.00
_cell.angle_gamma   90.00
#
_symmetry.space_group_name_H-M   'P 21 21 21'
#
loop_
_entity.id
_entity.type
_entity.pdbx_description
1 polymer 'Virion RNA polymerase'
2 polymer 'Bacteriophage N4 P2 promoter'
3 non-polymer 'ADENOSINE MONOPHOSPHATE'
4 non-polymer 'PYROPHOSPHATE 2-'
5 non-polymer 'MANGANESE (II) ION'
6 non-polymer 'PHOSPHATE ION'
7 non-polymer "GUANOSINE-5'-MONOPHOSPHATE"
8 water water
#
loop_
_entity_poly.entity_id
_entity_poly.type
_entity_poly.pdbx_seq_one_letter_code
_entity_poly.pdbx_strand_id
1 'polypeptide(L)'
;MGGSHHHHHHRSESTVTEELKEGIDAVYPSLVGTADSKAEGIKNYFKLSFTLPEEQKSRTVGSEAPLKDVAQALSSRARY
ELFTEKETANPAFNGEVIKRYKELMEHGEGIADILRSRLAKFLNTKDVGKRFAQGTEANRWVGGKLLNIVEQDGDTFKYN
EQLLQTAVLAGLQWRLTATSNTAIKDAKDVAAITGIDQALLPEGLVEQFDTGMTLTEAVSSLAQKIESYWGLSRNPNAPL
GYTKGIPTAMAAEILAAFVESTDVVENIVDMSEIDPDNKKTIGLYTITELDSFDPINSFPTAIEEAVLVNPTEKMFFGDD
IPPVANTQLRNPAVRNTPEQKAALKAEQATEFYVHTPMVQFYETLGKDRILELMGAGTLNKELLNDNHAKSLEGKNRSVE
DSYNQLFSVIEQVRAQSEDISTVPIHYAYNMTRVGRMQMLGKYNPQSAKLVREAILPTKATLDLSNQNNEDFSAFQLGLA
QALDIKVHTMTREVMSDELTKLLEGNLKPAIDMMVEFNTTGSLPENAVDVLNTALGDRKSFVALMALMEYSRYLVAEDKS
AFVTPLYVEADGVTNGPINAMMLMTGGLFTPDWIRNIAKGGLFIGSPNKTMNEHRSTADNNDLYQASTNALMESLGKLRS
NYASNMPIQSQIDSLLSLMDLFLPDINLGENGALELKRGIAKNPLTITIYGSGARGIAGKLVSSVTDAIYERMSDVLKAR
AKDPNISAAMAMFGKQAASEAHAEELLARFLKDMETLTSTVPVKRKGVLELQSTGTGAKGKINPKTYTIKGEQLKALQEN
MLHFFVEPLRNGITQTVGESLVYSTEQLQKATQIQSVVLEDMFKQRVQEKLAEKAKDPTWKKGDFLTQKELNDIQASLNN
LAPMIETGSQTFYIAGSENAEVANQVLATNLDDRMRVPMSIYAPAQAGVAGIPFMTIGTGDGMMMQTLSTMKGAPKNTLK
IFDGMNIGLNDITDASRKANEAVYTSWQGNPIKNVYESYAKFMKNVDFSKLSPEALEAIGKSALEYDQRENATVDDIANA
ASLIERNLRNIALGVDIRHKVLDKVNLSIDQMAAVGAPYQNNGKIDLSNMTPEQQADELNKLFREELEARKQKVAKAR
;
A,B
2 'polydeoxyribonucleotide'
;(DT)(DG)(DC)(DC)(DT)(DC)(DC)(DC)(DA)(DG)(DG)(DC)(DA)(DT)(DT)(DC)(DA)(DA)(DA)(DA)
(DG)(DA)(DA)(DG)(DC)(DG)(DG)(DA)(DG)(DC)(DT)(DT)(DC)(DT)(DT)(DC)
;
C,D
#
# COMPACT_ATOMS: atom_id res chain seq x y z
N GLU A 18 -26.86 -29.03 36.93
CA GLU A 18 -27.51 -29.87 35.93
C GLU A 18 -28.17 -29.04 34.83
N GLU A 19 -28.90 -28.00 35.23
CA GLU A 19 -29.51 -27.08 34.28
C GLU A 19 -28.46 -26.57 33.31
N LEU A 20 -27.25 -26.35 33.83
CA LEU A 20 -26.14 -25.85 33.02
C LEU A 20 -25.63 -26.88 32.02
N LYS A 21 -25.57 -28.14 32.46
CA LYS A 21 -25.11 -29.22 31.60
C LYS A 21 -25.96 -29.39 30.35
N GLU A 22 -27.26 -29.58 30.53
CA GLU A 22 -28.16 -29.81 29.40
C GLU A 22 -28.39 -28.53 28.61
N GLY A 23 -28.10 -27.39 29.24
CA GLY A 23 -28.18 -26.10 28.58
C GLY A 23 -27.13 -25.95 27.50
N ILE A 24 -25.87 -26.20 27.86
CA ILE A 24 -24.77 -26.14 26.90
C ILE A 24 -24.83 -27.27 25.88
N ASP A 25 -25.49 -28.36 26.26
CA ASP A 25 -25.68 -29.50 25.36
C ASP A 25 -26.73 -29.22 24.29
N ALA A 26 -27.78 -28.48 24.67
CA ALA A 26 -28.83 -28.11 23.73
C ALA A 26 -28.25 -27.27 22.59
N VAL A 27 -27.26 -26.46 22.92
CA VAL A 27 -26.61 -25.56 21.97
C VAL A 27 -25.59 -26.29 21.08
N TYR A 28 -24.90 -27.28 21.64
CA TYR A 28 -23.90 -28.07 20.91
C TYR A 28 -24.16 -29.56 21.11
N PRO A 29 -25.29 -30.05 20.59
CA PRO A 29 -25.70 -31.43 20.81
C PRO A 29 -24.83 -32.44 20.07
N SER A 30 -24.11 -32.01 19.04
CA SER A 30 -23.45 -32.95 18.14
C SER A 30 -21.92 -33.02 18.28
N LEU A 31 -21.38 -32.30 19.25
CA LEU A 31 -19.96 -32.43 19.54
C LEU A 31 -19.67 -33.87 19.95
N VAL A 32 -18.51 -34.37 19.55
CA VAL A 32 -18.12 -35.74 19.87
C VAL A 32 -17.90 -35.94 21.37
N GLY A 33 -18.26 -37.10 21.88
CA GLY A 33 -17.97 -37.46 23.26
C GLY A 33 -19.06 -37.13 24.25
N THR A 34 -18.87 -37.58 25.48
CA THR A 34 -19.86 -37.43 26.54
C THR A 34 -19.45 -36.31 27.49
N ALA A 35 -20.40 -35.46 27.85
CA ALA A 35 -20.15 -34.40 28.82
C ALA A 35 -20.24 -34.93 30.26
N ASP A 36 -19.31 -35.82 30.61
CA ASP A 36 -19.17 -36.29 31.99
C ASP A 36 -17.72 -36.72 32.21
N SER A 37 -17.03 -36.06 33.12
CA SER A 37 -15.61 -36.33 33.34
C SER A 37 -15.34 -37.76 33.80
N LYS A 38 -16.37 -38.42 34.31
CA LYS A 38 -16.24 -39.78 34.81
C LYS A 38 -16.57 -40.83 33.73
N ALA A 39 -17.15 -40.37 32.62
CA ALA A 39 -17.48 -41.28 31.53
C ALA A 39 -16.27 -42.11 31.11
N GLU A 40 -16.52 -43.23 30.43
CA GLU A 40 -15.47 -44.18 30.13
C GLU A 40 -14.82 -43.93 28.77
N GLY A 41 -15.64 -43.66 27.77
CA GLY A 41 -15.12 -43.42 26.43
C GLY A 41 -14.65 -42.00 26.25
N ILE A 42 -14.67 -41.53 25.01
CA ILE A 42 -14.33 -40.15 24.68
C ILE A 42 -15.20 -39.18 25.49
N LYS A 43 -14.56 -38.23 26.15
CA LYS A 43 -15.30 -37.22 26.89
C LYS A 43 -15.14 -35.87 26.20
N ASN A 44 -16.21 -35.08 26.16
CA ASN A 44 -16.12 -33.77 25.54
C ASN A 44 -15.75 -32.66 26.51
N TYR A 45 -14.49 -32.21 26.43
CA TYR A 45 -14.00 -31.23 27.38
C TYR A 45 -14.43 -29.79 27.10
N PHE A 46 -15.04 -29.55 25.95
CA PHE A 46 -15.62 -28.23 25.69
C PHE A 46 -16.87 -27.98 26.53
N LYS A 47 -17.80 -28.93 26.51
CA LYS A 47 -19.01 -28.84 27.32
C LYS A 47 -18.75 -28.99 28.82
N LEU A 48 -17.72 -29.75 29.17
CA LEU A 48 -17.30 -29.85 30.57
C LEU A 48 -16.73 -28.53 31.08
N SER A 49 -16.08 -27.78 30.18
CA SER A 49 -15.33 -26.60 30.59
C SER A 49 -16.11 -25.29 30.53
N PHE A 50 -17.18 -25.25 29.74
CA PHE A 50 -17.87 -23.98 29.54
C PHE A 50 -19.36 -24.06 29.81
N THR A 51 -19.94 -22.96 30.27
CA THR A 51 -21.38 -22.87 30.44
C THR A 51 -21.94 -21.63 29.73
N LEU A 52 -23.22 -21.64 29.43
CA LEU A 52 -23.89 -20.45 28.89
C LEU A 52 -23.97 -19.38 29.96
N PRO A 53 -23.73 -18.13 29.57
CA PRO A 53 -23.82 -17.04 30.54
C PRO A 53 -25.27 -16.81 30.95
N GLU A 54 -25.47 -16.22 32.13
CA GLU A 54 -26.81 -15.84 32.56
C GLU A 54 -27.36 -14.77 31.63
N GLU A 55 -26.49 -13.85 31.21
CA GLU A 55 -26.87 -12.77 30.29
C GLU A 55 -26.03 -12.83 29.02
N GLN A 56 -26.66 -12.64 27.87
CA GLN A 56 -25.97 -12.76 26.59
C GLN A 56 -24.71 -11.91 26.52
N LYS A 57 -23.61 -12.52 26.09
CA LYS A 57 -22.34 -11.82 25.92
C LYS A 57 -22.00 -11.66 24.44
N SER A 58 -22.40 -12.64 23.63
CA SER A 58 -22.08 -12.64 22.21
C SER A 58 -23.30 -13.00 21.36
N ARG A 59 -23.50 -12.26 20.27
CA ARG A 59 -24.66 -12.47 19.42
C ARG A 59 -24.49 -13.62 18.43
N THR A 60 -23.39 -14.35 18.53
CA THR A 60 -23.19 -15.47 17.63
C THR A 60 -23.56 -16.78 18.31
N VAL A 61 -23.65 -16.73 19.63
CA VAL A 61 -24.15 -17.88 20.38
C VAL A 61 -25.54 -18.24 19.89
N GLY A 62 -25.68 -19.43 19.31
CA GLY A 62 -26.96 -19.89 18.79
C GLY A 62 -26.98 -19.94 17.28
N SER A 63 -26.15 -19.11 16.65
CA SER A 63 -26.11 -19.02 15.19
C SER A 63 -25.53 -20.26 14.54
N GLU A 64 -26.16 -20.75 13.49
CA GLU A 64 -25.67 -21.93 12.79
C GLU A 64 -24.60 -21.57 11.76
N ALA A 65 -24.54 -20.29 11.39
CA ALA A 65 -23.57 -19.81 10.41
C ALA A 65 -23.11 -18.38 10.71
N PRO A 66 -22.29 -18.22 11.76
CA PRO A 66 -21.80 -16.91 12.21
C PRO A 66 -21.23 -16.01 11.10
N LEU A 67 -20.36 -16.55 10.25
CA LEU A 67 -19.78 -15.76 9.17
C LEU A 67 -20.86 -15.27 8.20
N LYS A 68 -21.85 -16.10 7.94
CA LYS A 68 -22.92 -15.69 7.03
C LYS A 68 -23.81 -14.65 7.70
N ASP A 69 -24.15 -14.86 8.97
CA ASP A 69 -25.01 -13.92 9.70
C ASP A 69 -24.36 -12.55 9.90
N VAL A 70 -23.11 -12.54 10.38
CA VAL A 70 -22.41 -11.28 10.58
C VAL A 70 -22.14 -10.55 9.27
N ALA A 71 -21.75 -11.28 8.23
CA ALA A 71 -21.58 -10.66 6.92
C ALA A 71 -22.88 -9.98 6.49
N GLN A 72 -24.00 -10.65 6.77
CA GLN A 72 -25.30 -10.11 6.44
C GLN A 72 -25.55 -8.85 7.26
N ALA A 73 -25.29 -8.95 8.55
CA ALA A 73 -25.43 -7.81 9.45
C ALA A 73 -24.62 -6.60 8.95
N LEU A 74 -23.45 -6.87 8.39
CA LEU A 74 -22.55 -5.80 7.98
C LEU A 74 -22.87 -5.29 6.59
N SER A 75 -23.83 -5.91 5.92
CA SER A 75 -24.08 -5.60 4.51
C SER A 75 -24.77 -4.25 4.27
N SER A 76 -25.36 -3.68 5.32
CA SER A 76 -26.03 -2.38 5.21
C SER A 76 -26.26 -1.75 6.58
N ARG A 77 -26.39 -0.43 6.63
CA ARG A 77 -26.64 0.24 7.90
C ARG A 77 -27.91 -0.27 8.58
N ALA A 78 -28.97 -0.46 7.80
CA ALA A 78 -30.23 -0.92 8.38
C ALA A 78 -30.07 -2.30 9.02
N ARG A 79 -29.40 -3.21 8.33
CA ARG A 79 -29.24 -4.58 8.83
C ARG A 79 -28.33 -4.64 10.04
N TYR A 80 -27.33 -3.78 10.06
CA TYR A 80 -26.43 -3.68 11.21
C TYR A 80 -27.21 -3.22 12.43
N GLU A 81 -28.03 -2.18 12.25
CA GLU A 81 -28.84 -1.64 13.34
C GLU A 81 -29.79 -2.69 13.90
N LEU A 82 -30.38 -3.48 13.00
CA LEU A 82 -31.27 -4.56 13.40
C LEU A 82 -30.53 -5.63 14.18
N PHE A 83 -29.32 -5.94 13.76
CA PHE A 83 -28.55 -7.03 14.35
C PHE A 83 -28.12 -6.64 15.77
N THR A 84 -27.52 -5.47 15.89
CA THR A 84 -27.06 -4.96 17.17
C THR A 84 -28.23 -4.43 18.01
N GLU A 85 -29.43 -4.43 17.44
CA GLU A 85 -30.62 -3.96 18.14
C GLU A 85 -30.45 -2.53 18.65
N LYS A 86 -29.70 -1.72 17.91
CA LYS A 86 -29.55 -0.30 18.21
C LYS A 86 -30.31 0.45 17.14
N GLU A 87 -30.78 1.66 17.46
CA GLU A 87 -31.55 2.44 16.48
C GLU A 87 -30.64 3.19 15.51
N THR A 88 -29.39 3.41 15.89
CA THR A 88 -28.46 4.10 15.00
C THR A 88 -27.05 3.54 15.08
N ALA A 89 -26.35 3.55 13.95
CA ALA A 89 -25.01 3.01 13.86
C ALA A 89 -23.98 4.10 13.67
N ASN A 90 -22.76 3.84 14.13
CA ASN A 90 -21.66 4.76 13.96
C ASN A 90 -21.63 5.29 12.52
N PRO A 91 -21.84 6.61 12.36
CA PRO A 91 -21.88 7.20 11.03
C PRO A 91 -20.66 6.86 10.15
N ALA A 92 -19.55 6.46 10.76
CA ALA A 92 -18.38 6.04 9.98
C ALA A 92 -18.66 4.78 9.15
N PHE A 93 -19.70 4.04 9.53
CA PHE A 93 -20.11 2.85 8.79
C PHE A 93 -20.94 3.23 7.57
N ASN A 94 -20.26 3.67 6.51
CA ASN A 94 -20.89 4.13 5.28
C ASN A 94 -20.57 3.21 4.10
N GLY A 95 -20.97 3.60 2.91
CA GLY A 95 -20.85 2.75 1.73
C GLY A 95 -19.47 2.19 1.47
N GLU A 96 -18.48 3.07 1.40
CA GLU A 96 -17.10 2.67 1.14
C GLU A 96 -16.59 1.66 2.18
N VAL A 97 -16.93 1.91 3.44
CA VAL A 97 -16.50 1.04 4.52
C VAL A 97 -17.24 -0.29 4.47
N ILE A 98 -18.52 -0.21 4.12
CA ILE A 98 -19.35 -1.40 3.96
C ILE A 98 -18.79 -2.32 2.87
N LYS A 99 -18.37 -1.72 1.75
CA LYS A 99 -17.77 -2.48 0.68
C LYS A 99 -16.46 -3.18 1.12
N ARG A 100 -15.68 -2.54 1.97
CA ARG A 100 -14.44 -3.16 2.42
C ARG A 100 -14.71 -4.34 3.35
N TYR A 101 -15.64 -4.16 4.29
CA TYR A 101 -16.05 -5.26 5.16
C TYR A 101 -16.63 -6.45 4.40
N LYS A 102 -17.25 -6.18 3.25
CA LYS A 102 -17.80 -7.28 2.46
C LYS A 102 -16.64 -8.13 1.96
N GLU A 103 -15.59 -7.47 1.51
CA GLU A 103 -14.39 -8.14 1.02
C GLU A 103 -13.65 -8.86 2.14
N LEU A 104 -13.67 -8.29 3.34
CA LEU A 104 -13.04 -8.91 4.49
C LEU A 104 -13.84 -10.14 4.97
N MET A 105 -15.16 -10.11 4.82
CA MET A 105 -15.96 -11.28 5.15
C MET A 105 -15.66 -12.43 4.19
N GLU A 106 -15.50 -12.11 2.91
CA GLU A 106 -15.13 -13.12 1.91
C GLU A 106 -13.79 -13.77 2.26
N HIS A 107 -12.90 -12.99 2.87
CA HIS A 107 -11.61 -13.48 3.30
C HIS A 107 -11.75 -14.36 4.54
N GLY A 108 -12.71 -14.03 5.41
CA GLY A 108 -13.01 -14.89 6.54
C GLY A 108 -13.35 -16.29 6.05
N GLU A 109 -14.02 -16.37 4.91
CA GLU A 109 -14.37 -17.67 4.34
C GLU A 109 -13.11 -18.43 3.94
N GLY A 110 -12.11 -17.70 3.46
CA GLY A 110 -10.85 -18.31 3.09
C GLY A 110 -10.08 -18.82 4.30
N ILE A 111 -10.14 -18.07 5.40
CA ILE A 111 -9.50 -18.52 6.63
C ILE A 111 -10.20 -19.77 7.14
N ALA A 112 -11.54 -19.74 7.16
CA ALA A 112 -12.31 -20.91 7.54
C ALA A 112 -11.96 -22.12 6.66
N ASP A 113 -11.84 -21.91 5.36
CA ASP A 113 -11.50 -23.02 4.46
C ASP A 113 -10.11 -23.61 4.72
N ILE A 114 -9.13 -22.77 5.04
CA ILE A 114 -7.81 -23.23 5.39
C ILE A 114 -7.86 -24.07 6.66
N LEU A 115 -8.62 -23.61 7.64
CA LEU A 115 -8.73 -24.31 8.92
C LEU A 115 -9.31 -25.70 8.74
N ARG A 116 -10.34 -25.80 7.90
CA ARG A 116 -10.98 -27.08 7.66
C ARG A 116 -10.01 -28.07 7.01
N SER A 117 -9.23 -27.59 6.04
CA SER A 117 -8.26 -28.46 5.37
C SER A 117 -7.18 -28.93 6.33
N ARG A 118 -6.74 -28.02 7.19
CA ARG A 118 -5.70 -28.36 8.14
C ARG A 118 -6.19 -29.44 9.12
N LEU A 119 -7.44 -29.31 9.55
CA LEU A 119 -8.04 -30.34 10.40
C LEU A 119 -8.03 -31.68 9.69
N ALA A 120 -8.53 -31.71 8.45
CA ALA A 120 -8.54 -32.94 7.68
C ALA A 120 -7.15 -33.55 7.55
N LYS A 121 -6.12 -32.72 7.42
CA LYS A 121 -4.75 -33.22 7.31
C LYS A 121 -4.35 -33.88 8.60
N PHE A 122 -4.65 -33.22 9.71
CA PHE A 122 -4.36 -33.75 11.04
C PHE A 122 -5.06 -35.07 11.29
N LEU A 123 -6.33 -35.15 10.94
CA LEU A 123 -7.08 -36.39 11.16
C LEU A 123 -6.46 -37.55 10.38
N ASN A 124 -5.93 -37.25 9.20
CA ASN A 124 -5.45 -38.29 8.31
C ASN A 124 -4.04 -38.79 8.66
N THR A 125 -3.20 -37.88 9.15
CA THR A 125 -1.83 -38.23 9.50
C THR A 125 -1.75 -39.10 10.75
N LYS A 126 -0.96 -40.17 10.67
CA LYS A 126 -0.79 -41.13 11.77
C LYS A 126 -2.14 -41.70 12.17
N ASP A 127 -3.07 -41.70 11.22
CA ASP A 127 -4.42 -42.23 11.42
C ASP A 127 -5.06 -41.75 12.72
N VAL A 128 -4.78 -40.51 13.09
CA VAL A 128 -5.34 -39.93 14.29
C VAL A 128 -6.86 -39.99 14.32
N GLY A 129 -7.50 -39.68 13.19
CA GLY A 129 -8.94 -39.75 13.10
C GLY A 129 -9.51 -41.13 13.37
N LYS A 130 -8.93 -42.16 12.75
CA LYS A 130 -9.39 -43.53 12.94
C LYS A 130 -9.19 -43.99 14.38
N ARG A 131 -8.05 -43.61 14.96
CA ARG A 131 -7.75 -43.95 16.34
C ARG A 131 -8.68 -43.24 17.31
N PHE A 132 -8.98 -41.98 17.02
CA PHE A 132 -9.87 -41.19 17.87
C PHE A 132 -11.24 -41.82 17.85
N ALA A 133 -11.69 -42.23 16.65
CA ALA A 133 -12.98 -42.88 16.49
C ALA A 133 -13.04 -44.20 17.24
N GLN A 134 -11.89 -44.82 17.48
CA GLN A 134 -11.82 -46.11 18.14
C GLN A 134 -11.61 -45.98 19.65
N GLY A 135 -11.57 -44.74 20.13
CA GLY A 135 -11.54 -44.52 21.56
C GLY A 135 -10.25 -43.96 22.10
N THR A 136 -9.23 -43.84 21.25
CA THR A 136 -8.00 -43.18 21.68
C THR A 136 -8.30 -41.73 22.04
N GLU A 137 -7.93 -41.32 23.25
CA GLU A 137 -8.31 -40.02 23.79
C GLU A 137 -7.46 -38.85 23.27
N ALA A 138 -7.34 -38.76 21.94
CA ALA A 138 -6.49 -37.76 21.30
C ALA A 138 -6.94 -36.34 21.61
N ASN A 139 -8.22 -36.19 21.97
CA ASN A 139 -8.78 -34.90 22.32
C ASN A 139 -8.21 -34.34 23.62
N ARG A 140 -7.30 -35.09 24.24
CA ARG A 140 -6.64 -34.63 25.46
C ARG A 140 -5.15 -34.36 25.22
N TRP A 141 -4.66 -34.68 24.03
CA TRP A 141 -3.28 -34.39 23.66
C TRP A 141 -3.06 -32.89 23.58
N VAL A 142 -1.83 -32.42 23.75
CA VAL A 142 -1.55 -30.99 23.64
C VAL A 142 -1.90 -30.44 22.25
N GLY A 143 -1.75 -31.28 21.24
CA GLY A 143 -2.10 -30.92 19.87
C GLY A 143 -3.50 -31.32 19.43
N GLY A 144 -4.27 -31.93 20.31
CA GLY A 144 -5.57 -32.44 19.91
C GLY A 144 -6.79 -31.87 20.59
N LYS A 145 -6.61 -30.78 21.33
CA LYS A 145 -7.72 -30.20 22.08
C LYS A 145 -8.86 -29.66 21.20
N LEU A 146 -8.55 -29.33 19.96
CA LEU A 146 -9.60 -28.91 19.02
C LEU A 146 -10.58 -30.04 18.68
N LEU A 147 -10.19 -31.29 18.97
CA LEU A 147 -11.09 -32.42 18.78
C LEU A 147 -12.28 -32.36 19.72
N ASN A 148 -12.25 -31.43 20.67
CA ASN A 148 -13.40 -31.22 21.55
C ASN A 148 -14.48 -30.38 20.91
N ILE A 149 -14.16 -29.78 19.77
CA ILE A 149 -15.17 -29.00 19.04
C ILE A 149 -15.42 -29.53 17.63
N VAL A 150 -15.11 -30.80 17.39
CA VAL A 150 -15.47 -31.42 16.12
C VAL A 150 -16.72 -32.28 16.28
N GLU A 151 -17.31 -32.62 15.14
CA GLU A 151 -18.52 -33.43 15.10
C GLU A 151 -18.27 -34.62 14.20
N GLN A 152 -18.83 -35.77 14.53
CA GLN A 152 -18.63 -36.92 13.66
C GLN A 152 -19.28 -36.63 12.32
N ASP A 153 -18.66 -37.12 11.25
CA ASP A 153 -19.16 -36.90 9.90
C ASP A 153 -18.78 -38.08 9.04
N GLY A 154 -19.67 -39.07 8.99
CA GLY A 154 -19.40 -40.29 8.25
C GLY A 154 -18.24 -41.01 8.85
N ASP A 155 -17.24 -41.30 8.03
CA ASP A 155 -16.05 -42.01 8.48
C ASP A 155 -14.98 -41.09 9.09
N THR A 156 -15.31 -39.81 9.27
CA THR A 156 -14.33 -38.85 9.79
C THR A 156 -14.98 -37.80 10.71
N PHE A 157 -14.33 -36.66 10.87
CA PHE A 157 -14.87 -35.60 11.72
C PHE A 157 -14.76 -34.24 11.04
N LYS A 158 -15.56 -33.30 11.52
CA LYS A 158 -15.51 -31.94 11.01
C LYS A 158 -15.77 -30.97 12.15
N TYR A 159 -15.25 -29.76 12.02
CA TYR A 159 -15.54 -28.68 12.97
C TYR A 159 -17.02 -28.40 13.15
N ASN A 160 -17.44 -28.17 14.38
CA ASN A 160 -18.70 -27.50 14.62
C ASN A 160 -18.61 -26.12 13.93
N GLU A 161 -19.52 -25.86 13.00
CA GLU A 161 -19.44 -24.64 12.20
C GLU A 161 -19.64 -23.35 13.01
N GLN A 162 -20.51 -23.38 14.01
CA GLN A 162 -20.74 -22.20 14.84
C GLN A 162 -19.49 -21.77 15.61
N LEU A 163 -18.75 -22.74 16.14
CA LEU A 163 -17.59 -22.44 16.96
C LEU A 163 -16.42 -22.06 16.07
N LEU A 164 -16.28 -22.76 14.95
CA LEU A 164 -15.25 -22.47 13.97
C LEU A 164 -15.39 -21.05 13.42
N GLN A 165 -16.57 -20.74 12.91
CA GLN A 165 -16.79 -19.47 12.23
C GLN A 165 -16.74 -18.29 13.21
N THR A 166 -17.17 -18.50 14.44
CA THR A 166 -17.08 -17.45 15.44
C THR A 166 -15.62 -17.12 15.77
N ALA A 167 -14.76 -18.14 15.79
CA ALA A 167 -13.35 -17.93 16.09
C ALA A 167 -12.70 -17.16 14.96
N VAL A 168 -13.12 -17.45 13.74
CA VAL A 168 -12.64 -16.74 12.57
C VAL A 168 -13.01 -15.25 12.61
N LEU A 169 -14.24 -14.95 13.02
CA LEU A 169 -14.64 -13.55 13.20
C LEU A 169 -13.70 -12.88 14.22
N ALA A 170 -13.40 -13.58 15.30
CA ALA A 170 -12.44 -13.09 16.28
C ALA A 170 -11.07 -12.88 15.66
N GLY A 171 -10.66 -13.83 14.81
CA GLY A 171 -9.40 -13.73 14.10
C GLY A 171 -9.35 -12.53 13.16
N LEU A 172 -10.46 -12.21 12.51
CA LEU A 172 -10.46 -11.05 11.62
C LEU A 172 -10.33 -9.76 12.43
N GLN A 173 -11.02 -9.69 13.55
CA GLN A 173 -10.94 -8.47 14.37
C GLN A 173 -9.54 -8.24 14.93
N TRP A 174 -8.94 -9.31 15.44
CA TRP A 174 -7.58 -9.29 15.94
C TRP A 174 -6.63 -8.83 14.83
N ARG A 175 -6.87 -9.35 13.64
CA ARG A 175 -6.05 -9.01 12.48
C ARG A 175 -6.12 -7.51 12.19
N LEU A 176 -7.28 -6.93 12.42
CA LEU A 176 -7.47 -5.52 12.08
C LEU A 176 -6.78 -4.61 13.10
N THR A 177 -6.85 -4.96 14.37
CA THR A 177 -6.45 -4.02 15.40
C THR A 177 -5.40 -4.49 16.41
N ALA A 178 -4.93 -5.73 16.31
CA ALA A 178 -3.97 -6.23 17.28
C ALA A 178 -2.71 -5.37 17.35
N THR A 179 -2.09 -5.12 16.20
CA THR A 179 -0.85 -4.35 16.16
C THR A 179 -0.91 -3.09 17.03
N SER A 180 -2.04 -2.40 16.97
CA SER A 180 -2.21 -1.11 17.63
C SER A 180 -2.42 -1.24 19.13
N ASN A 181 -2.52 -2.46 19.63
CA ASN A 181 -2.77 -2.70 21.05
C ASN A 181 -1.63 -3.46 21.72
N THR A 182 -0.59 -3.76 20.97
CA THR A 182 0.55 -4.49 21.53
C THR A 182 1.30 -3.63 22.54
N ALA A 183 1.95 -4.30 23.48
CA ALA A 183 2.79 -3.62 24.45
C ALA A 183 4.06 -3.13 23.76
N ILE A 184 4.71 -2.15 24.37
CA ILE A 184 5.99 -1.67 23.87
C ILE A 184 7.08 -2.49 24.52
N LYS A 185 8.05 -2.93 23.71
CA LYS A 185 9.20 -3.67 24.23
C LYS A 185 10.39 -2.74 24.41
N ASP A 186 11.03 -2.83 25.58
CA ASP A 186 12.28 -2.12 25.82
C ASP A 186 13.45 -3.12 25.89
N ALA A 187 14.67 -2.60 25.99
CA ALA A 187 15.86 -3.45 26.04
C ALA A 187 15.71 -4.58 27.04
N LYS A 188 15.04 -4.31 28.16
CA LYS A 188 14.86 -5.30 29.21
C LYS A 188 14.01 -6.48 28.74
N ASP A 189 12.88 -6.16 28.12
CA ASP A 189 11.96 -7.18 27.59
C ASP A 189 12.69 -8.07 26.59
N VAL A 190 13.39 -7.44 25.65
CA VAL A 190 14.12 -8.16 24.61
C VAL A 190 15.23 -9.07 25.16
N ALA A 191 15.94 -8.59 26.17
CA ALA A 191 16.99 -9.41 26.76
C ALA A 191 16.39 -10.64 27.42
N ALA A 192 15.23 -10.48 28.05
CA ALA A 192 14.55 -11.60 28.68
C ALA A 192 14.09 -12.59 27.60
N ILE A 193 13.46 -12.06 26.57
CA ILE A 193 12.99 -12.87 25.45
C ILE A 193 14.14 -13.66 24.82
N THR A 194 15.24 -12.97 24.52
CA THR A 194 16.30 -13.54 23.67
C THR A 194 17.39 -14.26 24.46
N GLY A 195 17.44 -14.03 25.76
CA GLY A 195 18.45 -14.65 26.59
C GLY A 195 19.80 -13.97 26.47
N ILE A 196 19.82 -12.79 25.85
CA ILE A 196 21.06 -12.04 25.65
C ILE A 196 21.16 -10.90 26.67
N ASP A 197 22.30 -10.80 27.33
CA ASP A 197 22.52 -9.74 28.31
C ASP A 197 22.10 -8.37 27.77
N GLN A 198 21.30 -7.64 28.54
CA GLN A 198 20.75 -6.37 28.08
C GLN A 198 21.85 -5.42 27.58
N ALA A 199 22.97 -5.42 28.27
CA ALA A 199 24.07 -4.49 27.95
C ALA A 199 24.73 -4.79 26.60
N LEU A 200 24.51 -5.98 26.07
CA LEU A 200 25.24 -6.42 24.88
C LEU A 200 24.34 -6.60 23.65
N LEU A 201 23.07 -6.26 23.77
CA LEU A 201 22.13 -6.34 22.64
C LEU A 201 22.67 -5.57 21.44
N PRO A 202 22.65 -6.21 20.26
CA PRO A 202 23.06 -5.59 19.00
C PRO A 202 22.13 -4.45 18.60
N GLU A 203 22.62 -3.57 17.74
CA GLU A 203 21.80 -2.47 17.24
C GLU A 203 20.58 -2.98 16.50
N GLY A 204 19.43 -2.38 16.77
CA GLY A 204 18.22 -2.65 16.03
C GLY A 204 17.57 -3.97 16.35
N LEU A 205 18.19 -4.75 17.24
CA LEU A 205 17.60 -6.01 17.63
C LEU A 205 16.35 -5.74 18.45
N VAL A 206 16.46 -4.78 19.36
CA VAL A 206 15.34 -4.40 20.20
C VAL A 206 14.23 -3.85 19.30
N GLU A 207 14.63 -3.14 18.25
CA GLU A 207 13.70 -2.61 17.26
C GLU A 207 13.04 -3.76 16.50
N GLN A 208 13.82 -4.75 16.11
CA GLN A 208 13.25 -5.88 15.38
C GLN A 208 12.20 -6.58 16.23
N PHE A 209 12.47 -6.68 17.53
CA PHE A 209 11.60 -7.40 18.44
C PHE A 209 10.38 -6.62 18.90
N ASP A 210 10.48 -5.30 18.93
CA ASP A 210 9.34 -4.46 19.27
C ASP A 210 8.34 -4.38 18.13
N THR A 211 8.82 -4.63 16.92
CA THR A 211 8.00 -4.59 15.71
C THR A 211 7.10 -5.81 15.59
N GLY A 212 7.63 -6.98 15.90
CA GLY A 212 6.84 -8.20 15.82
C GLY A 212 6.21 -8.60 17.14
N MET A 213 5.47 -9.70 17.10
CA MET A 213 4.94 -10.32 18.31
C MET A 213 5.62 -11.68 18.53
N THR A 214 5.93 -11.99 19.77
CA THR A 214 6.38 -13.33 20.11
C THR A 214 5.18 -14.27 19.97
N LEU A 215 5.44 -15.57 19.88
CA LEU A 215 4.34 -16.53 19.77
C LEU A 215 3.33 -16.32 20.91
N THR A 216 3.83 -16.27 22.13
CA THR A 216 2.98 -16.11 23.30
C THR A 216 2.15 -14.83 23.25
N GLU A 217 2.78 -13.75 22.81
CA GLU A 217 2.14 -12.46 22.62
C GLU A 217 0.96 -12.55 21.65
N ALA A 218 1.22 -13.14 20.49
CA ALA A 218 0.21 -13.24 19.43
C ALA A 218 -0.92 -14.17 19.85
N VAL A 219 -0.55 -15.35 20.34
CA VAL A 219 -1.54 -16.37 20.64
C VAL A 219 -2.46 -15.98 21.78
N SER A 220 -1.90 -15.39 22.84
CA SER A 220 -2.71 -15.10 24.00
C SER A 220 -3.72 -13.99 23.70
N SER A 221 -3.33 -13.03 22.85
CA SER A 221 -4.27 -11.98 22.45
C SER A 221 -5.36 -12.53 21.53
N LEU A 222 -4.97 -13.40 20.60
CA LEU A 222 -5.94 -14.10 19.76
C LEU A 222 -6.90 -14.93 20.61
N ALA A 223 -6.35 -15.71 21.55
CA ALA A 223 -7.15 -16.60 22.39
C ALA A 223 -8.17 -15.82 23.21
N GLN A 224 -7.73 -14.71 23.79
CA GLN A 224 -8.63 -13.86 24.56
C GLN A 224 -9.83 -13.43 23.71
N LYS A 225 -9.55 -12.94 22.51
CA LYS A 225 -10.61 -12.50 21.59
C LYS A 225 -11.53 -13.67 21.21
N ILE A 226 -10.95 -14.82 20.88
CA ILE A 226 -11.75 -15.97 20.48
C ILE A 226 -12.69 -16.38 21.59
N GLU A 227 -12.16 -16.49 22.80
CA GLU A 227 -12.96 -16.88 23.95
C GLU A 227 -14.04 -15.86 24.22
N SER A 228 -13.70 -14.60 23.97
CA SER A 228 -14.68 -13.52 24.13
C SER A 228 -15.85 -13.67 23.16
N TYR A 229 -15.56 -13.95 21.89
CA TYR A 229 -16.62 -14.05 20.89
C TYR A 229 -17.47 -15.31 21.06
N TRP A 230 -16.85 -16.38 21.53
CA TRP A 230 -17.58 -17.60 21.85
C TRP A 230 -18.66 -17.32 22.89
N GLY A 231 -18.42 -16.30 23.71
CA GLY A 231 -19.46 -15.70 24.53
C GLY A 231 -19.96 -16.60 25.64
N LEU A 232 -19.11 -17.52 26.08
CA LEU A 232 -19.44 -18.48 27.12
C LEU A 232 -18.76 -18.16 28.46
N SER A 233 -19.10 -18.91 29.49
CA SER A 233 -18.43 -18.73 30.77
C SER A 233 -17.58 -19.95 31.11
N ARG A 234 -16.45 -19.71 31.76
CA ARG A 234 -15.58 -20.80 32.21
C ARG A 234 -16.22 -21.49 33.42
N ASN A 235 -16.18 -22.82 33.40
CA ASN A 235 -16.59 -23.61 34.54
C ASN A 235 -15.45 -23.64 35.57
N PRO A 236 -15.71 -23.11 36.78
CA PRO A 236 -14.72 -23.00 37.86
C PRO A 236 -14.13 -24.35 38.26
N ASN A 237 -14.85 -25.41 37.94
CA ASN A 237 -14.45 -26.75 38.35
C ASN A 237 -13.89 -27.60 37.22
N ALA A 238 -13.61 -26.96 36.10
CA ALA A 238 -12.98 -27.65 34.98
C ALA A 238 -11.48 -27.31 34.93
N PRO A 239 -10.65 -28.26 34.46
CA PRO A 239 -9.20 -28.07 34.44
C PRO A 239 -8.75 -27.00 33.44
N LEU A 240 -7.84 -26.13 33.88
CA LEU A 240 -7.33 -25.04 33.04
C LEU A 240 -6.79 -25.54 31.69
N GLY A 241 -6.27 -26.76 31.69
CA GLY A 241 -5.79 -27.39 30.46
C GLY A 241 -6.84 -27.40 29.36
N TYR A 242 -8.11 -27.21 29.73
CA TYR A 242 -9.20 -27.15 28.75
C TYR A 242 -9.84 -25.76 28.66
N THR A 243 -10.07 -25.13 29.81
CA THR A 243 -10.67 -23.79 29.80
C THR A 243 -9.78 -22.78 29.07
N LYS A 244 -8.48 -22.82 29.35
CA LYS A 244 -7.52 -22.00 28.61
C LYS A 244 -7.07 -22.71 27.34
N GLY A 245 -7.05 -24.05 27.40
CA GLY A 245 -6.42 -24.84 26.36
C GLY A 245 -7.15 -24.87 25.04
N ILE A 246 -8.48 -24.98 25.10
CA ILE A 246 -9.26 -25.08 23.86
C ILE A 246 -9.22 -23.78 23.08
N PRO A 247 -9.47 -22.63 23.75
CA PRO A 247 -9.37 -21.41 22.95
C PRO A 247 -7.94 -21.11 22.50
N THR A 248 -6.94 -21.58 23.25
CA THR A 248 -5.57 -21.40 22.83
C THR A 248 -5.23 -22.32 21.64
N ALA A 249 -5.73 -23.55 21.67
CA ALA A 249 -5.54 -24.44 20.52
C ALA A 249 -6.17 -23.82 19.27
N MET A 250 -7.31 -23.17 19.46
CA MET A 250 -8.00 -22.52 18.34
C MET A 250 -7.18 -21.35 17.82
N ALA A 251 -6.70 -20.51 18.74
CA ALA A 251 -5.86 -19.37 18.40
C ALA A 251 -4.64 -19.81 17.60
N ALA A 252 -3.97 -20.85 18.08
CA ALA A 252 -2.77 -21.36 17.42
C ALA A 252 -3.08 -21.74 15.98
N GLU A 253 -4.22 -22.39 15.78
CA GLU A 253 -4.60 -22.82 14.45
C GLU A 253 -4.88 -21.61 13.56
N ILE A 254 -5.52 -20.59 14.13
CA ILE A 254 -5.82 -19.36 13.41
C ILE A 254 -4.56 -18.59 13.02
N LEU A 255 -3.60 -18.49 13.94
CA LEU A 255 -2.34 -17.85 13.63
C LEU A 255 -1.67 -18.59 12.46
N ALA A 256 -1.71 -19.93 12.49
CA ALA A 256 -1.13 -20.76 11.44
C ALA A 256 -1.80 -20.55 10.07
N ALA A 257 -3.12 -20.36 10.07
CA ALA A 257 -3.86 -20.09 8.85
C ALA A 257 -3.52 -18.71 8.31
N PHE A 258 -3.35 -17.74 9.20
CA PHE A 258 -2.95 -16.40 8.80
C PHE A 258 -1.55 -16.36 8.18
N VAL A 259 -0.68 -17.26 8.66
CA VAL A 259 0.64 -17.40 8.08
C VAL A 259 0.50 -17.99 6.68
N GLU A 260 -0.35 -19.02 6.54
CA GLU A 260 -0.63 -19.57 5.22
C GLU A 260 -1.23 -18.53 4.28
N SER A 261 -2.08 -17.65 4.81
CA SER A 261 -2.75 -16.68 3.95
C SER A 261 -1.90 -15.43 3.72
N THR A 262 -0.76 -15.38 4.41
CA THR A 262 0.11 -14.20 4.40
C THR A 262 -0.52 -12.94 5.01
N ASP A 263 -1.50 -13.10 5.89
CA ASP A 263 -1.96 -11.97 6.71
C ASP A 263 -0.96 -11.73 7.83
N VAL A 264 -0.18 -12.75 8.16
CA VAL A 264 0.83 -12.67 9.19
C VAL A 264 2.12 -13.26 8.62
N VAL A 265 3.23 -12.59 8.88
CA VAL A 265 4.55 -13.11 8.49
C VAL A 265 5.23 -13.70 9.72
N GLU A 266 5.71 -14.93 9.58
CA GLU A 266 6.44 -15.60 10.63
C GLU A 266 7.93 -15.57 10.32
N ASN A 267 8.70 -15.10 11.29
CA ASN A 267 10.15 -15.04 11.17
C ASN A 267 10.79 -15.72 12.37
N ILE A 268 11.45 -16.84 12.13
CA ILE A 268 12.13 -17.58 13.19
C ILE A 268 13.53 -17.03 13.35
N VAL A 269 13.74 -16.27 14.42
CA VAL A 269 15.01 -15.57 14.61
C VAL A 269 16.05 -16.44 15.32
N ASP A 270 17.15 -16.71 14.61
CA ASP A 270 18.21 -17.56 15.14
C ASP A 270 19.18 -16.73 15.98
N MET A 271 19.19 -16.96 17.29
CA MET A 271 20.09 -16.24 18.20
C MET A 271 21.54 -16.63 17.94
N SER A 272 21.75 -17.78 17.32
CA SER A 272 23.08 -18.30 17.05
C SER A 272 24.00 -17.33 16.29
N GLU A 273 23.43 -16.51 15.41
CA GLU A 273 24.24 -15.54 14.65
C GLU A 273 24.47 -14.24 15.42
N ILE A 274 23.59 -13.98 16.39
CA ILE A 274 23.71 -12.79 17.23
C ILE A 274 24.56 -13.09 18.45
N ASP A 275 24.81 -14.38 18.67
CA ASP A 275 25.64 -14.84 19.78
C ASP A 275 25.85 -16.34 19.66
N PRO A 276 27.06 -16.75 19.27
CA PRO A 276 27.42 -18.14 18.94
C PRO A 276 26.95 -19.17 19.97
N ASP A 277 26.89 -18.81 21.24
CA ASP A 277 26.58 -19.77 22.29
C ASP A 277 25.09 -19.89 22.63
N ASN A 278 24.30 -18.91 22.20
CA ASN A 278 22.87 -18.91 22.46
C ASN A 278 22.14 -19.86 21.52
N LYS A 279 21.39 -20.80 22.09
CA LYS A 279 20.78 -21.85 21.28
C LYS A 279 19.30 -21.60 20.95
N LYS A 280 18.75 -20.52 21.51
CA LYS A 280 17.35 -20.18 21.27
C LYS A 280 17.07 -19.78 19.82
N THR A 281 15.96 -20.27 19.28
CA THR A 281 15.41 -19.79 18.02
C THR A 281 14.02 -19.25 18.35
N ILE A 282 13.75 -18.01 17.99
CA ILE A 282 12.54 -17.33 18.48
C ILE A 282 11.67 -16.83 17.34
N GLY A 283 10.39 -17.17 17.43
CA GLY A 283 9.42 -16.77 16.44
C GLY A 283 8.96 -15.33 16.63
N LEU A 284 8.98 -14.58 15.53
CA LEU A 284 8.41 -13.24 15.48
C LEU A 284 7.28 -13.21 14.46
N TYR A 285 6.13 -12.66 14.86
CA TYR A 285 4.96 -12.63 14.02
C TYR A 285 4.53 -11.19 13.81
N THR A 286 4.49 -10.76 12.55
CA THR A 286 4.04 -9.41 12.26
C THR A 286 2.84 -9.46 11.32
N ILE A 287 1.81 -8.72 11.68
CA ILE A 287 0.61 -8.59 10.88
C ILE A 287 0.85 -7.70 9.66
N THR A 288 0.47 -8.16 8.49
CA THR A 288 0.57 -7.38 7.27
C THR A 288 -0.26 -6.10 7.42
N GLU A 289 0.40 -4.95 7.30
CA GLU A 289 -0.27 -3.68 7.45
C GLU A 289 -1.28 -3.48 6.31
N LEU A 290 -2.40 -2.85 6.61
CA LEU A 290 -3.32 -2.41 5.57
C LEU A 290 -2.81 -1.08 5.02
N ASP A 291 -3.29 -0.70 3.85
CA ASP A 291 -2.94 0.60 3.29
C ASP A 291 -3.39 1.70 4.23
N SER A 292 -2.61 2.76 4.33
CA SER A 292 -2.97 3.90 5.17
C SER A 292 -4.32 4.49 4.73
N PHE A 293 -4.61 4.42 3.43
CA PHE A 293 -5.87 4.94 2.91
C PHE A 293 -6.98 3.90 2.78
N ASP A 294 -6.81 2.74 3.40
CA ASP A 294 -7.86 1.72 3.40
C ASP A 294 -9.05 2.21 4.22
N PRO A 295 -10.25 2.21 3.62
CA PRO A 295 -11.48 2.71 4.24
C PRO A 295 -11.76 2.10 5.61
N ILE A 296 -11.45 0.80 5.73
CA ILE A 296 -11.70 0.09 6.96
C ILE A 296 -10.95 0.70 8.15
N ASN A 297 -9.92 1.49 7.89
CA ASN A 297 -9.17 2.13 8.97
C ASN A 297 -10.02 3.19 9.66
N SER A 298 -10.98 3.72 8.92
CA SER A 298 -11.86 4.74 9.46
C SER A 298 -12.87 4.14 10.45
N PHE A 299 -13.06 2.83 10.37
CA PHE A 299 -13.96 2.13 11.30
C PHE A 299 -13.57 0.64 11.43
N PRO A 300 -12.49 0.35 12.16
CA PRO A 300 -11.95 -1.01 12.19
C PRO A 300 -12.59 -1.92 13.23
N THR A 301 -13.66 -1.48 13.87
CA THR A 301 -14.23 -2.25 14.96
C THR A 301 -15.67 -2.71 14.73
N ALA A 302 -16.13 -2.64 13.48
CA ALA A 302 -17.49 -3.05 13.12
C ALA A 302 -17.83 -4.45 13.59
N ILE A 303 -16.89 -5.38 13.43
CA ILE A 303 -17.11 -6.76 13.84
C ILE A 303 -17.27 -6.83 15.35
N GLU A 304 -16.31 -6.27 16.07
CA GLU A 304 -16.36 -6.27 17.53
C GLU A 304 -17.70 -5.77 18.03
N GLU A 305 -18.17 -4.66 17.45
CA GLU A 305 -19.37 -4.00 17.93
C GLU A 305 -20.63 -4.76 17.52
N ALA A 306 -20.54 -5.59 16.48
CA ALA A 306 -21.66 -6.44 16.10
C ALA A 306 -21.73 -7.67 17.01
N VAL A 307 -20.60 -8.39 17.11
CA VAL A 307 -20.55 -9.64 17.84
C VAL A 307 -20.79 -9.47 19.35
N LEU A 308 -20.12 -8.50 19.95
CA LEU A 308 -20.15 -8.34 21.40
C LEU A 308 -21.22 -7.38 21.90
N VAL A 309 -21.96 -7.82 22.91
CA VAL A 309 -22.98 -6.99 23.55
C VAL A 309 -22.34 -5.81 24.26
N ASN A 310 -21.14 -6.00 24.80
CA ASN A 310 -20.38 -4.93 25.44
C ASN A 310 -18.97 -4.80 24.88
N PRO A 311 -18.85 -4.15 23.72
CA PRO A 311 -17.56 -4.07 23.01
C PRO A 311 -16.46 -3.45 23.87
N THR A 312 -15.24 -3.95 23.72
CA THR A 312 -14.10 -3.36 24.39
C THR A 312 -13.31 -2.46 23.43
N GLU A 313 -13.19 -2.89 22.17
CA GLU A 313 -12.50 -2.09 21.17
C GLU A 313 -13.47 -1.16 20.48
N LYS A 314 -13.33 0.15 20.73
CA LYS A 314 -14.22 1.14 20.13
C LYS A 314 -13.71 2.52 20.52
N MET A 315 -14.16 3.54 19.81
CA MET A 315 -13.91 4.91 20.22
C MET A 315 -15.11 5.42 21.00
N PHE A 316 -14.87 6.33 21.93
CA PHE A 316 -15.95 6.88 22.74
C PHE A 316 -16.21 8.31 22.33
N PHE A 317 -17.27 8.52 21.55
CA PHE A 317 -17.65 9.86 21.11
C PHE A 317 -18.83 10.42 21.89
N GLY A 318 -18.88 11.74 22.01
CA GLY A 318 -20.01 12.41 22.62
C GLY A 318 -20.19 12.09 24.09
N ASP A 319 -21.35 11.57 24.45
CA ASP A 319 -21.62 11.19 25.82
C ASP A 319 -21.66 9.66 25.95
N ASP A 320 -20.85 9.01 25.14
CA ASP A 320 -20.60 7.59 25.30
C ASP A 320 -19.37 7.49 26.19
N ILE A 321 -19.59 7.19 27.47
CA ILE A 321 -18.54 7.25 28.49
C ILE A 321 -17.96 5.86 28.79
N PRO A 322 -16.62 5.75 28.79
CA PRO A 322 -16.03 4.44 29.08
C PRO A 322 -16.48 3.94 30.46
N PRO A 323 -16.67 2.63 30.61
CA PRO A 323 -16.98 2.05 31.91
C PRO A 323 -15.74 2.13 32.80
N VAL A 324 -15.88 2.02 34.12
CA VAL A 324 -14.71 2.04 35.02
C VAL A 324 -14.21 0.64 35.35
N ALA A 325 -12.92 0.41 35.10
CA ALA A 325 -12.28 -0.88 35.37
C ALA A 325 -12.34 -1.26 36.85
N ASN A 326 -12.78 -2.48 37.14
CA ASN A 326 -12.88 -2.94 38.52
C ASN A 326 -11.54 -3.37 39.12
N THR A 327 -10.62 -3.79 38.27
CA THR A 327 -9.36 -4.37 38.73
C THR A 327 -8.17 -3.74 38.06
N GLN A 328 -7.06 -3.73 38.78
CA GLN A 328 -5.80 -3.18 38.33
C GLN A 328 -5.38 -3.84 37.02
N LEU A 329 -4.79 -3.06 36.14
CA LEU A 329 -4.34 -3.56 34.84
C LEU A 329 -3.41 -4.77 35.00
N ARG A 330 -3.80 -5.89 34.37
CA ARG A 330 -3.07 -7.15 34.43
C ARG A 330 -2.78 -7.68 35.85
N ASN A 331 -3.61 -7.27 36.81
CA ASN A 331 -3.50 -7.77 38.18
C ASN A 331 -4.89 -8.04 38.74
N PRO A 332 -5.56 -9.07 38.20
CA PRO A 332 -6.95 -9.36 38.55
C PRO A 332 -7.18 -9.69 40.03
N ALA A 333 -6.12 -9.97 40.78
CA ALA A 333 -6.29 -10.19 42.22
C ALA A 333 -6.44 -8.87 42.99
N VAL A 334 -6.16 -7.76 42.31
CA VAL A 334 -6.21 -6.45 42.95
C VAL A 334 -7.35 -5.61 42.40
N ARG A 335 -8.32 -5.32 43.26
CA ARG A 335 -9.40 -4.41 42.91
C ARG A 335 -8.94 -2.96 43.01
N ASN A 336 -9.29 -2.15 42.02
CA ASN A 336 -9.11 -0.71 42.12
C ASN A 336 -9.89 -0.21 43.33
N THR A 337 -9.22 0.50 44.23
CA THR A 337 -9.89 1.05 45.40
C THR A 337 -10.97 2.05 44.99
N PRO A 338 -11.90 2.34 45.91
CA PRO A 338 -12.91 3.37 45.61
C PRO A 338 -12.28 4.70 45.16
N GLU A 339 -11.22 5.15 45.82
CA GLU A 339 -10.62 6.42 45.43
C GLU A 339 -9.99 6.30 44.04
N GLN A 340 -9.39 5.15 43.76
CA GLN A 340 -8.84 4.94 42.43
C GLN A 340 -9.94 4.96 41.36
N LYS A 341 -11.06 4.31 41.65
CA LYS A 341 -12.18 4.30 40.70
C LYS A 341 -12.72 5.71 40.49
N ALA A 342 -12.78 6.50 41.57
CA ALA A 342 -13.19 7.89 41.48
C ALA A 342 -12.28 8.65 40.52
N ALA A 343 -10.97 8.42 40.64
CA ALA A 343 -9.98 9.07 39.77
C ALA A 343 -10.16 8.66 38.31
N LEU A 344 -10.34 7.37 38.07
CA LEU A 344 -10.54 6.87 36.71
C LEU A 344 -11.77 7.49 36.07
N LYS A 345 -12.87 7.49 36.82
CA LYS A 345 -14.10 8.13 36.36
C LYS A 345 -13.89 9.60 35.97
N ALA A 346 -13.21 10.34 36.83
CA ALA A 346 -12.95 11.75 36.56
C ALA A 346 -12.16 11.96 35.27
N GLU A 347 -11.16 11.10 35.02
CA GLU A 347 -10.30 11.25 33.85
C GLU A 347 -11.02 10.76 32.58
N GLN A 348 -11.89 9.79 32.75
CA GLN A 348 -12.63 9.28 31.60
C GLN A 348 -13.74 10.24 31.18
N ALA A 349 -14.12 11.15 32.07
CA ALA A 349 -15.16 12.14 31.77
C ALA A 349 -14.64 13.34 30.96
N THR A 350 -13.34 13.59 31.03
CA THR A 350 -12.76 14.73 30.33
C THR A 350 -13.01 14.60 28.82
N GLU A 351 -13.42 15.70 28.20
CA GLU A 351 -13.64 15.69 26.77
C GLU A 351 -12.43 16.19 26.00
N PHE A 352 -11.99 15.42 25.01
CA PHE A 352 -10.93 15.89 24.11
C PHE A 352 -11.52 16.34 22.77
N TYR A 353 -10.86 17.27 22.10
CA TYR A 353 -11.34 17.77 20.82
C TYR A 353 -10.18 17.88 19.85
N VAL A 354 -10.46 17.57 18.60
CA VAL A 354 -9.53 17.78 17.51
C VAL A 354 -9.24 19.28 17.35
N HIS A 355 -7.96 19.61 17.27
CA HIS A 355 -7.54 20.97 16.94
C HIS A 355 -7.31 21.00 15.44
N THR A 356 -8.32 21.46 14.72
CA THR A 356 -8.33 21.43 13.26
C THR A 356 -7.08 22.00 12.60
N PRO A 357 -6.59 23.14 13.08
CA PRO A 357 -5.41 23.71 12.40
C PRO A 357 -4.16 22.81 12.44
N MET A 358 -3.91 22.11 13.54
CA MET A 358 -2.75 21.22 13.56
C MET A 358 -2.98 20.02 12.63
N VAL A 359 -4.20 19.52 12.60
CA VAL A 359 -4.52 18.43 11.68
C VAL A 359 -4.23 18.86 10.23
N GLN A 360 -4.69 20.06 9.89
CA GLN A 360 -4.51 20.58 8.54
C GLN A 360 -3.05 20.82 8.22
N PHE A 361 -2.31 21.30 9.22
CA PHE A 361 -0.87 21.47 9.09
C PHE A 361 -0.18 20.12 8.86
N TYR A 362 -0.50 19.13 9.68
CA TYR A 362 0.08 17.79 9.50
C TYR A 362 -0.19 17.27 8.08
N GLU A 363 -1.44 17.43 7.65
CA GLU A 363 -1.93 16.94 6.37
C GLU A 363 -1.25 17.66 5.22
N THR A 364 -1.06 18.96 5.38
CA THR A 364 -0.48 19.78 4.33
C THR A 364 1.02 19.52 4.19
N LEU A 365 1.71 19.38 5.32
CA LEU A 365 3.10 18.94 5.29
C LEU A 365 3.16 17.57 4.62
N GLY A 366 2.33 16.65 5.09
CA GLY A 366 2.24 15.32 4.50
C GLY A 366 3.13 14.35 5.24
N LYS A 367 2.75 13.07 5.22
CA LYS A 367 3.51 12.05 5.94
C LYS A 367 5.01 12.11 5.68
N ASP A 368 5.38 12.20 4.40
CA ASP A 368 6.79 12.17 4.01
C ASP A 368 7.61 13.33 4.57
N ARG A 369 7.03 14.53 4.59
CA ARG A 369 7.75 15.69 5.11
C ARG A 369 7.75 15.70 6.64
N ILE A 370 6.70 15.17 7.24
CA ILE A 370 6.68 15.00 8.69
C ILE A 370 7.84 14.10 9.12
N LEU A 371 8.10 13.05 8.33
CA LEU A 371 9.21 12.13 8.63
C LEU A 371 10.54 12.82 8.39
N GLU A 372 10.62 13.58 7.31
CA GLU A 372 11.83 14.37 7.06
C GLU A 372 12.06 15.37 8.21
N LEU A 373 10.97 15.91 8.74
CA LEU A 373 11.08 16.91 9.79
C LEU A 373 11.32 16.28 11.16
N MET A 374 10.54 15.26 11.50
CA MET A 374 10.52 14.72 12.86
C MET A 374 11.10 13.32 12.98
N GLY A 375 11.30 12.66 11.85
CA GLY A 375 11.95 11.36 11.84
C GLY A 375 13.36 11.48 11.26
N ALA A 376 13.69 10.55 10.38
CA ALA A 376 15.01 10.55 9.73
C ALA A 376 14.91 10.75 8.22
N GLY A 377 13.73 11.14 7.74
CA GLY A 377 13.53 11.36 6.32
C GLY A 377 13.79 10.11 5.51
N THR A 378 14.10 10.28 4.23
CA THR A 378 14.44 9.16 3.37
C THR A 378 15.86 8.69 3.67
N LEU A 379 16.05 7.37 3.74
CA LEU A 379 17.35 6.81 4.09
C LEU A 379 18.14 6.41 2.84
N ASN A 380 19.31 7.02 2.68
CA ASN A 380 20.25 6.53 1.66
C ASN A 380 21.11 5.46 2.30
N LYS A 381 20.67 4.22 2.18
CA LYS A 381 21.29 3.11 2.90
C LYS A 381 22.78 2.90 2.57
N GLU A 382 23.40 3.86 1.91
CA GLU A 382 24.85 3.84 1.72
C GLU A 382 25.52 5.19 1.93
N LEU A 383 24.82 6.09 2.61
CA LEU A 383 25.42 7.28 3.17
C LEU A 383 25.30 7.12 4.68
N LEU A 384 24.97 5.90 5.08
CA LEU A 384 24.66 5.59 6.46
C LEU A 384 25.44 4.38 6.97
N ASN A 385 26.02 4.54 8.14
CA ASN A 385 26.57 3.41 8.86
C ASN A 385 25.44 2.42 9.14
N ASP A 386 25.72 1.13 9.00
CA ASP A 386 24.70 0.09 9.18
C ASP A 386 23.94 0.22 10.50
N ASN A 387 24.67 0.30 11.62
CA ASN A 387 24.05 0.40 12.93
C ASN A 387 23.22 1.69 13.09
N HIS A 388 23.74 2.80 12.58
CA HIS A 388 23.02 4.07 12.62
C HIS A 388 21.71 3.90 11.84
N ALA A 389 21.82 3.31 10.65
CA ALA A 389 20.68 3.12 9.77
C ALA A 389 19.53 2.42 10.48
N LYS A 390 19.85 1.56 11.42
CA LYS A 390 18.82 0.78 12.11
C LYS A 390 18.10 1.62 13.15
N SER A 391 18.82 2.52 13.80
CA SER A 391 18.19 3.43 14.75
C SER A 391 17.30 4.41 13.99
N LEU A 392 17.78 4.91 12.86
CA LEU A 392 16.98 5.81 12.03
C LEU A 392 15.66 5.15 11.60
N GLU A 393 15.72 3.89 11.18
CA GLU A 393 14.52 3.16 10.78
C GLU A 393 13.52 3.05 11.92
N GLY A 394 14.03 2.78 13.12
CA GLY A 394 13.17 2.69 14.29
C GLY A 394 12.52 4.02 14.57
N LYS A 395 13.26 5.09 14.32
CA LYS A 395 12.78 6.44 14.53
C LYS A 395 11.59 6.73 13.60
N ASN A 396 11.76 6.47 12.30
CA ASN A 396 10.70 6.68 11.34
C ASN A 396 9.47 5.85 11.64
N ARG A 397 9.70 4.61 12.04
CA ARG A 397 8.62 3.71 12.38
C ARG A 397 7.65 4.36 13.37
N SER A 398 8.21 4.94 14.43
CA SER A 398 7.39 5.48 15.53
C SER A 398 6.59 6.70 15.11
N VAL A 399 7.21 7.58 14.34
CA VAL A 399 6.53 8.77 13.86
C VAL A 399 5.47 8.36 12.83
N GLU A 400 5.84 7.46 11.92
CA GLU A 400 4.94 7.05 10.87
C GLU A 400 3.70 6.35 11.41
N ASP A 401 3.89 5.46 12.36
CA ASP A 401 2.75 4.78 12.98
C ASP A 401 1.83 5.80 13.66
N SER A 402 2.43 6.76 14.36
CA SER A 402 1.67 7.81 15.03
C SER A 402 0.87 8.62 14.04
N TYR A 403 1.49 8.96 12.91
CA TYR A 403 0.80 9.69 11.86
C TYR A 403 -0.40 8.89 11.35
N ASN A 404 -0.17 7.66 10.92
CA ASN A 404 -1.24 6.81 10.39
C ASN A 404 -2.37 6.62 11.40
N GLN A 405 -2.02 6.38 12.65
CA GLN A 405 -3.02 6.18 13.70
C GLN A 405 -3.85 7.45 13.94
N LEU A 406 -3.20 8.61 13.93
CA LEU A 406 -3.92 9.86 14.12
C LEU A 406 -4.99 10.04 13.05
N PHE A 407 -4.60 9.85 11.80
CA PHE A 407 -5.52 10.14 10.70
C PHE A 407 -6.62 9.11 10.51
N SER A 408 -6.39 7.89 10.98
CA SER A 408 -7.47 6.91 11.05
C SER A 408 -8.52 7.40 12.05
N VAL A 409 -8.04 7.91 13.18
CA VAL A 409 -8.93 8.47 14.18
C VAL A 409 -9.69 9.70 13.64
N ILE A 410 -8.97 10.57 12.93
CA ILE A 410 -9.59 11.73 12.29
C ILE A 410 -10.66 11.31 11.28
N GLU A 411 -10.37 10.28 10.48
CA GLU A 411 -11.37 9.79 9.54
C GLU A 411 -12.66 9.39 10.27
N GLN A 412 -12.51 8.74 11.42
CA GLN A 412 -13.69 8.32 12.16
C GLN A 412 -14.39 9.51 12.82
N VAL A 413 -13.61 10.47 13.31
CA VAL A 413 -14.19 11.66 13.92
C VAL A 413 -14.94 12.50 12.87
N ARG A 414 -14.36 12.61 11.69
CA ARG A 414 -14.94 13.43 10.64
C ARG A 414 -16.33 12.94 10.23
N ALA A 415 -16.60 11.64 10.42
CA ALA A 415 -17.92 11.09 10.12
C ALA A 415 -18.99 11.49 11.15
N GLN A 416 -18.55 11.74 12.39
CA GLN A 416 -19.48 12.00 13.49
C GLN A 416 -20.18 13.36 13.35
N SER A 417 -19.64 14.25 12.51
CA SER A 417 -20.13 15.61 12.43
C SER A 417 -19.47 16.44 11.34
N GLU A 418 -20.09 17.55 10.99
CA GLU A 418 -19.55 18.42 9.95
C GLU A 418 -18.36 19.22 10.45
N ASP A 419 -18.37 19.56 11.74
CA ASP A 419 -17.24 20.25 12.36
C ASP A 419 -16.51 19.30 13.32
N ILE A 420 -15.36 18.80 12.90
CA ILE A 420 -14.64 17.82 13.70
C ILE A 420 -14.16 18.41 15.02
N SER A 421 -13.92 19.72 15.05
CA SER A 421 -13.44 20.36 16.28
C SER A 421 -14.51 20.42 17.37
N THR A 422 -15.72 19.96 17.04
CA THR A 422 -16.83 19.98 17.99
C THR A 422 -17.24 18.62 18.50
N VAL A 423 -16.57 17.58 17.99
CA VAL A 423 -16.87 16.21 18.40
C VAL A 423 -16.10 15.84 19.68
N PRO A 424 -16.79 15.66 20.80
CA PRO A 424 -16.09 15.32 22.05
C PRO A 424 -15.55 13.91 21.96
N ILE A 425 -14.37 13.65 22.53
CA ILE A 425 -13.78 12.32 22.49
C ILE A 425 -13.41 11.93 23.91
N HIS A 426 -13.78 10.74 24.33
CA HIS A 426 -13.38 10.24 25.64
C HIS A 426 -12.38 9.11 25.49
N TYR A 427 -11.55 8.94 26.53
CA TYR A 427 -10.58 7.85 26.56
C TYR A 427 -10.73 6.99 27.81
N ALA A 428 -10.63 5.68 27.61
CA ALA A 428 -10.58 4.71 28.71
C ALA A 428 -9.25 4.80 29.44
N TYR A 429 -9.28 4.59 30.75
CA TYR A 429 -8.07 4.57 31.55
C TYR A 429 -8.05 3.35 32.47
N ASN A 430 -6.87 2.93 32.89
CA ASN A 430 -6.80 1.96 33.98
C ASN A 430 -5.62 2.23 34.91
N MET A 431 -5.71 1.74 36.14
CA MET A 431 -4.62 1.91 37.11
C MET A 431 -3.65 0.79 36.80
N THR A 432 -2.36 1.11 36.67
CA THR A 432 -1.35 0.06 36.52
C THR A 432 -0.90 -0.47 37.87
N ARG A 433 -0.10 -1.52 37.83
CA ARG A 433 0.58 -2.12 38.98
C ARG A 433 1.25 -1.12 39.92
N VAL A 434 1.78 -0.04 39.35
CA VAL A 434 2.49 0.97 40.14
C VAL A 434 1.64 2.21 40.42
N GLY A 435 0.32 2.07 40.29
CA GLY A 435 -0.60 3.14 40.67
C GLY A 435 -0.79 4.30 39.71
N ARG A 436 -0.28 4.16 38.49
CA ARG A 436 -0.43 5.23 37.48
C ARG A 436 -1.69 5.07 36.64
N MET A 437 -2.32 6.20 36.33
CA MET A 437 -3.52 6.19 35.52
C MET A 437 -3.11 6.28 34.07
N GLN A 438 -3.17 5.15 33.40
CA GLN A 438 -2.68 5.06 32.03
C GLN A 438 -3.83 5.03 31.05
N MET A 439 -3.76 5.89 30.05
CA MET A 439 -4.73 5.90 28.96
C MET A 439 -4.52 4.63 28.16
N LEU A 440 -5.58 3.87 27.93
CA LEU A 440 -5.46 2.64 27.14
C LEU A 440 -5.08 2.95 25.69
N GLY A 441 -4.23 2.12 25.11
CA GLY A 441 -3.87 2.25 23.71
C GLY A 441 -2.46 2.79 23.49
N LYS A 442 -1.89 2.49 22.33
CA LYS A 442 -0.52 2.87 22.01
C LYS A 442 -0.41 4.35 21.57
N TYR A 443 -1.39 4.80 20.80
CA TYR A 443 -1.32 6.10 20.14
C TYR A 443 -2.48 6.98 20.53
N ASN A 444 -2.34 7.65 21.66
CA ASN A 444 -3.37 8.52 22.18
C ASN A 444 -2.63 9.74 22.73
N PRO A 445 -3.36 10.78 23.16
CA PRO A 445 -2.67 12.00 23.65
C PRO A 445 -1.64 11.77 24.78
N GLN A 446 -1.93 10.86 25.70
CA GLN A 446 -1.01 10.63 26.80
C GLN A 446 0.30 10.01 26.33
N SER A 447 0.23 9.10 25.35
CA SER A 447 1.40 8.31 24.99
C SER A 447 2.12 8.73 23.70
N ALA A 448 1.46 9.48 22.83
CA ALA A 448 2.08 9.88 21.56
C ALA A 448 2.10 11.39 21.36
N LYS A 449 3.30 11.95 21.28
CA LYS A 449 3.49 13.40 21.18
C LYS A 449 2.81 14.01 19.96
N LEU A 450 2.85 13.29 18.83
CA LEU A 450 2.22 13.78 17.61
C LEU A 450 0.72 13.93 17.82
N VAL A 451 0.11 12.93 18.46
CA VAL A 451 -1.33 12.95 18.72
C VAL A 451 -1.68 13.96 19.80
N ARG A 452 -0.77 14.16 20.74
CA ARG A 452 -0.98 15.09 21.84
C ARG A 452 -1.25 16.51 21.35
N GLU A 453 -0.68 16.88 20.20
CA GLU A 453 -0.80 18.23 19.69
C GLU A 453 -1.98 18.41 18.73
N ALA A 454 -2.69 17.32 18.43
CA ALA A 454 -3.85 17.39 17.54
C ALA A 454 -5.17 17.12 18.28
N ILE A 455 -5.10 16.34 19.36
CA ILE A 455 -6.29 16.02 20.15
C ILE A 455 -6.08 16.39 21.62
N LEU A 456 -6.79 17.43 22.07
CA LEU A 456 -6.50 18.09 23.35
C LEU A 456 -7.76 18.31 24.15
N PRO A 457 -7.64 18.29 25.49
CA PRO A 457 -8.79 18.55 26.38
C PRO A 457 -8.70 20.00 26.86
N THR A 458 -7.63 20.67 26.48
CA THR A 458 -7.37 22.02 26.93
C THR A 458 -7.97 22.99 25.92
N LYS A 459 -8.56 24.05 26.42
CA LYS A 459 -9.13 25.04 25.54
C LYS A 459 -9.43 26.24 26.39
N ALA A 460 -9.32 27.41 25.79
CA ALA A 460 -9.53 28.62 26.54
C ALA A 460 -9.81 29.71 25.57
N THR A 461 -10.54 30.71 26.02
CA THR A 461 -10.77 31.92 25.24
C THR A 461 -10.05 33.08 25.90
N LEU A 462 -9.10 33.65 25.17
CA LEU A 462 -8.20 34.62 25.76
C LEU A 462 -8.41 36.01 25.22
N ASP A 463 -8.21 37.02 26.07
CA ASP A 463 -8.16 38.40 25.61
C ASP A 463 -6.71 38.79 25.37
N LEU A 464 -6.29 38.69 24.11
CA LEU A 464 -4.93 38.97 23.74
C LEU A 464 -4.81 40.31 23.04
N SER A 465 -5.81 41.16 23.25
CA SER A 465 -5.82 42.49 22.63
C SER A 465 -4.79 43.41 23.27
N ASN A 466 -4.42 43.10 24.50
CA ASN A 466 -3.42 43.87 25.22
C ASN A 466 -2.27 42.99 25.72
N GLN A 467 -1.09 43.19 25.17
CA GLN A 467 0.06 42.38 25.55
C GLN A 467 0.48 42.54 27.01
N ASN A 468 -0.25 43.37 27.75
CA ASN A 468 -0.05 43.50 29.18
C ASN A 468 -1.12 42.81 30.02
N ASN A 469 -2.02 42.08 29.37
CA ASN A 469 -3.00 41.25 30.08
C ASN A 469 -2.35 40.08 30.79
N GLU A 470 -3.03 39.53 31.80
CA GLU A 470 -2.60 38.27 32.37
C GLU A 470 -2.79 37.15 31.35
N ASP A 471 -3.81 37.28 30.51
CA ASP A 471 -4.10 36.30 29.47
C ASP A 471 -2.95 36.18 28.49
N PHE A 472 -2.39 37.32 28.09
CA PHE A 472 -1.24 37.32 27.20
C PHE A 472 0.01 36.75 27.89
N SER A 473 0.15 37.01 29.19
CA SER A 473 1.25 36.43 29.96
C SER A 473 1.14 34.90 30.04
N ALA A 474 -0.07 34.39 30.26
CA ALA A 474 -0.33 32.96 30.18
C ALA A 474 0.03 32.42 28.79
N PHE A 475 -0.46 33.10 27.76
CA PHE A 475 -0.19 32.74 26.37
C PHE A 475 1.32 32.68 26.13
N GLN A 476 2.05 33.67 26.64
CA GLN A 476 3.49 33.69 26.47
C GLN A 476 4.15 32.50 27.16
N LEU A 477 3.66 32.15 28.34
CA LEU A 477 4.24 31.06 29.10
C LEU A 477 4.08 29.74 28.35
N GLY A 478 2.90 29.53 27.78
CA GLY A 478 2.64 28.35 26.95
C GLY A 478 3.54 28.29 25.72
N LEU A 479 3.73 29.41 25.04
CA LEU A 479 4.61 29.43 23.87
C LEU A 479 6.05 29.16 24.27
N ALA A 480 6.50 29.80 25.34
CA ALA A 480 7.90 29.67 25.77
C ALA A 480 8.23 28.24 26.12
N GLN A 481 7.38 27.61 26.93
CA GLN A 481 7.62 26.25 27.36
C GLN A 481 7.66 25.31 26.17
N ALA A 482 6.74 25.50 25.23
CA ALA A 482 6.65 24.69 24.02
C ALA A 482 7.92 24.90 23.20
N LEU A 483 8.46 26.10 23.28
CA LEU A 483 9.64 26.46 22.50
C LEU A 483 10.96 26.05 23.18
N ASP A 484 10.86 25.28 24.26
CA ASP A 484 12.02 24.76 24.95
C ASP A 484 12.77 25.79 25.79
N ILE A 485 12.09 26.89 26.09
CA ILE A 485 12.56 27.80 27.12
C ILE A 485 12.21 27.13 28.45
N LYS A 486 13.18 27.03 29.34
CA LYS A 486 12.96 26.36 30.62
C LYS A 486 12.27 27.31 31.58
N VAL A 487 10.94 27.34 31.51
CA VAL A 487 10.16 28.40 32.12
C VAL A 487 10.11 28.34 33.64
N HIS A 488 10.50 27.20 34.21
CA HIS A 488 10.46 27.08 35.67
C HIS A 488 11.73 27.59 36.32
N THR A 489 12.70 27.98 35.51
CA THR A 489 13.98 28.45 36.05
C THR A 489 14.08 29.95 36.06
N MET A 490 13.01 30.61 35.62
CA MET A 490 13.03 32.07 35.54
C MET A 490 11.65 32.63 35.85
N THR A 491 11.57 33.89 36.23
CA THR A 491 10.29 34.49 36.56
C THR A 491 9.48 34.72 35.30
N ARG A 492 8.19 34.91 35.44
CA ARG A 492 7.34 35.18 34.29
C ARG A 492 7.90 36.34 33.45
N GLU A 493 8.29 37.43 34.11
CA GLU A 493 8.83 38.61 33.44
C GLU A 493 10.05 38.32 32.59
N VAL A 494 11.04 37.64 33.16
CA VAL A 494 12.25 37.29 32.41
C VAL A 494 11.91 36.37 31.23
N MET A 495 11.02 35.40 31.47
CA MET A 495 10.51 34.50 30.43
C MET A 495 9.97 35.29 29.24
N SER A 496 9.16 36.29 29.54
CA SER A 496 8.50 37.09 28.52
C SER A 496 9.54 37.73 27.58
N ASP A 497 10.61 38.24 28.16
CA ASP A 497 11.68 38.84 27.38
C ASP A 497 12.46 37.81 26.54
N GLU A 498 12.74 36.65 27.12
CA GLU A 498 13.36 35.57 26.35
C GLU A 498 12.50 35.11 25.17
N LEU A 499 11.19 34.97 25.38
CA LEU A 499 10.29 34.56 24.30
C LEU A 499 10.29 35.58 23.18
N THR A 500 10.15 36.85 23.55
CA THR A 500 10.09 37.92 22.56
C THR A 500 11.36 37.96 21.73
N LYS A 501 12.50 37.74 22.37
CA LYS A 501 13.77 37.69 21.66
C LYS A 501 13.74 36.63 20.57
N LEU A 502 13.17 35.47 20.91
CA LEU A 502 13.11 34.32 20.03
C LEU A 502 12.14 34.54 18.86
N LEU A 503 10.95 35.04 19.16
CA LEU A 503 9.94 35.26 18.13
C LEU A 503 10.39 36.30 17.09
N GLU A 504 11.19 37.27 17.53
CA GLU A 504 11.67 38.34 16.66
C GLU A 504 12.99 37.97 15.99
N GLY A 505 13.69 37.02 16.60
CA GLY A 505 14.94 36.53 16.06
C GLY A 505 14.78 35.32 15.14
N ASN A 506 15.28 34.18 15.59
CA ASN A 506 15.43 32.99 14.74
C ASN A 506 14.11 32.41 14.24
N LEU A 507 13.03 32.62 14.98
CA LEU A 507 11.75 32.00 14.62
C LEU A 507 10.95 32.79 13.60
N LYS A 508 11.24 34.08 13.45
CA LYS A 508 10.44 34.92 12.57
C LYS A 508 10.20 34.33 11.16
N PRO A 509 11.26 33.83 10.51
CA PRO A 509 11.03 33.26 9.18
C PRO A 509 10.01 32.13 9.22
N ALA A 510 10.03 31.33 10.29
CA ALA A 510 9.05 30.27 10.45
C ALA A 510 7.68 30.86 10.78
N ILE A 511 7.64 31.83 11.68
CA ILE A 511 6.39 32.48 12.04
C ILE A 511 5.74 33.08 10.78
N ASP A 512 6.55 33.73 9.95
CA ASP A 512 6.05 34.33 8.71
C ASP A 512 5.46 33.27 7.80
N MET A 513 6.11 32.11 7.72
CA MET A 513 5.60 31.02 6.91
C MET A 513 4.23 30.55 7.43
N MET A 514 4.09 30.51 8.75
CA MET A 514 2.86 30.01 9.37
C MET A 514 1.71 31.02 9.22
N VAL A 515 2.03 32.31 9.28
CA VAL A 515 1.06 33.36 8.99
C VAL A 515 0.47 33.12 7.62
N GLU A 516 1.36 32.91 6.65
CA GLU A 516 0.94 32.63 5.29
C GLU A 516 0.04 31.39 5.23
N PHE A 517 0.43 30.35 5.96
CA PHE A 517 -0.33 29.11 5.98
C PHE A 517 -1.72 29.32 6.54
N ASN A 518 -1.81 30.14 7.58
CA ASN A 518 -3.09 30.41 8.24
C ASN A 518 -3.91 31.41 7.45
N THR A 519 -3.37 31.86 6.33
CA THR A 519 -4.09 32.77 5.45
C THR A 519 -4.59 32.07 4.19
N THR A 520 -3.72 31.29 3.56
CA THR A 520 -4.02 30.67 2.28
C THR A 520 -4.12 29.15 2.35
N GLY A 521 -3.59 28.57 3.41
CA GLY A 521 -3.63 27.13 3.57
C GLY A 521 -2.52 26.42 2.81
N SER A 522 -1.53 27.18 2.34
CA SER A 522 -0.45 26.58 1.58
C SER A 522 0.89 26.74 2.28
N LEU A 523 1.78 25.77 2.03
CA LEU A 523 3.13 25.79 2.54
C LEU A 523 4.10 25.84 1.36
N PRO A 524 5.28 26.45 1.54
CA PRO A 524 6.31 26.43 0.50
C PRO A 524 6.93 25.05 0.38
N GLU A 525 7.66 24.78 -0.70
CA GLU A 525 8.34 23.50 -0.86
C GLU A 525 9.51 23.33 0.11
N ASN A 526 10.08 24.44 0.57
CA ASN A 526 11.19 24.37 1.52
C ASN A 526 10.72 24.48 2.98
N ALA A 527 9.43 24.22 3.22
CA ALA A 527 8.86 24.31 4.57
C ALA A 527 9.70 23.57 5.62
N VAL A 528 10.05 22.32 5.32
CA VAL A 528 10.88 21.53 6.22
C VAL A 528 12.16 22.29 6.58
N ASP A 529 12.85 22.77 5.56
CA ASP A 529 14.06 23.56 5.75
C ASP A 529 13.84 24.77 6.66
N VAL A 530 12.76 25.50 6.40
CA VAL A 530 12.48 26.71 7.15
C VAL A 530 12.22 26.38 8.62
N LEU A 531 11.38 25.38 8.87
CA LEU A 531 11.11 24.96 10.24
C LEU A 531 12.39 24.48 10.90
N ASN A 532 13.09 23.57 10.22
CA ASN A 532 14.29 22.97 10.78
C ASN A 532 15.34 23.99 11.19
N THR A 533 15.56 24.97 10.30
CA THR A 533 16.55 26.00 10.56
C THR A 533 16.12 26.91 11.69
N ALA A 534 14.85 27.30 11.69
CA ALA A 534 14.33 28.20 12.70
C ALA A 534 14.34 27.57 14.09
N LEU A 535 13.85 26.34 14.19
CA LEU A 535 13.75 25.66 15.48
C LEU A 535 15.06 25.11 16.03
N GLY A 536 15.98 24.72 15.15
CA GLY A 536 17.19 24.05 15.61
C GLY A 536 16.82 22.98 16.62
N ASP A 537 17.48 23.01 17.77
CA ASP A 537 17.31 21.96 18.78
C ASP A 537 16.03 22.09 19.60
N ARG A 538 15.28 23.16 19.37
CA ARG A 538 14.00 23.33 20.04
C ARG A 538 12.91 22.48 19.38
N LYS A 539 13.23 21.91 18.23
CA LYS A 539 12.25 21.19 17.42
C LYS A 539 11.51 20.07 18.17
N SER A 540 10.19 20.05 18.05
CA SER A 540 9.36 19.04 18.69
C SER A 540 7.95 19.24 18.15
N PHE A 541 7.06 18.30 18.44
CA PHE A 541 5.68 18.50 18.01
C PHE A 541 5.03 19.68 18.72
N VAL A 542 5.31 19.87 20.00
CA VAL A 542 4.69 20.96 20.74
C VAL A 542 5.26 22.33 20.31
N ALA A 543 6.49 22.33 19.82
CA ALA A 543 7.04 23.54 19.24
C ALA A 543 6.24 23.92 17.98
N LEU A 544 5.85 22.93 17.19
CA LEU A 544 5.04 23.20 16.00
C LEU A 544 3.70 23.79 16.39
N MET A 545 3.12 23.29 17.48
CA MET A 545 1.87 23.81 18.00
C MET A 545 2.01 25.27 18.39
N ALA A 546 3.13 25.59 19.02
CA ALA A 546 3.44 26.96 19.39
C ALA A 546 3.58 27.88 18.15
N LEU A 547 4.29 27.45 17.14
CA LEU A 547 4.40 28.29 15.94
C LEU A 547 3.01 28.47 15.32
N MET A 548 2.24 27.39 15.26
CA MET A 548 0.90 27.43 14.71
C MET A 548 0.04 28.42 15.47
N GLU A 549 0.03 28.33 16.80
CA GLU A 549 -0.84 29.16 17.63
C GLU A 549 -0.47 30.64 17.69
N TYR A 550 0.82 30.94 17.68
CA TYR A 550 1.24 32.33 17.68
C TYR A 550 0.90 32.98 16.33
N SER A 551 1.06 32.22 15.26
CA SER A 551 0.76 32.78 13.95
C SER A 551 -0.75 32.90 13.76
N ARG A 552 -1.52 32.04 14.44
CA ARG A 552 -2.97 32.14 14.36
C ARG A 552 -3.43 33.40 15.08
N TYR A 553 -2.80 33.69 16.21
CA TYR A 553 -3.07 34.90 16.97
C TYR A 553 -2.78 36.17 16.17
N LEU A 554 -1.68 36.14 15.40
CA LEU A 554 -1.27 37.29 14.60
C LEU A 554 -2.33 37.66 13.56
N VAL A 555 -2.90 36.66 12.90
CA VAL A 555 -3.90 36.92 11.87
C VAL A 555 -5.33 36.90 12.40
N ALA A 556 -5.48 36.71 13.71
CA ALA A 556 -6.82 36.65 14.29
C ALA A 556 -7.59 37.96 14.13
N GLU A 557 -8.85 37.83 13.74
CA GLU A 557 -9.74 38.98 13.60
C GLU A 557 -10.04 39.58 14.95
N ASP A 558 -10.41 38.74 15.91
CA ASP A 558 -10.78 39.20 17.23
C ASP A 558 -9.78 38.72 18.29
N LYS A 559 -8.74 39.51 18.50
CA LYS A 559 -7.71 39.16 19.46
C LYS A 559 -8.24 39.18 20.89
N SER A 560 -9.42 39.77 21.08
CA SER A 560 -9.95 39.91 22.43
C SER A 560 -10.69 38.65 22.89
N ALA A 561 -10.89 37.74 21.95
CA ALA A 561 -11.54 36.46 22.25
C ALA A 561 -10.91 35.35 21.40
N PHE A 562 -9.61 35.16 21.59
CA PHE A 562 -8.86 34.17 20.84
C PHE A 562 -8.98 32.80 21.50
N VAL A 563 -9.43 31.81 20.73
CA VAL A 563 -9.66 30.46 21.24
C VAL A 563 -8.50 29.54 20.86
N THR A 564 -7.90 28.91 21.87
CA THR A 564 -6.74 28.07 21.67
C THR A 564 -6.66 26.95 22.70
N PRO A 565 -6.21 25.76 22.26
CA PRO A 565 -5.89 24.63 23.12
C PRO A 565 -4.44 24.67 23.62
N LEU A 566 -3.65 25.66 23.22
CA LEU A 566 -2.29 25.77 23.76
C LEU A 566 -2.34 25.58 25.28
N TYR A 567 -1.39 24.83 25.83
CA TYR A 567 -1.43 24.52 27.25
C TYR A 567 -0.12 24.84 27.94
N VAL A 568 -0.13 24.91 29.27
CA VAL A 568 1.11 24.93 30.03
C VAL A 568 1.17 23.64 30.82
N GLU A 569 2.31 22.96 30.79
CA GLU A 569 2.45 21.76 31.60
C GLU A 569 3.02 22.07 32.97
N ALA A 570 2.24 21.88 34.02
CA ALA A 570 2.79 21.89 35.37
C ALA A 570 3.57 20.59 35.51
N ASP A 571 4.88 20.69 35.64
CA ASP A 571 5.75 19.51 35.54
C ASP A 571 6.64 19.32 36.77
N GLY A 572 6.72 18.09 37.27
CA GLY A 572 7.50 17.81 38.45
C GLY A 572 8.98 18.08 38.25
N VAL A 573 9.63 18.67 39.24
CA VAL A 573 11.06 18.92 39.13
C VAL A 573 11.81 17.78 39.80
N THR A 574 12.46 16.94 39.00
CA THR A 574 13.17 15.76 39.50
C THR A 574 12.28 14.99 40.46
N ASN A 575 11.09 14.68 39.96
CA ASN A 575 9.96 14.19 40.74
C ASN A 575 10.18 12.90 41.55
N GLY A 576 10.61 11.82 40.89
CA GLY A 576 10.85 10.57 41.59
C GLY A 576 11.85 10.65 42.74
N PRO A 577 13.06 11.15 42.47
CA PRO A 577 14.07 11.31 43.53
C PRO A 577 13.59 12.23 44.66
N ILE A 578 12.94 13.33 44.31
CA ILE A 578 12.45 14.23 45.32
C ILE A 578 11.38 13.54 46.17
N ASN A 579 10.43 12.87 45.52
CA ASN A 579 9.40 12.13 46.24
C ASN A 579 10.02 11.08 47.19
N ALA A 580 11.00 10.32 46.68
CA ALA A 580 11.67 9.33 47.51
C ALA A 580 12.32 9.99 48.71
N MET A 581 12.94 11.15 48.50
CA MET A 581 13.58 11.86 49.60
C MET A 581 12.58 12.30 50.65
N MET A 582 11.39 12.73 50.21
CA MET A 582 10.36 13.19 51.13
C MET A 582 9.65 12.02 51.82
N LEU A 583 9.43 10.96 51.06
CA LEU A 583 8.63 9.84 51.54
C LEU A 583 9.40 8.83 52.41
N MET A 584 10.68 8.62 52.11
CA MET A 584 11.42 7.53 52.76
C MET A 584 12.72 7.90 53.48
N THR A 585 13.01 9.19 53.62
CA THR A 585 14.12 9.59 54.48
C THR A 585 13.64 9.48 55.93
N GLY A 586 14.35 8.72 56.76
CA GLY A 586 13.83 8.40 58.08
C GLY A 586 14.51 8.96 59.34
N GLY A 587 15.61 9.69 59.20
CA GLY A 587 16.35 10.13 60.39
C GLY A 587 16.01 11.52 60.88
N LEU A 588 16.93 12.13 61.63
CA LEU A 588 16.80 13.53 62.00
C LEU A 588 17.00 14.36 60.73
N PHE A 589 16.64 15.65 60.79
CA PHE A 589 16.82 16.56 59.66
C PHE A 589 18.27 17.01 59.57
N THR A 590 18.78 17.12 58.35
CA THR A 590 20.12 17.63 58.13
C THR A 590 20.07 18.85 57.19
N PRO A 591 21.02 19.78 57.34
CA PRO A 591 21.08 20.96 56.46
C PRO A 591 21.22 20.59 54.99
N ASP A 592 22.01 19.56 54.68
CA ASP A 592 22.17 19.16 53.28
C ASP A 592 20.84 18.72 52.70
N TRP A 593 20.02 18.09 53.52
CA TRP A 593 18.71 17.61 53.07
C TRP A 593 17.81 18.82 52.78
N ILE A 594 17.87 19.83 53.65
CA ILE A 594 17.05 21.03 53.46
C ILE A 594 17.38 21.77 52.16
N ARG A 595 18.69 21.92 51.90
CA ARG A 595 19.15 22.56 50.66
C ARG A 595 18.79 21.74 49.43
N ASN A 596 19.00 20.42 49.50
CA ASN A 596 18.72 19.55 48.38
C ASN A 596 17.24 19.41 48.09
N ILE A 597 16.45 19.28 49.15
CA ILE A 597 15.03 19.13 48.94
C ILE A 597 14.44 20.43 48.39
N ALA A 598 15.12 21.55 48.63
CA ALA A 598 14.67 22.83 48.10
C ALA A 598 14.82 22.87 46.60
N LYS A 599 15.76 22.07 46.10
CA LYS A 599 15.99 21.97 44.66
C LYS A 599 14.76 21.38 43.96
N GLY A 600 13.90 20.73 44.73
CA GLY A 600 12.71 20.10 44.20
C GLY A 600 11.43 20.78 44.68
N GLY A 601 11.53 21.97 45.23
CA GLY A 601 10.35 22.80 45.44
C GLY A 601 9.75 22.78 46.83
N LEU A 602 10.39 22.12 47.78
CA LEU A 602 9.94 22.21 49.16
C LEU A 602 10.74 23.33 49.85
N PHE A 603 10.12 24.49 50.02
CA PHE A 603 10.82 25.63 50.61
C PHE A 603 10.37 25.84 52.05
N ILE A 604 11.32 25.88 52.97
CA ILE A 604 11.01 26.07 54.38
C ILE A 604 11.33 27.51 54.83
N GLY A 605 10.36 28.16 55.45
CA GLY A 605 10.53 29.51 55.98
C GLY A 605 10.65 30.57 54.90
N SER A 606 9.89 30.41 53.83
CA SER A 606 9.92 31.37 52.72
C SER A 606 8.54 31.51 52.13
N PRO A 607 7.63 32.18 52.85
CA PRO A 607 6.24 32.29 52.39
C PRO A 607 6.14 32.68 50.91
N ASN A 608 5.38 31.90 50.16
CA ASN A 608 5.07 32.21 48.78
C ASN A 608 6.24 32.09 47.80
N LYS A 609 7.40 31.60 48.26
CA LYS A 609 8.52 31.36 47.36
C LYS A 609 8.12 30.39 46.24
N THR A 610 8.58 30.66 45.02
CA THR A 610 8.29 29.83 43.85
C THR A 610 9.56 29.20 43.33
N MET A 611 9.41 28.12 42.56
CA MET A 611 10.58 27.50 41.94
C MET A 611 11.29 28.50 41.02
N ASN A 612 10.53 29.36 40.35
CA ASN A 612 11.12 30.39 39.48
C ASN A 612 12.09 31.29 40.25
N GLU A 613 11.66 31.79 41.41
CA GLU A 613 12.51 32.60 42.29
C GLU A 613 13.72 31.83 42.83
N HIS A 614 13.48 30.66 43.39
CA HIS A 614 14.56 29.81 43.88
C HIS A 614 15.68 29.66 42.85
N ARG A 615 15.32 29.26 41.65
CA ARG A 615 16.30 29.03 40.58
C ARG A 615 17.05 30.27 40.13
N SER A 616 16.41 31.42 40.20
CA SER A 616 17.00 32.65 39.71
C SER A 616 17.74 33.46 40.79
N THR A 617 17.36 33.30 42.05
CA THR A 617 17.95 34.10 43.11
C THR A 617 18.68 33.31 44.19
N ALA A 618 18.42 32.01 44.30
CA ALA A 618 18.98 31.27 45.43
C ALA A 618 19.93 30.13 45.04
N ASP A 619 19.59 29.36 44.02
CA ASP A 619 20.33 28.15 43.72
C ASP A 619 20.02 27.66 42.31
N ASN A 620 20.89 27.95 41.36
CA ASN A 620 20.65 27.58 39.99
C ASN A 620 20.90 26.11 39.66
N ASN A 621 21.37 25.35 40.64
CA ASN A 621 21.66 23.94 40.44
C ASN A 621 20.54 23.02 40.92
N ASP A 622 19.97 22.24 40.00
CA ASP A 622 18.96 21.28 40.42
C ASP A 622 19.64 20.02 40.90
N LEU A 623 18.82 19.04 41.27
CA LEU A 623 19.31 17.81 41.89
C LEU A 623 20.22 17.01 40.96
N TYR A 624 19.99 17.10 39.66
CA TYR A 624 20.85 16.43 38.69
C TYR A 624 22.22 17.11 38.64
N GLN A 625 22.21 18.44 38.68
CA GLN A 625 23.46 19.18 38.64
C GLN A 625 24.24 18.99 39.94
N ALA A 626 23.53 18.93 41.05
CA ALA A 626 24.19 18.73 42.33
C ALA A 626 24.88 17.37 42.29
N SER A 627 24.16 16.37 41.77
CA SER A 627 24.75 15.04 41.70
C SER A 627 25.96 15.02 40.76
N THR A 628 25.88 15.77 39.66
CA THR A 628 26.97 15.88 38.70
C THR A 628 28.20 16.57 39.31
N ASN A 629 27.94 17.56 40.15
CA ASN A 629 29.03 18.26 40.83
C ASN A 629 29.68 17.36 41.87
N ALA A 630 28.87 16.52 42.52
CA ALA A 630 29.39 15.56 43.48
C ALA A 630 30.22 14.52 42.76
N LEU A 631 29.75 14.13 41.57
CA LEU A 631 30.50 13.20 40.72
C LEU A 631 31.91 13.74 40.44
N MET A 632 32.01 15.02 40.10
CA MET A 632 33.31 15.62 39.78
C MET A 632 34.26 15.57 40.98
N GLU A 633 33.72 15.68 42.19
CA GLU A 633 34.52 15.50 43.40
C GLU A 633 34.99 14.05 43.56
N SER A 634 34.06 13.10 43.43
CA SER A 634 34.38 11.69 43.60
C SER A 634 35.41 11.26 42.57
N LEU A 635 35.32 11.86 41.40
CA LEU A 635 36.28 11.61 40.33
C LEU A 635 37.64 12.18 40.72
N GLY A 636 37.64 13.41 41.23
CA GLY A 636 38.86 14.05 41.69
C GLY A 636 39.53 13.23 42.77
N LYS A 637 38.72 12.63 43.64
CA LYS A 637 39.26 11.79 44.70
C LYS A 637 39.86 10.53 44.11
N LEU A 638 39.13 9.91 43.19
CA LEU A 638 39.61 8.70 42.52
C LEU A 638 40.98 8.92 41.88
N ARG A 639 41.13 10.04 41.19
CA ARG A 639 42.41 10.40 40.58
C ARG A 639 43.55 10.51 41.58
N SER A 640 43.27 11.05 42.78
CA SER A 640 44.29 11.15 43.82
C SER A 640 44.80 9.80 44.25
N ASN A 641 43.88 8.91 44.60
CA ASN A 641 44.26 7.58 45.06
C ASN A 641 45.13 6.80 44.07
N TYR A 642 45.20 7.31 42.84
CA TYR A 642 45.98 6.66 41.79
C TYR A 642 46.90 7.66 41.10
N ALA A 643 47.25 8.71 41.83
CA ALA A 643 48.00 9.83 41.27
C ALA A 643 49.34 9.42 40.62
N SER A 644 50.06 8.49 41.24
CA SER A 644 51.37 8.10 40.71
C SER A 644 51.26 7.03 39.65
N ASN A 645 50.09 6.39 39.55
CA ASN A 645 49.86 5.33 38.57
C ASN A 645 49.51 5.91 37.20
N MET A 646 50.54 6.18 36.39
CA MET A 646 50.35 6.80 35.08
C MET A 646 49.42 6.04 34.13
N PRO A 647 49.56 4.71 34.07
CA PRO A 647 48.68 3.94 33.19
C PRO A 647 47.21 4.10 33.57
N ILE A 648 46.92 4.28 34.85
CA ILE A 648 45.54 4.47 35.30
C ILE A 648 45.04 5.87 34.97
N GLN A 649 45.89 6.87 35.15
CA GLN A 649 45.55 8.24 34.81
C GLN A 649 45.28 8.32 33.34
N SER A 650 46.12 7.65 32.56
CA SER A 650 45.98 7.67 31.11
C SER A 650 44.66 7.03 30.71
N GLN A 651 44.27 5.97 31.42
CA GLN A 651 43.06 5.24 31.09
C GLN A 651 41.82 6.09 31.41
N ILE A 652 41.88 6.82 32.51
CA ILE A 652 40.80 7.73 32.88
C ILE A 652 40.71 8.87 31.86
N ASP A 653 41.85 9.45 31.52
CA ASP A 653 41.86 10.55 30.56
C ASP A 653 41.29 10.12 29.21
N SER A 654 41.55 8.88 28.83
CA SER A 654 41.05 8.40 27.54
C SER A 654 39.54 8.22 27.52
N LEU A 655 39.01 7.72 28.63
CA LEU A 655 37.57 7.59 28.76
C LEU A 655 36.93 8.96 28.68
N LEU A 656 37.47 9.89 29.48
CA LEU A 656 36.94 11.24 29.54
C LEU A 656 37.06 11.92 28.18
N SER A 657 38.17 11.66 27.50
CA SER A 657 38.40 12.18 26.16
C SER A 657 37.35 11.68 25.19
N LEU A 658 37.14 10.37 25.17
CA LEU A 658 36.20 9.76 24.23
C LEU A 658 34.78 10.28 24.41
N MET A 659 34.33 10.39 25.67
CA MET A 659 33.00 10.92 25.96
C MET A 659 32.92 12.38 25.52
N ASP A 660 34.02 13.09 25.70
CA ASP A 660 34.09 14.49 25.33
C ASP A 660 33.97 14.70 23.82
N LEU A 661 34.51 13.77 23.06
CA LEU A 661 34.41 13.82 21.60
C LEU A 661 32.97 13.73 21.14
N PHE A 662 32.16 12.94 21.84
CA PHE A 662 30.85 12.55 21.30
C PHE A 662 29.61 12.89 22.13
N LEU A 663 29.79 13.18 23.41
CA LEU A 663 28.66 13.56 24.26
C LEU A 663 28.69 15.04 24.63
N PRO A 664 27.56 15.73 24.41
CA PRO A 664 27.45 17.17 24.67
C PRO A 664 27.59 17.51 26.14
N ASP A 665 27.22 16.56 27.01
CA ASP A 665 27.20 16.81 28.45
C ASP A 665 28.56 16.75 29.12
N ILE A 666 29.59 16.35 28.36
CA ILE A 666 30.95 16.29 28.90
C ILE A 666 31.85 17.22 28.12
N ASN A 667 32.43 18.20 28.79
CA ASN A 667 33.37 19.10 28.15
C ASN A 667 34.74 19.09 28.83
N LEU A 668 35.77 18.87 28.04
CA LEU A 668 37.14 19.04 28.50
C LEU A 668 37.69 20.34 27.94
N GLY A 669 38.20 21.18 28.82
CA GLY A 669 38.75 22.46 28.42
C GLY A 669 40.18 22.37 27.91
N GLU A 670 40.64 23.44 27.27
CA GLU A 670 41.98 23.49 26.70
C GLU A 670 43.07 23.11 27.71
N ASN A 671 42.99 23.67 28.91
CA ASN A 671 43.97 23.36 29.96
C ASN A 671 43.60 22.13 30.81
N GLY A 672 42.57 21.40 30.39
CA GLY A 672 42.17 20.17 31.04
C GLY A 672 40.95 20.30 31.93
N ALA A 673 40.47 21.53 32.10
CA ALA A 673 39.31 21.79 32.95
C ALA A 673 38.11 20.91 32.59
N LEU A 674 37.61 20.17 33.57
CA LEU A 674 36.49 19.27 33.37
C LEU A 674 35.14 19.91 33.71
N GLU A 675 34.20 19.83 32.80
CA GLU A 675 32.88 20.42 32.98
C GLU A 675 31.77 19.45 32.57
N LEU A 676 30.82 19.23 33.48
CA LEU A 676 29.72 18.28 33.22
C LEU A 676 28.34 18.92 33.33
N LYS A 677 27.51 18.68 32.32
CA LYS A 677 26.13 19.17 32.32
C LYS A 677 25.23 18.18 33.07
N ARG A 678 24.17 18.71 33.69
CA ARG A 678 23.25 17.90 34.49
C ARG A 678 22.72 16.69 33.74
N GLY A 679 22.74 16.75 32.40
CA GLY A 679 22.21 15.69 31.57
C GLY A 679 22.72 14.27 31.82
N ILE A 680 24.02 14.09 31.99
CA ILE A 680 24.54 12.74 32.19
C ILE A 680 24.07 12.10 33.48
N ALA A 681 23.55 12.92 34.40
CA ALA A 681 23.10 12.40 35.68
C ALA A 681 21.61 12.11 35.78
N LYS A 682 20.84 12.55 34.79
CA LYS A 682 19.38 12.45 34.91
C LYS A 682 18.91 11.01 35.06
N ASN A 683 19.18 10.18 34.07
CA ASN A 683 18.72 8.80 34.13
C ASN A 683 19.40 7.97 35.22
N PRO A 684 20.74 8.07 35.32
CA PRO A 684 21.46 7.32 36.36
C PRO A 684 20.96 7.64 37.78
N LEU A 685 20.62 8.90 38.06
CA LEU A 685 20.12 9.26 39.38
C LEU A 685 18.81 8.49 39.61
N THR A 686 17.87 8.66 38.69
CA THR A 686 16.56 8.05 38.79
C THR A 686 16.62 6.53 39.03
N ILE A 687 17.25 5.80 38.11
CA ILE A 687 17.19 4.36 38.18
C ILE A 687 18.01 3.78 39.32
N THR A 688 19.03 4.51 39.76
CA THR A 688 19.84 4.06 40.89
C THR A 688 18.99 3.95 42.15
N ILE A 689 18.16 4.96 42.38
CA ILE A 689 17.26 4.96 43.52
C ILE A 689 16.28 3.78 43.41
N TYR A 690 15.88 3.48 42.17
CA TYR A 690 14.91 2.41 41.91
C TYR A 690 15.51 1.01 41.92
N GLY A 691 16.81 0.92 42.19
CA GLY A 691 17.44 -0.35 42.43
C GLY A 691 18.34 -0.84 41.32
N SER A 692 18.59 0.01 40.34
CA SER A 692 19.49 -0.37 39.25
C SER A 692 20.92 -0.62 39.76
N GLY A 693 21.58 -1.61 39.17
CA GLY A 693 22.98 -1.83 39.46
C GLY A 693 23.82 -0.87 38.62
N ALA A 694 25.07 -0.66 39.03
CA ALA A 694 25.98 0.22 38.30
C ALA A 694 26.27 -0.29 36.89
N ARG A 695 26.38 -1.61 36.75
CA ARG A 695 26.71 -2.18 35.45
C ARG A 695 25.69 -1.78 34.39
N GLY A 696 24.41 -1.84 34.73
CA GLY A 696 23.35 -1.47 33.81
C GLY A 696 23.48 -0.04 33.35
N ILE A 697 23.88 0.84 34.27
CA ILE A 697 24.09 2.24 33.94
C ILE A 697 25.31 2.41 33.04
N ALA A 698 26.38 1.68 33.34
CA ALA A 698 27.60 1.73 32.54
C ALA A 698 27.26 1.37 31.10
N GLY A 699 26.44 0.33 30.95
CA GLY A 699 26.04 -0.12 29.64
C GLY A 699 25.25 0.93 28.87
N LYS A 700 24.42 1.68 29.59
CA LYS A 700 23.61 2.71 28.95
C LYS A 700 24.48 3.87 28.49
N LEU A 701 25.41 4.31 29.34
CA LEU A 701 26.31 5.39 28.95
C LEU A 701 27.09 5.01 27.71
N VAL A 702 27.61 3.79 27.69
CA VAL A 702 28.37 3.34 26.52
C VAL A 702 27.49 3.34 25.26
N SER A 703 26.23 2.93 25.40
CA SER A 703 25.31 2.97 24.27
C SER A 703 25.18 4.37 23.70
N SER A 704 25.04 5.35 24.59
CA SER A 704 24.94 6.74 24.12
C SER A 704 26.24 7.16 23.42
N VAL A 705 27.37 6.62 23.86
CA VAL A 705 28.64 6.92 23.21
C VAL A 705 28.73 6.24 21.83
N THR A 706 28.42 4.95 21.78
CA THR A 706 28.49 4.21 20.52
C THR A 706 27.47 4.72 19.51
N ASP A 707 26.27 5.06 19.98
CA ASP A 707 25.26 5.63 19.09
C ASP A 707 25.81 6.85 18.37
N ALA A 708 26.42 7.74 19.14
CA ALA A 708 26.96 8.98 18.59
C ALA A 708 28.11 8.68 17.63
N ILE A 709 28.91 7.66 17.94
CA ILE A 709 29.99 7.26 17.07
C ILE A 709 29.48 6.72 15.72
N TYR A 710 28.52 5.80 15.78
CA TYR A 710 27.93 5.26 14.56
C TYR A 710 27.38 6.38 13.68
N GLU A 711 26.78 7.38 14.31
CA GLU A 711 26.23 8.53 13.60
C GLU A 711 27.33 9.33 12.92
N ARG A 712 28.43 9.56 13.64
CA ARG A 712 29.55 10.32 13.10
C ARG A 712 30.14 9.58 11.88
N MET A 713 30.00 8.26 11.88
CA MET A 713 30.45 7.46 10.74
C MET A 713 29.59 7.72 9.50
N SER A 714 28.29 7.95 9.69
CA SER A 714 27.43 8.32 8.57
C SER A 714 27.83 9.70 8.06
N ASP A 715 28.21 10.60 8.97
CA ASP A 715 28.75 11.89 8.60
C ASP A 715 29.99 11.74 7.71
N VAL A 716 30.87 10.80 8.06
CA VAL A 716 32.05 10.54 7.24
C VAL A 716 31.62 10.13 5.83
N LEU A 717 30.79 9.09 5.74
CA LEU A 717 30.33 8.59 4.46
C LEU A 717 29.74 9.71 3.61
N LYS A 718 29.01 10.61 4.27
CA LYS A 718 28.34 11.72 3.59
C LYS A 718 29.33 12.77 3.10
N ALA A 719 30.16 13.26 4.01
CA ALA A 719 31.16 14.26 3.67
C ALA A 719 32.17 13.72 2.67
N ARG A 720 32.47 12.43 2.77
CA ARG A 720 33.45 11.80 1.89
C ARG A 720 32.89 11.63 0.48
N ALA A 721 31.59 11.37 0.38
CA ALA A 721 30.95 11.23 -0.92
C ALA A 721 30.72 12.60 -1.55
N LYS A 722 30.53 13.61 -0.73
CA LYS A 722 30.34 14.97 -1.21
C LYS A 722 31.67 15.57 -1.64
N ASP A 723 32.74 14.83 -1.43
CA ASP A 723 34.09 15.29 -1.72
C ASP A 723 35.11 14.20 -1.45
N PRO A 724 35.48 13.43 -2.49
CA PRO A 724 36.39 12.29 -2.36
C PRO A 724 37.77 12.70 -1.83
N ASN A 725 38.12 13.98 -1.99
CA ASN A 725 39.43 14.45 -1.55
C ASN A 725 39.56 14.53 -0.04
N ILE A 726 38.44 14.70 0.65
CA ILE A 726 38.44 14.95 2.09
C ILE A 726 39.30 13.96 2.88
N SER A 727 40.09 14.49 3.82
CA SER A 727 40.93 13.66 4.68
C SER A 727 40.10 13.03 5.79
N ALA A 728 40.45 11.81 6.18
CA ALA A 728 39.74 11.09 7.23
C ALA A 728 39.36 12.00 8.38
N ALA A 729 40.35 12.73 8.90
CA ALA A 729 40.14 13.63 10.02
C ALA A 729 39.05 14.66 9.74
N MET A 730 39.14 15.33 8.60
CA MET A 730 38.15 16.34 8.22
C MET A 730 36.76 15.74 7.99
N ALA A 731 36.71 14.54 7.44
CA ALA A 731 35.45 13.85 7.21
C ALA A 731 34.77 13.42 8.50
N MET A 732 35.55 13.28 9.57
CA MET A 732 35.01 12.82 10.85
C MET A 732 34.93 13.93 11.89
N PHE A 733 35.78 14.94 11.74
CA PHE A 733 35.78 16.03 12.72
C PHE A 733 35.72 17.43 12.10
N GLY A 734 35.38 17.47 10.82
CA GLY A 734 35.19 18.74 10.14
C GLY A 734 34.24 19.64 10.92
N LYS A 735 32.99 19.20 11.05
CA LYS A 735 31.98 20.00 11.74
C LYS A 735 32.33 20.31 13.19
N GLN A 736 33.15 19.45 13.79
CA GLN A 736 33.44 19.57 15.22
C GLN A 736 34.67 20.42 15.54
N ALA A 737 35.51 20.66 14.54
CA ALA A 737 36.76 21.38 14.76
C ALA A 737 36.79 22.79 14.15
N ALA A 738 37.95 23.42 14.21
CA ALA A 738 38.13 24.76 13.67
C ALA A 738 39.00 24.72 12.42
N SER A 739 40.18 24.12 12.53
CA SER A 739 41.12 24.07 11.42
C SER A 739 41.30 22.66 10.89
N GLU A 740 42.31 22.48 10.06
CA GLU A 740 42.64 21.18 9.50
C GLU A 740 43.38 20.32 10.50
N ALA A 741 44.56 20.79 10.90
CA ALA A 741 45.39 20.06 11.84
C ALA A 741 44.73 19.94 13.22
N HIS A 742 43.81 20.86 13.50
CA HIS A 742 43.08 20.84 14.75
C HIS A 742 42.11 19.66 14.76
N ALA A 743 41.71 19.24 13.57
CA ALA A 743 40.82 18.08 13.41
C ALA A 743 41.64 16.80 13.35
N GLU A 744 42.95 16.96 13.14
CA GLU A 744 43.85 15.84 13.03
C GLU A 744 44.23 15.29 14.41
N GLU A 745 44.13 16.16 15.42
CA GLU A 745 44.39 15.74 16.79
C GLU A 745 43.16 15.10 17.40
N LEU A 746 41.99 15.56 16.99
CA LEU A 746 40.74 14.95 17.41
C LEU A 746 40.69 13.52 16.88
N LEU A 747 41.06 13.33 15.62
CA LEU A 747 41.16 11.99 15.07
C LEU A 747 42.17 11.15 15.82
N ALA A 748 43.25 11.78 16.29
CA ALA A 748 44.28 11.06 17.01
C ALA A 748 43.77 10.63 18.39
N ARG A 749 43.05 11.53 19.05
CA ARG A 749 42.43 11.19 20.33
C ARG A 749 41.52 9.98 20.16
N PHE A 750 40.62 10.06 19.20
CA PHE A 750 39.65 9.00 18.95
C PHE A 750 40.29 7.62 18.81
N LEU A 751 41.30 7.52 17.95
CA LEU A 751 41.94 6.25 17.68
C LEU A 751 42.74 5.75 18.89
N LYS A 752 43.43 6.68 19.57
CA LYS A 752 44.10 6.34 20.81
C LYS A 752 43.11 5.91 21.90
N ASP A 753 42.03 6.67 22.05
CA ASP A 753 41.01 6.35 23.04
C ASP A 753 40.37 5.00 22.78
N MET A 754 39.94 4.77 21.54
CA MET A 754 39.30 3.50 21.22
C MET A 754 40.24 2.33 21.48
N GLU A 755 41.52 2.51 21.18
CA GLU A 755 42.48 1.44 21.36
C GLU A 755 42.73 1.12 22.83
N THR A 756 43.05 2.14 23.62
CA THR A 756 43.34 1.89 25.02
C THR A 756 42.12 1.37 25.78
N LEU A 757 40.93 1.85 25.41
CA LEU A 757 39.71 1.47 26.12
C LEU A 757 39.17 0.08 25.76
N THR A 758 39.67 -0.50 24.67
CA THR A 758 39.24 -1.84 24.28
C THR A 758 40.31 -2.90 24.53
N SER A 759 41.54 -2.48 24.73
CA SER A 759 42.64 -3.42 24.95
C SER A 759 42.99 -3.55 26.42
N THR A 760 42.50 -2.60 27.21
CA THR A 760 42.80 -2.54 28.63
C THR A 760 41.55 -2.25 29.45
N VAL A 761 41.34 -3.04 30.49
CA VAL A 761 40.21 -2.85 31.37
C VAL A 761 40.63 -2.84 32.82
N PRO A 762 39.94 -2.04 33.64
CA PRO A 762 40.20 -2.01 35.07
C PRO A 762 39.40 -3.12 35.75
N VAL A 763 39.96 -3.68 36.81
CA VAL A 763 39.30 -4.70 37.61
C VAL A 763 39.56 -4.35 39.06
N LYS A 764 38.70 -4.81 39.96
CA LYS A 764 38.84 -4.46 41.36
C LYS A 764 39.26 -5.69 42.14
N ARG A 765 40.55 -5.81 42.39
CA ARG A 765 41.06 -6.89 43.20
C ARG A 765 41.34 -6.35 44.60
N LYS A 766 40.56 -6.83 45.55
CA LYS A 766 40.74 -6.48 46.96
C LYS A 766 40.69 -4.98 47.23
N GLY A 767 39.69 -4.30 46.67
CA GLY A 767 39.44 -2.91 46.97
C GLY A 767 40.22 -1.93 46.12
N VAL A 768 41.19 -2.45 45.35
CA VAL A 768 42.05 -1.62 44.53
C VAL A 768 41.78 -1.87 43.04
N LEU A 769 41.98 -0.84 42.20
CA LEU A 769 41.80 -1.03 40.77
C LEU A 769 43.10 -1.41 40.09
N GLU A 770 43.05 -2.42 39.22
CA GLU A 770 44.21 -2.84 38.46
C GLU A 770 43.86 -2.94 36.98
N LEU A 771 44.80 -2.59 36.12
CA LEU A 771 44.57 -2.72 34.68
C LEU A 771 44.97 -4.12 34.21
N GLN A 772 44.10 -4.72 33.39
CA GLN A 772 44.37 -5.99 32.76
C GLN A 772 44.23 -5.85 31.25
N SER A 773 45.07 -6.55 30.50
CA SER A 773 44.92 -6.62 29.05
C SER A 773 43.76 -7.55 28.73
N THR A 774 42.97 -7.17 27.73
CA THR A 774 41.88 -8.02 27.27
C THR A 774 42.41 -9.00 26.24
N GLY A 775 43.45 -8.60 25.52
CA GLY A 775 43.95 -9.39 24.41
C GLY A 775 43.02 -9.27 23.22
N THR A 776 42.01 -8.43 23.34
CA THR A 776 41.04 -8.26 22.26
C THR A 776 40.85 -6.78 21.89
N GLY A 777 41.93 -6.01 21.95
CA GLY A 777 41.89 -4.60 21.62
C GLY A 777 41.36 -4.34 20.22
N ALA A 778 40.85 -3.14 19.99
CA ALA A 778 40.35 -2.75 18.68
C ALA A 778 41.50 -2.56 17.70
N LYS A 779 41.46 -3.27 16.58
CA LYS A 779 42.53 -3.23 15.61
C LYS A 779 42.01 -3.23 14.17
N GLY A 780 42.59 -2.38 13.33
CA GLY A 780 42.24 -2.35 11.92
C GLY A 780 41.81 -0.99 11.43
N LYS A 781 41.84 -0.80 10.11
CA LYS A 781 41.35 0.43 9.50
C LYS A 781 39.83 0.47 9.62
N ILE A 782 39.30 1.67 9.81
CA ILE A 782 37.87 1.83 10.02
C ILE A 782 37.11 1.93 8.69
N ASN A 783 36.12 1.06 8.53
CA ASN A 783 35.19 1.15 7.41
C ASN A 783 33.85 1.70 7.87
N PRO A 784 33.62 3.01 7.64
CA PRO A 784 32.50 3.77 8.20
C PRO A 784 31.13 3.17 7.98
N LYS A 785 30.99 2.24 7.04
CA LYS A 785 29.69 1.68 6.72
C LYS A 785 29.34 0.48 7.59
N THR A 786 30.32 -0.40 7.81
CA THR A 786 30.11 -1.62 8.58
C THR A 786 30.62 -1.48 10.00
N TYR A 787 31.39 -0.42 10.26
CA TYR A 787 32.01 -0.21 11.57
C TYR A 787 31.07 -0.54 12.71
N THR A 788 31.50 -1.43 13.59
CA THR A 788 30.65 -1.90 14.67
C THR A 788 31.48 -2.25 15.88
N ILE A 789 31.12 -1.70 17.03
CA ILE A 789 31.77 -2.07 18.28
C ILE A 789 30.99 -3.25 18.86
N LYS A 790 31.65 -4.40 18.94
CA LYS A 790 30.94 -5.65 19.19
C LYS A 790 31.45 -6.36 20.43
N GLY A 791 30.59 -7.18 21.02
CA GLY A 791 30.95 -8.12 22.07
C GLY A 791 32.10 -7.75 23.00
N GLU A 792 33.25 -8.34 22.77
CA GLU A 792 34.42 -8.15 23.64
C GLU A 792 34.87 -6.70 23.74
N GLN A 793 34.72 -5.95 22.66
CA GLN A 793 35.04 -4.52 22.65
C GLN A 793 34.03 -3.73 23.47
N LEU A 794 32.76 -4.02 23.25
CA LEU A 794 31.68 -3.40 24.02
C LEU A 794 31.86 -3.60 25.52
N LYS A 795 32.16 -4.85 25.90
CA LYS A 795 32.35 -5.21 27.30
C LYS A 795 33.48 -4.40 27.92
N ALA A 796 34.59 -4.30 27.21
CA ALA A 796 35.73 -3.51 27.68
C ALA A 796 35.36 -2.05 27.90
N LEU A 797 34.72 -1.42 26.91
CA LEU A 797 34.26 -0.05 27.06
C LEU A 797 33.42 0.06 28.32
N GLN A 798 32.58 -0.94 28.52
CA GLN A 798 31.68 -0.94 29.66
C GLN A 798 32.44 -1.03 30.99
N GLU A 799 33.47 -1.87 31.04
CA GLU A 799 34.29 -2.02 32.26
C GLU A 799 35.01 -0.74 32.62
N ASN A 800 35.54 -0.06 31.60
CA ASN A 800 36.15 1.24 31.81
C ASN A 800 35.13 2.26 32.32
N MET A 801 33.98 2.32 31.65
CA MET A 801 32.92 3.24 32.04
C MET A 801 32.47 2.95 33.46
N LEU A 802 32.40 1.67 33.80
CA LEU A 802 31.93 1.26 35.11
C LEU A 802 32.80 1.82 36.22
N HIS A 803 34.08 1.51 36.21
CA HIS A 803 34.96 1.84 37.33
C HIS A 803 35.46 3.29 37.36
N PHE A 804 35.59 3.91 36.19
CA PHE A 804 36.18 5.24 36.13
C PHE A 804 35.15 6.36 36.04
N PHE A 805 33.87 6.00 35.91
CA PHE A 805 32.83 7.01 35.78
C PHE A 805 31.57 6.72 36.61
N VAL A 806 30.97 5.57 36.38
CA VAL A 806 29.71 5.23 37.04
C VAL A 806 29.85 5.07 38.55
N GLU A 807 30.91 4.39 38.99
CA GLU A 807 31.11 4.19 40.43
C GLU A 807 31.29 5.51 41.20
N PRO A 808 32.10 6.44 40.68
CA PRO A 808 32.11 7.78 41.28
C PRO A 808 30.77 8.51 41.16
N LEU A 809 30.07 8.35 40.03
CA LEU A 809 28.72 8.88 39.90
C LEU A 809 27.77 8.37 41.00
N ARG A 810 27.81 7.07 41.25
CA ARG A 810 26.99 6.49 42.31
C ARG A 810 27.34 7.10 43.66
N ASN A 811 28.62 7.29 43.92
CA ASN A 811 29.05 7.99 45.12
C ASN A 811 28.43 9.39 45.17
N GLY A 812 28.47 10.08 44.04
CA GLY A 812 27.86 11.38 43.95
C GLY A 812 26.37 11.35 44.25
N ILE A 813 25.68 10.36 43.69
CA ILE A 813 24.24 10.25 43.88
C ILE A 813 23.87 10.06 45.34
N THR A 814 24.54 9.12 46.00
CA THR A 814 24.28 8.85 47.41
C THR A 814 24.49 10.07 48.30
N GLN A 815 25.55 10.81 48.02
CA GLN A 815 25.85 12.02 48.79
C GLN A 815 24.78 13.08 48.55
N THR A 816 24.12 13.00 47.41
CA THR A 816 23.14 14.00 47.04
C THR A 816 21.73 13.71 47.61
N VAL A 817 21.27 12.46 47.48
CA VAL A 817 19.91 12.12 47.91
C VAL A 817 19.89 11.71 49.38
N GLY A 818 21.07 11.46 49.94
CA GLY A 818 21.19 11.16 51.36
C GLY A 818 21.35 9.67 51.65
N GLU A 819 22.33 9.34 52.47
CA GLU A 819 22.58 7.95 52.82
C GLU A 819 21.38 7.37 53.56
N SER A 820 20.63 8.21 54.25
CA SER A 820 19.44 7.74 54.96
C SER A 820 18.38 7.13 54.02
N LEU A 821 18.14 7.80 52.89
CA LEU A 821 17.21 7.31 51.88
C LEU A 821 17.69 5.97 51.33
N VAL A 822 18.96 5.92 50.97
CA VAL A 822 19.58 4.69 50.45
C VAL A 822 19.35 3.53 51.41
N TYR A 823 19.48 3.79 52.69
CA TYR A 823 19.23 2.76 53.70
C TYR A 823 17.75 2.32 53.70
N SER A 824 16.83 3.28 53.61
CA SER A 824 15.40 2.95 53.58
C SER A 824 15.03 2.10 52.38
N THR A 825 15.53 2.46 51.21
CA THR A 825 15.18 1.72 50.01
C THR A 825 15.73 0.30 50.06
N GLU A 826 16.86 0.11 50.76
CA GLU A 826 17.45 -1.23 50.90
C GLU A 826 16.61 -2.13 51.79
N GLN A 827 16.14 -1.60 52.92
CA GLN A 827 15.27 -2.38 53.79
C GLN A 827 13.94 -2.67 53.09
N LEU A 828 13.43 -1.68 52.37
CA LEU A 828 12.21 -1.87 51.61
C LEU A 828 12.41 -2.98 50.57
N GLN A 829 13.52 -2.90 49.85
CA GLN A 829 13.84 -3.91 48.83
C GLN A 829 13.94 -5.33 49.42
N LYS A 830 14.70 -5.48 50.51
CA LYS A 830 14.89 -6.81 51.13
C LYS A 830 13.59 -7.40 51.65
N ALA A 831 12.81 -6.60 52.37
CA ALA A 831 11.52 -7.06 52.90
C ALA A 831 10.60 -7.57 51.81
N THR A 832 10.47 -6.81 50.73
CA THR A 832 9.53 -7.16 49.68
C THR A 832 10.03 -8.34 48.86
N GLN A 833 11.35 -8.41 48.71
CA GLN A 833 11.97 -9.57 48.07
C GLN A 833 11.74 -10.84 48.91
N ILE A 834 12.06 -10.78 50.19
CA ILE A 834 11.90 -11.93 51.07
C ILE A 834 10.46 -12.43 51.05
N GLN A 835 9.52 -11.49 51.19
CA GLN A 835 8.11 -11.81 51.11
C GLN A 835 7.74 -12.46 49.78
N SER A 836 8.24 -11.91 48.67
CA SER A 836 7.89 -12.45 47.37
C SER A 836 8.43 -13.87 47.19
N VAL A 837 9.61 -14.12 47.74
CA VAL A 837 10.22 -15.44 47.66
C VAL A 837 9.36 -16.48 48.38
N VAL A 838 8.98 -16.17 49.60
CA VAL A 838 8.12 -17.09 50.33
C VAL A 838 6.82 -17.29 49.57
N LEU A 839 6.19 -16.20 49.15
CA LEU A 839 4.94 -16.30 48.41
C LEU A 839 5.07 -17.19 47.18
N GLU A 840 6.10 -16.94 46.38
CA GLU A 840 6.31 -17.73 45.18
C GLU A 840 6.50 -19.20 45.55
N ASP A 841 7.38 -19.47 46.51
CA ASP A 841 7.71 -20.85 46.85
C ASP A 841 6.53 -21.64 47.41
N MET A 842 5.77 -21.01 48.29
CA MET A 842 4.62 -21.67 48.91
C MET A 842 3.55 -21.95 47.88
N PHE A 843 3.38 -21.03 46.94
CA PHE A 843 2.41 -21.22 45.90
C PHE A 843 2.79 -22.45 45.06
N LYS A 844 4.04 -22.50 44.63
CA LYS A 844 4.49 -23.64 43.81
C LYS A 844 4.32 -24.94 44.57
N GLN A 845 4.61 -24.93 45.87
CA GLN A 845 4.46 -26.14 46.69
C GLN A 845 3.00 -26.57 46.81
N ARG A 846 2.13 -25.64 47.19
CA ARG A 846 0.70 -25.94 47.27
C ARG A 846 0.19 -26.46 45.92
N VAL A 847 0.80 -26.00 44.83
CA VAL A 847 0.45 -26.53 43.51
C VAL A 847 0.93 -27.98 43.31
N GLN A 848 2.17 -28.28 43.68
CA GLN A 848 2.70 -29.64 43.53
C GLN A 848 1.97 -30.65 44.42
N GLU A 849 1.49 -30.17 45.57
CA GLU A 849 0.70 -31.01 46.47
C GLU A 849 -0.61 -31.42 45.81
N LYS A 850 -1.30 -30.45 45.21
CA LYS A 850 -2.58 -30.70 44.58
C LYS A 850 -2.47 -31.61 43.36
N LEU A 851 -1.38 -31.47 42.61
CA LEU A 851 -1.13 -32.33 41.46
C LEU A 851 -0.79 -33.78 41.85
N ALA A 852 -0.19 -33.97 43.02
CA ALA A 852 0.06 -35.31 43.53
C ALA A 852 -1.26 -35.95 43.97
N GLU A 853 -2.19 -35.14 44.45
CA GLU A 853 -3.54 -35.63 44.74
C GLU A 853 -4.30 -36.01 43.47
N LYS A 854 -3.90 -35.43 42.35
CA LYS A 854 -4.60 -35.65 41.08
C LYS A 854 -4.22 -36.97 40.44
N ALA A 855 -3.03 -37.47 40.74
CA ALA A 855 -2.60 -38.76 40.23
C ALA A 855 -3.45 -39.89 40.83
N LYS A 856 -4.11 -39.60 41.94
CA LYS A 856 -5.04 -40.55 42.56
C LYS A 856 -6.34 -40.58 41.75
N ASP A 857 -6.63 -39.49 41.07
CA ASP A 857 -7.88 -39.34 40.34
C ASP A 857 -7.77 -39.96 38.95
N PRO A 858 -8.61 -40.97 38.67
CA PRO A 858 -8.65 -41.63 37.37
C PRO A 858 -9.29 -40.77 36.25
N THR A 859 -10.06 -39.75 36.62
CA THR A 859 -10.65 -38.85 35.63
C THR A 859 -9.62 -37.83 35.14
N TRP A 860 -8.51 -37.73 35.86
CA TRP A 860 -7.53 -36.68 35.61
C TRP A 860 -6.34 -37.21 34.84
N LYS A 861 -5.82 -36.38 33.94
CA LYS A 861 -4.68 -36.76 33.14
C LYS A 861 -3.61 -35.68 33.24
N LYS A 862 -2.35 -36.10 33.29
CA LYS A 862 -1.24 -35.17 33.31
C LYS A 862 -1.34 -34.27 32.08
N GLY A 863 -1.39 -32.97 32.31
CA GLY A 863 -1.57 -32.00 31.25
C GLY A 863 -2.85 -31.20 31.46
N ASP A 864 -3.80 -31.79 32.18
CA ASP A 864 -5.06 -31.11 32.52
C ASP A 864 -4.84 -29.95 33.50
N PHE A 865 -3.83 -30.07 34.34
CA PHE A 865 -3.52 -29.09 35.39
C PHE A 865 -4.65 -28.98 36.42
N LEU A 866 -4.76 -27.82 37.07
CA LEU A 866 -5.72 -27.62 38.15
C LEU A 866 -6.90 -26.80 37.66
N THR A 867 -7.96 -26.77 38.46
CA THR A 867 -9.12 -25.94 38.15
C THR A 867 -8.94 -24.51 38.67
N GLN A 868 -9.78 -23.57 38.23
CA GLN A 868 -9.66 -22.22 38.75
C GLN A 868 -9.96 -22.23 40.24
N LYS A 869 -11.00 -22.97 40.61
CA LYS A 869 -11.39 -23.11 42.01
C LYS A 869 -10.20 -23.57 42.86
N GLU A 870 -9.42 -24.51 42.35
CA GLU A 870 -8.26 -25.00 43.07
C GLU A 870 -7.17 -23.93 43.16
N LEU A 871 -6.91 -23.24 42.06
CA LEU A 871 -5.91 -22.18 42.06
C LEU A 871 -6.33 -21.05 43.01
N ASN A 872 -7.62 -20.72 43.00
CA ASN A 872 -8.21 -19.74 43.91
C ASN A 872 -8.01 -20.10 45.38
N ASP A 873 -8.17 -21.39 45.69
CA ASP A 873 -8.00 -21.83 47.07
C ASP A 873 -6.55 -21.71 47.49
N ILE A 874 -5.64 -21.98 46.56
CA ILE A 874 -4.21 -21.88 46.85
C ILE A 874 -3.83 -20.43 47.10
N GLN A 875 -4.36 -19.54 46.26
CA GLN A 875 -4.10 -18.10 46.39
C GLN A 875 -4.65 -17.58 47.72
N ALA A 876 -5.82 -18.06 48.10
CA ALA A 876 -6.45 -17.63 49.34
C ALA A 876 -5.69 -18.12 50.56
N SER A 877 -5.03 -19.27 50.41
CA SER A 877 -4.26 -19.85 51.51
C SER A 877 -3.01 -19.04 51.83
N LEU A 878 -2.70 -18.05 50.99
CA LEU A 878 -1.51 -17.22 51.17
C LEU A 878 -1.86 -15.88 51.79
N ASN A 879 -3.14 -15.64 52.02
CA ASN A 879 -3.58 -14.35 52.54
C ASN A 879 -2.97 -13.97 53.89
N ASN A 880 -2.65 -14.97 54.70
CA ASN A 880 -2.08 -14.68 56.02
C ASN A 880 -0.61 -14.28 55.93
N LEU A 881 -0.07 -14.26 54.72
CA LEU A 881 1.28 -13.77 54.48
C LEU A 881 1.25 -12.36 53.90
N ALA A 882 0.05 -11.77 53.86
CA ALA A 882 -0.12 -10.37 53.48
C ALA A 882 0.53 -10.03 52.13
N PRO A 883 0.12 -10.74 51.07
CA PRO A 883 0.71 -10.46 49.76
C PRO A 883 0.43 -9.02 49.28
N MET A 884 -0.59 -8.38 49.83
CA MET A 884 -0.99 -7.06 49.35
C MET A 884 -0.50 -5.97 50.28
N ILE A 885 -0.12 -4.83 49.70
CA ILE A 885 0.21 -3.66 50.49
C ILE A 885 -0.92 -2.65 50.36
N GLU A 886 -1.39 -2.13 51.48
CA GLU A 886 -2.53 -1.21 51.49
C GLU A 886 -2.14 0.14 52.09
N THR A 887 -2.54 1.22 51.44
CA THR A 887 -2.25 2.54 51.97
C THR A 887 -3.48 3.21 52.54
N GLY A 888 -4.64 2.63 52.24
CA GLY A 888 -5.91 3.27 52.56
C GLY A 888 -6.57 3.81 51.31
N SER A 889 -5.77 4.15 50.31
CA SER A 889 -6.30 4.67 49.05
C SER A 889 -5.74 3.95 47.83
N GLN A 890 -4.72 3.12 48.05
CA GLN A 890 -4.09 2.34 46.98
C GLN A 890 -3.77 0.94 47.47
N THR A 891 -3.74 0.00 46.54
CA THR A 891 -3.36 -1.38 46.83
C THR A 891 -2.23 -1.77 45.88
N PHE A 892 -1.17 -2.35 46.42
CA PHE A 892 -0.03 -2.82 45.61
C PHE A 892 0.20 -4.31 45.84
N TYR A 893 0.46 -5.03 44.75
CA TYR A 893 0.70 -6.47 44.82
C TYR A 893 2.04 -6.71 44.14
N ILE A 894 3.12 -6.55 44.89
CA ILE A 894 4.45 -6.52 44.31
C ILE A 894 4.85 -7.83 43.62
N ALA A 895 4.47 -8.94 44.22
CA ALA A 895 4.84 -10.27 43.71
C ALA A 895 4.00 -10.74 42.53
N GLY A 896 2.87 -10.09 42.29
CA GLY A 896 1.93 -10.57 41.30
C GLY A 896 2.56 -10.65 39.92
N SER A 897 2.29 -11.75 39.22
CA SER A 897 2.83 -11.92 37.89
C SER A 897 2.10 -13.02 37.15
N GLU A 898 2.45 -13.17 35.89
CA GLU A 898 1.96 -14.25 35.06
C GLU A 898 3.18 -14.98 34.54
N ASN A 899 3.36 -16.23 34.93
CA ASN A 899 4.59 -16.94 34.53
C ASN A 899 4.36 -18.37 34.05
N ALA A 900 5.28 -18.86 33.22
CA ALA A 900 5.27 -20.23 32.77
C ALA A 900 5.86 -21.21 33.80
N GLU A 901 6.49 -20.68 34.83
CA GLU A 901 7.27 -21.51 35.76
C GLU A 901 6.43 -22.40 36.67
N VAL A 902 5.18 -22.03 36.92
CA VAL A 902 4.36 -22.79 37.84
C VAL A 902 3.84 -24.09 37.22
N ALA A 903 3.21 -23.98 36.06
CA ALA A 903 2.67 -25.18 35.41
C ALA A 903 3.78 -25.99 34.72
N ASN A 904 4.79 -25.29 34.22
CA ASN A 904 5.93 -25.92 33.56
C ASN A 904 5.54 -26.98 32.53
N GLN A 905 4.76 -26.57 31.53
CA GLN A 905 4.23 -27.51 30.55
C GLN A 905 3.56 -26.74 29.43
N VAL A 906 3.34 -27.41 28.29
CA VAL A 906 2.68 -26.81 27.15
C VAL A 906 1.18 -26.74 27.35
N LEU A 907 0.55 -25.64 26.94
CA LEU A 907 -0.89 -25.52 27.05
C LEU A 907 -1.57 -26.11 25.80
N ALA A 908 -1.04 -25.77 24.64
CA ALA A 908 -1.55 -26.23 23.35
C ALA A 908 -0.52 -26.00 22.24
N THR A 909 -0.69 -26.72 21.13
CA THR A 909 0.12 -26.54 19.94
C THR A 909 -0.86 -26.36 18.79
N ASN A 910 -0.36 -25.99 17.61
CA ASN A 910 -1.23 -26.03 16.44
C ASN A 910 -1.27 -27.46 15.91
N LEU A 911 -2.01 -27.69 14.83
CA LEU A 911 -2.22 -29.06 14.36
C LEU A 911 -1.02 -29.64 13.61
N ASP A 912 0.03 -28.85 13.46
CA ASP A 912 1.27 -29.33 12.87
C ASP A 912 2.32 -29.65 13.94
N ASP A 913 1.90 -29.66 15.20
CA ASP A 913 2.81 -29.91 16.33
C ASP A 913 3.83 -28.77 16.51
N ARG A 914 3.45 -27.57 16.08
CA ARG A 914 4.26 -26.38 16.27
C ARG A 914 3.48 -25.30 17.00
N MET A 915 4.10 -24.13 17.17
CA MET A 915 3.44 -23.05 17.89
C MET A 915 3.05 -23.55 19.26
N ARG A 916 4.03 -24.09 19.98
CA ARG A 916 3.77 -24.67 21.30
C ARG A 916 3.71 -23.60 22.38
N VAL A 917 2.52 -23.32 22.87
CA VAL A 917 2.32 -22.24 23.81
C VAL A 917 2.48 -22.75 25.24
N PRO A 918 3.44 -22.20 25.98
CA PRO A 918 3.57 -22.62 27.37
C PRO A 918 2.33 -22.22 28.15
N MET A 919 1.94 -23.05 29.11
CA MET A 919 0.83 -22.75 29.99
C MET A 919 1.25 -21.70 31.00
N SER A 920 0.60 -20.55 30.95
CA SER A 920 0.93 -19.45 31.84
C SER A 920 -0.12 -19.35 32.93
N ILE A 921 0.34 -19.10 34.15
CA ILE A 921 -0.53 -19.01 35.31
C ILE A 921 -0.29 -17.71 36.07
N TYR A 922 -1.36 -17.08 36.52
CA TYR A 922 -1.25 -15.91 37.36
C TYR A 922 -0.84 -16.33 38.76
N ALA A 923 0.36 -15.93 39.18
CA ALA A 923 0.90 -16.40 40.44
C ALA A 923 2.01 -15.48 40.92
N PRO A 924 2.25 -15.47 42.24
CA PRO A 924 3.31 -14.60 42.76
C PRO A 924 4.68 -15.06 42.26
N ALA A 925 5.59 -14.12 42.06
CA ALA A 925 6.94 -14.44 41.65
C ALA A 925 7.89 -13.47 42.36
N GLN A 926 9.18 -13.77 42.37
CA GLN A 926 10.13 -12.91 43.07
C GLN A 926 10.03 -11.48 42.60
N ALA A 927 10.14 -10.54 43.54
CA ALA A 927 10.06 -9.12 43.22
C ALA A 927 11.41 -8.55 42.75
N GLY A 928 12.51 -9.07 43.28
CA GLY A 928 13.81 -8.47 42.99
C GLY A 928 13.87 -7.08 43.61
N VAL A 929 14.07 -6.05 42.79
CA VAL A 929 14.10 -4.68 43.31
C VAL A 929 12.79 -3.92 43.06
N ALA A 930 11.79 -4.60 42.50
CA ALA A 930 10.54 -3.96 42.10
C ALA A 930 9.88 -3.18 43.25
N GLY A 931 10.07 -3.65 44.47
CA GLY A 931 9.54 -2.97 45.64
C GLY A 931 9.78 -1.47 45.68
N ILE A 932 10.98 -1.05 45.28
CA ILE A 932 11.32 0.36 45.36
C ILE A 932 10.50 1.24 44.39
N PRO A 933 10.59 0.97 43.08
CA PRO A 933 9.80 1.80 42.16
C PRO A 933 8.30 1.67 42.39
N PHE A 934 7.80 0.46 42.65
CA PHE A 934 6.37 0.31 42.97
C PHE A 934 5.92 1.30 44.04
N MET A 935 6.59 1.30 45.18
CA MET A 935 6.18 2.16 46.29
C MET A 935 6.46 3.64 46.03
N THR A 936 7.58 3.92 45.38
CA THR A 936 7.99 5.29 45.11
C THR A 936 7.12 5.94 44.05
N ILE A 937 6.97 5.26 42.92
CA ILE A 937 6.08 5.73 41.88
C ILE A 937 4.65 5.79 42.41
N GLY A 938 4.20 4.70 43.02
CA GLY A 938 2.86 4.58 43.54
C GLY A 938 2.44 5.67 44.54
N THR A 939 3.17 5.80 45.64
CA THR A 939 2.79 6.78 46.65
C THR A 939 3.33 8.19 46.35
N GLY A 940 4.17 8.28 45.32
CA GLY A 940 4.65 9.56 44.84
C GLY A 940 3.71 10.14 43.79
N ASP A 941 4.12 10.10 42.53
CA ASP A 941 3.32 10.69 41.45
C ASP A 941 1.96 10.03 41.32
N GLY A 942 1.92 8.71 41.50
CA GLY A 942 0.67 7.97 41.49
C GLY A 942 -0.39 8.59 42.40
N MET A 943 -0.04 8.79 43.65
CA MET A 943 -0.96 9.32 44.65
C MET A 943 -1.28 10.78 44.39
N MET A 944 -0.29 11.55 43.95
CA MET A 944 -0.52 12.94 43.55
C MET A 944 -1.59 13.08 42.48
N MET A 945 -1.49 12.30 41.40
CA MET A 945 -2.43 12.43 40.29
C MET A 945 -3.82 11.98 40.71
N GLN A 946 -3.87 10.87 41.43
CA GLN A 946 -5.13 10.36 41.95
C GLN A 946 -5.79 11.39 42.87
N THR A 947 -4.99 12.11 43.64
CA THR A 947 -5.48 13.16 44.52
C THR A 947 -5.97 14.34 43.68
N LEU A 948 -5.15 14.76 42.73
CA LEU A 948 -5.48 15.80 41.78
C LEU A 948 -6.84 15.58 41.07
N SER A 949 -7.15 14.33 40.77
CA SER A 949 -8.38 13.99 40.07
C SER A 949 -9.60 14.05 40.96
N THR A 950 -9.42 13.89 42.27
CA THR A 950 -10.55 13.63 43.16
C THR A 950 -10.73 14.67 44.26
N MET A 951 -9.71 15.49 44.49
CA MET A 951 -9.72 16.50 45.53
C MET A 951 -10.83 17.52 45.28
N LYS A 952 -11.14 18.29 46.31
CA LYS A 952 -12.11 19.38 46.19
C LYS A 952 -11.59 20.42 45.20
N GLY A 953 -12.40 20.76 44.21
CA GLY A 953 -11.99 21.73 43.22
C GLY A 953 -10.98 21.17 42.23
N ALA A 954 -11.00 19.85 42.06
CA ALA A 954 -10.11 19.15 41.13
C ALA A 954 -10.07 19.86 39.78
N PRO A 955 -8.88 20.18 39.28
CA PRO A 955 -8.80 20.85 37.97
C PRO A 955 -9.53 20.09 36.86
N LYS A 956 -10.25 20.82 36.01
CA LYS A 956 -11.01 20.21 34.93
C LYS A 956 -10.28 20.37 33.60
N ASN A 957 -10.55 19.49 32.66
CA ASN A 957 -10.00 19.64 31.31
C ASN A 957 -8.48 19.69 31.27
N THR A 958 -7.82 18.78 31.98
CA THR A 958 -6.38 18.65 31.88
C THR A 958 -6.04 17.31 31.22
N LEU A 959 -4.79 17.16 30.82
CA LEU A 959 -4.27 15.84 30.46
C LEU A 959 -3.17 15.53 31.44
N LYS A 960 -3.30 14.43 32.18
CA LYS A 960 -2.30 14.06 33.15
C LYS A 960 -1.38 13.01 32.57
N ILE A 961 -0.08 13.26 32.68
CA ILE A 961 0.93 12.36 32.15
C ILE A 961 1.91 11.98 33.25
N PHE A 962 1.37 11.44 34.35
CA PHE A 962 2.16 10.77 35.37
C PHE A 962 2.81 11.74 36.37
N ASP A 963 3.80 12.50 35.91
CA ASP A 963 4.41 13.48 36.82
C ASP A 963 4.32 14.90 36.25
N GLY A 964 3.50 15.08 35.22
CA GLY A 964 3.24 16.41 34.67
C GLY A 964 1.79 16.49 34.20
N MET A 965 1.24 17.70 34.19
CA MET A 965 -0.17 17.92 33.83
C MET A 965 -0.33 19.09 32.86
N ASN A 966 -0.96 18.84 31.72
CA ASN A 966 -1.26 19.92 30.78
C ASN A 966 -2.52 20.67 31.18
N ILE A 967 -2.39 22.00 31.23
CA ILE A 967 -3.49 22.86 31.71
C ILE A 967 -3.82 23.92 30.66
N GLY A 968 -5.11 24.14 30.44
CA GLY A 968 -5.55 25.19 29.54
C GLY A 968 -5.14 26.55 30.09
N LEU A 969 -4.91 27.51 29.21
CA LEU A 969 -4.29 28.79 29.59
C LEU A 969 -5.12 29.64 30.51
N ASN A 970 -6.42 29.35 30.58
CA ASN A 970 -7.32 30.08 31.45
C ASN A 970 -7.17 29.71 32.93
N ASP A 971 -6.67 28.49 33.20
CA ASP A 971 -6.70 27.97 34.56
C ASP A 971 -5.31 27.58 35.11
N ILE A 972 -4.25 28.14 34.54
CA ILE A 972 -2.91 27.71 34.91
C ILE A 972 -2.58 27.99 36.38
N THR A 973 -3.10 29.09 36.91
CA THR A 973 -2.78 29.49 38.28
C THR A 973 -3.42 28.56 39.29
N ASP A 974 -4.74 28.39 39.21
CA ASP A 974 -5.43 27.58 40.21
C ASP A 974 -5.07 26.08 40.09
N ALA A 975 -5.06 25.55 38.88
CA ALA A 975 -4.66 24.17 38.67
C ALA A 975 -3.26 23.89 39.21
N SER A 976 -2.33 24.82 38.99
CA SER A 976 -0.96 24.62 39.49
C SER A 976 -0.92 24.57 41.00
N ARG A 977 -1.69 25.45 41.64
CA ARG A 977 -1.77 25.46 43.08
C ARG A 977 -2.40 24.17 43.62
N LYS A 978 -3.44 23.67 42.95
CA LYS A 978 -4.05 22.41 43.34
C LYS A 978 -3.02 21.29 43.16
N ALA A 979 -2.23 21.37 42.09
CA ALA A 979 -1.24 20.33 41.81
C ALA A 979 -0.26 20.25 42.99
N ASN A 980 0.22 21.41 43.42
CA ASN A 980 1.16 21.50 44.54
C ASN A 980 0.53 21.09 45.87
N GLU A 981 -0.76 21.38 46.04
CA GLU A 981 -1.47 20.86 47.20
C GLU A 981 -1.54 19.32 47.13
N ALA A 982 -1.78 18.79 45.93
CA ALA A 982 -1.79 17.33 45.75
C ALA A 982 -0.43 16.71 46.07
N VAL A 983 0.65 17.42 45.73
CA VAL A 983 1.98 16.99 46.10
C VAL A 983 2.14 16.89 47.63
N TYR A 984 1.75 17.96 48.32
CA TYR A 984 1.81 18.00 49.77
C TYR A 984 0.98 16.88 50.40
N THR A 985 -0.19 16.62 49.82
CA THR A 985 -1.06 15.56 50.29
C THR A 985 -0.33 14.22 50.16
N SER A 986 0.30 14.00 49.02
CA SER A 986 1.03 12.76 48.83
C SER A 986 2.23 12.67 49.78
N TRP A 987 2.78 13.82 50.18
CA TRP A 987 3.89 13.83 51.15
C TRP A 987 3.46 13.50 52.59
N GLN A 988 2.17 13.30 52.82
CA GLN A 988 1.70 12.82 54.12
C GLN A 988 1.70 11.30 54.15
N GLY A 989 2.10 10.70 53.04
CA GLY A 989 2.16 9.25 52.94
C GLY A 989 3.34 8.68 53.71
N ASN A 990 3.37 7.36 53.84
CA ASN A 990 4.44 6.65 54.54
C ASN A 990 4.54 5.26 53.96
N PRO A 991 5.12 5.14 52.76
CA PRO A 991 5.14 3.83 52.10
C PRO A 991 5.89 2.77 52.92
N ILE A 992 6.90 3.17 53.68
CA ILE A 992 7.61 2.21 54.51
C ILE A 992 6.68 1.66 55.60
N LYS A 993 5.89 2.54 56.20
CA LYS A 993 4.92 2.08 57.19
C LYS A 993 3.98 1.05 56.57
N ASN A 994 3.57 1.30 55.33
CA ASN A 994 2.67 0.39 54.62
C ASN A 994 3.33 -0.97 54.38
N VAL A 995 4.60 -0.95 53.97
CA VAL A 995 5.35 -2.18 53.81
C VAL A 995 5.49 -2.89 55.16
N TYR A 996 5.84 -2.14 56.20
CA TYR A 996 6.00 -2.71 57.52
C TYR A 996 4.75 -3.46 58.00
N GLU A 997 3.60 -2.83 57.83
CA GLU A 997 2.35 -3.43 58.28
C GLU A 997 2.13 -4.78 57.60
N SER A 998 2.47 -4.85 56.32
CA SER A 998 2.29 -6.09 55.56
C SER A 998 3.35 -7.12 55.96
N TYR A 999 4.60 -6.67 56.09
CA TYR A 999 5.72 -7.54 56.39
C TYR A 999 5.65 -8.12 57.81
N ALA A 1000 5.16 -7.34 58.75
CA ALA A 1000 4.95 -7.82 60.12
C ALA A 1000 3.85 -8.89 60.23
N LYS A 1001 2.81 -8.78 59.40
CA LYS A 1001 1.82 -9.85 59.36
C LYS A 1001 2.46 -11.11 58.77
N PHE A 1002 3.22 -10.92 57.69
CA PHE A 1002 3.98 -12.00 57.08
C PHE A 1002 4.86 -12.69 58.10
N MET A 1003 5.58 -11.90 58.91
CA MET A 1003 6.53 -12.46 59.85
C MET A 1003 5.84 -13.25 60.95
N LYS A 1004 4.58 -12.95 61.20
CA LYS A 1004 3.82 -13.63 62.24
C LYS A 1004 3.33 -15.00 61.77
N ASN A 1005 3.33 -15.24 60.46
CA ASN A 1005 2.72 -16.46 59.92
C ASN A 1005 3.65 -17.36 59.11
N VAL A 1006 4.80 -16.83 58.70
CA VAL A 1006 5.68 -17.56 57.81
C VAL A 1006 6.38 -18.70 58.54
N ASP A 1007 6.52 -19.84 57.86
CA ASP A 1007 7.32 -20.95 58.36
C ASP A 1007 8.52 -21.15 57.46
N PHE A 1008 9.66 -20.65 57.88
CA PHE A 1008 10.85 -20.71 57.03
C PHE A 1008 11.33 -22.15 56.78
N SER A 1009 10.96 -23.06 57.68
CA SER A 1009 11.39 -24.46 57.54
C SER A 1009 10.66 -25.17 56.40
N LYS A 1010 9.52 -24.62 56.01
CA LYS A 1010 8.72 -25.24 54.94
C LYS A 1010 9.24 -24.89 53.55
N LEU A 1011 10.17 -23.94 53.47
CA LEU A 1011 10.68 -23.49 52.19
C LEU A 1011 11.67 -24.46 51.56
N SER A 1012 11.63 -24.55 50.23
CA SER A 1012 12.62 -25.29 49.47
C SER A 1012 13.98 -24.68 49.75
N PRO A 1013 15.05 -25.47 49.54
CA PRO A 1013 16.38 -24.90 49.76
C PRO A 1013 16.67 -23.75 48.81
N GLU A 1014 16.08 -23.78 47.62
CA GLU A 1014 16.24 -22.69 46.66
C GLU A 1014 15.63 -21.40 47.24
N ALA A 1015 14.41 -21.51 47.74
CA ALA A 1015 13.75 -20.38 48.39
C ALA A 1015 14.63 -19.87 49.52
N LEU A 1016 15.18 -20.81 50.30
CA LEU A 1016 15.92 -20.49 51.51
C LEU A 1016 17.21 -19.70 51.23
N GLU A 1017 17.89 -20.02 50.14
CA GLU A 1017 19.12 -19.32 49.83
C GLU A 1017 18.83 -17.94 49.25
N ALA A 1018 17.78 -17.85 48.47
CA ALA A 1018 17.35 -16.55 47.93
C ALA A 1018 17.10 -15.58 49.09
N ILE A 1019 16.43 -16.04 50.13
CA ILE A 1019 16.19 -15.22 51.30
C ILE A 1019 17.49 -14.90 52.04
N GLY A 1020 18.44 -15.83 52.02
CA GLY A 1020 19.72 -15.61 52.67
C GLY A 1020 20.46 -14.44 52.03
N LYS A 1021 20.39 -14.38 50.70
CA LYS A 1021 21.02 -13.29 49.95
C LYS A 1021 20.55 -11.92 50.45
N SER A 1022 19.26 -11.82 50.78
CA SER A 1022 18.68 -10.55 51.17
C SER A 1022 18.87 -10.27 52.65
N ALA A 1023 18.65 -11.29 53.47
CA ALA A 1023 18.63 -11.06 54.91
C ALA A 1023 20.00 -11.19 55.56
N LEU A 1024 20.94 -11.84 54.87
CA LEU A 1024 22.24 -12.14 55.47
C LEU A 1024 23.44 -11.59 54.70
N GLU A 1025 24.44 -11.16 55.45
CA GLU A 1025 25.70 -10.72 54.85
C GLU A 1025 26.33 -11.87 54.07
N TYR A 1026 27.04 -11.53 52.99
CA TYR A 1026 27.71 -12.51 52.14
C TYR A 1026 28.28 -13.71 52.89
N ASP A 1027 28.84 -13.47 54.06
CA ASP A 1027 29.53 -14.51 54.83
C ASP A 1027 28.58 -15.51 55.48
N GLN A 1028 27.72 -15.02 56.36
CA GLN A 1028 26.85 -15.88 57.17
C GLN A 1028 25.92 -16.73 56.31
N ARG A 1029 25.99 -16.55 54.99
CA ARG A 1029 25.13 -17.30 54.08
C ARG A 1029 25.61 -18.75 53.97
N GLU A 1030 26.21 -19.09 52.84
CA GLU A 1030 26.79 -20.42 52.60
C GLU A 1030 26.06 -21.57 53.30
N ASN A 1031 26.20 -21.66 54.62
CA ASN A 1031 25.58 -22.75 55.38
C ASN A 1031 24.87 -22.29 56.65
N ALA A 1032 23.88 -21.41 56.51
CA ALA A 1032 23.13 -20.93 57.66
C ALA A 1032 21.84 -21.72 57.85
N THR A 1033 21.36 -21.75 59.09
CA THR A 1033 20.19 -22.55 59.41
C THR A 1033 18.90 -21.79 59.16
N VAL A 1034 17.79 -22.52 59.05
CA VAL A 1034 16.47 -21.90 58.96
C VAL A 1034 16.36 -20.82 60.02
N ASP A 1035 16.86 -21.13 61.22
CA ASP A 1035 16.77 -20.24 62.36
C ASP A 1035 17.62 -18.98 62.19
N ASP A 1036 18.71 -19.11 61.44
CA ASP A 1036 19.56 -17.95 61.16
C ASP A 1036 18.83 -17.02 60.20
N ILE A 1037 18.23 -17.62 59.17
CA ILE A 1037 17.42 -16.89 58.22
C ILE A 1037 16.26 -16.20 58.93
N ALA A 1038 15.53 -16.97 59.71
CA ALA A 1038 14.37 -16.47 60.44
C ALA A 1038 14.72 -15.26 61.30
N ASN A 1039 15.75 -15.41 62.12
CA ASN A 1039 16.14 -14.35 63.02
C ASN A 1039 16.59 -13.10 62.25
N ALA A 1040 17.24 -13.31 61.11
CA ALA A 1040 17.67 -12.20 60.26
C ALA A 1040 16.48 -11.49 59.59
N ALA A 1041 15.46 -12.28 59.23
CA ALA A 1041 14.27 -11.73 58.58
C ALA A 1041 13.50 -10.84 59.55
N SER A 1042 13.52 -11.18 60.83
CA SER A 1042 12.79 -10.41 61.83
C SER A 1042 13.54 -9.15 62.25
N LEU A 1043 14.82 -9.08 61.89
CA LEU A 1043 15.60 -7.88 62.16
C LEU A 1043 15.17 -6.79 61.16
N ILE A 1044 14.91 -7.20 59.93
CA ILE A 1044 14.48 -6.28 58.89
C ILE A 1044 13.17 -5.62 59.29
N GLU A 1045 12.30 -6.40 59.94
CA GLU A 1045 11.01 -5.91 60.39
C GLU A 1045 11.20 -4.81 61.43
N ARG A 1046 12.15 -5.00 62.33
CA ARG A 1046 12.50 -3.97 63.31
C ARG A 1046 13.05 -2.73 62.61
N ASN A 1047 13.89 -2.93 61.61
CA ASN A 1047 14.42 -1.81 60.85
C ASN A 1047 13.32 -1.00 60.19
N LEU A 1048 12.39 -1.72 59.55
CA LEU A 1048 11.23 -1.10 58.91
C LEU A 1048 10.42 -0.33 59.92
N ARG A 1049 10.16 -0.94 61.08
CA ARG A 1049 9.37 -0.28 62.11
C ARG A 1049 9.99 1.05 62.53
N ASN A 1050 11.31 1.06 62.69
CA ASN A 1050 12.02 2.27 63.09
C ASN A 1050 11.99 3.37 62.03
N ILE A 1051 12.25 3.00 60.78
CA ILE A 1051 12.18 3.94 59.67
C ILE A 1051 10.80 4.57 59.60
N ALA A 1052 9.77 3.74 59.67
CA ALA A 1052 8.38 4.16 59.54
C ALA A 1052 7.99 5.14 60.63
N LEU A 1053 8.53 4.91 61.83
CA LEU A 1053 8.33 5.82 62.95
C LEU A 1053 8.96 7.17 62.65
N GLY A 1054 10.19 7.16 62.15
CA GLY A 1054 10.88 8.39 61.84
C GLY A 1054 10.16 9.20 60.77
N VAL A 1055 9.84 8.53 59.66
CA VAL A 1055 9.13 9.18 58.57
C VAL A 1055 7.90 9.90 59.10
N ASP A 1056 7.17 9.21 59.97
CA ASP A 1056 5.92 9.72 60.49
C ASP A 1056 6.14 10.98 61.30
N ILE A 1057 7.22 11.00 62.09
CA ILE A 1057 7.53 12.15 62.93
C ILE A 1057 7.93 13.34 62.07
N ARG A 1058 8.86 13.11 61.15
CA ARG A 1058 9.31 14.17 60.24
C ARG A 1058 8.14 14.85 59.57
N HIS A 1059 7.24 14.07 59.02
CA HIS A 1059 6.08 14.64 58.33
C HIS A 1059 5.21 15.50 59.24
N LYS A 1060 5.01 15.06 60.48
CA LYS A 1060 4.19 15.83 61.43
C LYS A 1060 4.89 17.12 61.78
N VAL A 1061 6.19 17.02 62.03
CA VAL A 1061 7.01 18.18 62.38
C VAL A 1061 7.02 19.20 61.23
N LEU A 1062 7.36 18.73 60.04
CA LEU A 1062 7.29 19.53 58.81
C LEU A 1062 5.96 20.25 58.62
N ASP A 1063 4.87 19.58 59.00
CA ASP A 1063 3.55 20.19 58.88
C ASP A 1063 3.31 21.34 59.87
N LYS A 1064 4.09 21.40 60.94
CA LYS A 1064 3.95 22.49 61.92
C LYS A 1064 4.62 23.79 61.46
N VAL A 1065 5.51 23.66 60.48
CA VAL A 1065 6.37 24.75 60.03
C VAL A 1065 5.83 25.43 58.76
N ASN A 1066 6.25 26.67 58.51
CA ASN A 1066 5.76 27.37 57.33
C ASN A 1066 6.45 26.92 56.03
N LEU A 1067 5.67 26.30 55.16
CA LEU A 1067 6.18 25.67 53.93
C LEU A 1067 5.57 26.26 52.68
N SER A 1068 6.37 26.40 51.64
CA SER A 1068 5.87 26.81 50.35
C SER A 1068 6.28 25.70 49.41
N ILE A 1069 5.33 25.16 48.69
CA ILE A 1069 5.60 23.98 47.87
C ILE A 1069 5.34 24.24 46.41
N ASP A 1070 6.39 24.14 45.60
CA ASP A 1070 6.30 24.36 44.17
C ASP A 1070 7.06 23.27 43.45
N GLN A 1071 6.70 22.02 43.71
CA GLN A 1071 7.28 20.89 43.00
C GLN A 1071 6.70 20.74 41.58
N MET A 1072 5.42 21.03 41.42
CA MET A 1072 4.80 21.04 40.09
C MET A 1072 4.96 22.41 39.45
N ALA A 1073 6.16 22.65 38.92
CA ALA A 1073 6.61 24.00 38.61
C ALA A 1073 6.29 24.48 37.20
N ALA A 1074 6.36 25.79 37.02
CA ALA A 1074 6.32 26.46 35.71
C ALA A 1074 5.58 27.77 35.89
N VAL A 1075 4.39 27.69 36.44
CA VAL A 1075 3.47 28.80 36.52
C VAL A 1075 3.85 29.78 37.64
N GLY A 1076 4.41 29.26 38.73
CA GLY A 1076 4.74 30.10 39.86
C GLY A 1076 3.57 30.28 40.81
N ALA A 1077 2.82 29.22 41.03
CA ALA A 1077 1.68 29.22 41.94
C ALA A 1077 1.86 28.15 43.02
N PRO A 1078 2.66 28.46 44.05
CA PRO A 1078 3.00 27.52 45.13
C PRO A 1078 1.92 27.35 46.17
N TYR A 1079 1.83 26.13 46.70
CA TYR A 1079 0.92 25.83 47.77
C TYR A 1079 1.55 26.16 49.10
N GLN A 1080 0.80 26.87 49.93
CA GLN A 1080 1.23 27.22 51.28
C GLN A 1080 0.52 26.34 52.28
N ASN A 1081 1.27 25.63 53.12
CA ASN A 1081 0.66 24.76 54.13
C ASN A 1081 0.15 25.54 55.35
N ASN A 1082 0.51 26.80 55.45
CA ASN A 1082 0.13 27.59 56.62
C ASN A 1082 0.52 26.94 57.96
N GLY A 1083 1.76 26.46 58.05
CA GLY A 1083 2.30 26.03 59.32
C GLY A 1083 2.56 27.26 60.17
N LYS A 1084 2.36 27.14 61.47
CA LYS A 1084 2.37 28.30 62.36
C LYS A 1084 3.77 28.67 62.83
N ILE A 1085 4.60 27.66 63.06
CA ILE A 1085 5.98 27.92 63.46
C ILE A 1085 6.75 28.52 62.29
N ASP A 1086 7.36 29.67 62.52
CA ASP A 1086 7.96 30.47 61.44
C ASP A 1086 9.47 30.30 61.38
N LEU A 1087 9.96 29.74 60.27
CA LEU A 1087 11.40 29.48 60.14
C LEU A 1087 12.08 30.37 59.09
N SER A 1088 11.46 31.51 58.79
CA SER A 1088 12.07 32.48 57.89
C SER A 1088 13.29 33.13 58.55
N ASN A 1089 14.15 33.74 57.73
CA ASN A 1089 15.36 34.39 58.23
C ASN A 1089 16.27 33.44 59.00
N MET A 1090 16.28 32.18 58.59
CA MET A 1090 17.11 31.18 59.25
C MET A 1090 17.91 30.42 58.20
N THR A 1091 19.13 30.01 58.56
CA THR A 1091 19.92 29.18 57.68
C THR A 1091 19.45 27.73 57.75
N PRO A 1092 19.80 26.93 56.73
CA PRO A 1092 19.47 25.51 56.77
C PRO A 1092 19.92 24.86 58.09
N GLU A 1093 21.09 25.24 58.57
CA GLU A 1093 21.59 24.72 59.84
C GLU A 1093 20.67 25.10 60.99
N GLN A 1094 20.28 26.37 61.06
CA GLN A 1094 19.34 26.80 62.08
C GLN A 1094 18.02 26.06 61.94
N GLN A 1095 17.51 26.01 60.71
CA GLN A 1095 16.26 25.28 60.44
C GLN A 1095 16.34 23.81 60.86
N ALA A 1096 17.43 23.13 60.54
CA ALA A 1096 17.56 21.72 60.91
C ALA A 1096 17.54 21.53 62.42
N ASP A 1097 18.23 22.41 63.15
CA ASP A 1097 18.23 22.38 64.61
C ASP A 1097 16.82 22.55 65.19
N GLU A 1098 16.10 23.54 64.67
CA GLU A 1098 14.73 23.78 65.11
C GLU A 1098 13.80 22.62 64.79
N LEU A 1099 13.95 22.02 63.61
CA LEU A 1099 13.12 20.87 63.27
C LEU A 1099 13.47 19.66 64.14
N ASN A 1100 14.74 19.52 64.50
CA ASN A 1100 15.16 18.42 65.36
C ASN A 1100 14.69 18.54 66.81
N LYS A 1101 14.54 19.76 67.28
CA LYS A 1101 13.90 19.97 68.57
C LYS A 1101 12.45 19.48 68.52
N LEU A 1102 11.71 19.90 67.50
CA LEU A 1102 10.31 19.48 67.34
C LEU A 1102 10.23 17.96 67.24
N PHE A 1103 11.21 17.37 66.59
CA PHE A 1103 11.27 15.93 66.38
C PHE A 1103 11.45 15.20 67.72
N ARG A 1104 12.36 15.70 68.53
CA ARG A 1104 12.61 15.08 69.83
C ARG A 1104 11.40 15.24 70.74
N GLU A 1105 10.77 16.40 70.68
CA GLU A 1105 9.60 16.67 71.50
C GLU A 1105 8.42 15.81 71.08
N GLU A 1106 8.34 15.46 69.80
CA GLU A 1106 7.26 14.61 69.30
C GLU A 1106 7.56 13.15 69.61
N LEU A 1107 8.85 12.84 69.66
CA LEU A 1107 9.30 11.50 70.00
C LEU A 1107 8.99 11.19 71.45
N GLU A 1108 8.87 12.25 72.26
CA GLU A 1108 8.57 12.10 73.68
C GLU A 1108 7.06 12.04 73.92
N ALA A 1109 6.30 12.78 73.14
CA ALA A 1109 4.85 12.74 73.23
C ALA A 1109 4.36 11.30 73.12
N ARG A 1110 5.08 10.48 72.35
CA ARG A 1110 4.68 9.11 72.12
C ARG A 1110 5.36 8.16 73.08
N LYS A 1111 6.67 8.33 73.24
CA LYS A 1111 7.43 7.56 74.21
C LYS A 1111 6.71 7.56 75.55
N GLN A 1112 5.95 8.61 75.79
CA GLN A 1112 5.17 8.74 77.00
C GLN A 1112 3.69 8.88 76.67
N GLU C 18 -4.05 -46.23 -28.74
CA GLU C 18 -4.03 -47.43 -27.92
C GLU C 18 -2.99 -47.33 -26.81
N GLU C 19 -1.75 -47.04 -27.19
CA GLU C 19 -0.69 -46.84 -26.21
C GLU C 19 -0.81 -45.45 -25.58
N LEU C 20 -1.51 -44.56 -26.25
CA LEU C 20 -1.78 -43.22 -25.72
C LEU C 20 -2.70 -43.34 -24.51
N LYS C 21 -3.71 -44.20 -24.64
CA LYS C 21 -4.66 -44.43 -23.57
C LYS C 21 -3.93 -44.97 -22.34
N GLU C 22 -3.11 -45.98 -22.53
CA GLU C 22 -2.42 -46.61 -21.40
C GLU C 22 -1.26 -45.78 -20.87
N GLY C 23 -0.79 -44.84 -21.69
CA GLY C 23 0.22 -43.89 -21.25
C GLY C 23 -0.36 -42.92 -20.23
N ILE C 24 -1.47 -42.27 -20.59
CA ILE C 24 -2.09 -41.30 -19.68
C ILE C 24 -2.57 -41.97 -18.40
N ASP C 25 -3.08 -43.19 -18.50
CA ASP C 25 -3.55 -43.91 -17.32
C ASP C 25 -2.42 -44.19 -16.34
N ALA C 26 -1.23 -44.43 -16.87
CA ALA C 26 -0.07 -44.74 -16.04
C ALA C 26 0.32 -43.55 -15.15
N VAL C 27 0.08 -42.34 -15.65
CA VAL C 27 0.43 -41.12 -14.91
C VAL C 27 -0.66 -40.74 -13.93
N TYR C 28 -1.91 -41.02 -14.30
CA TYR C 28 -3.07 -40.78 -13.42
C TYR C 28 -3.90 -42.06 -13.22
N PRO C 29 -3.31 -43.05 -12.54
CA PRO C 29 -3.94 -44.37 -12.44
C PRO C 29 -5.16 -44.39 -11.52
N SER C 30 -5.24 -43.48 -10.57
CA SER C 30 -6.29 -43.54 -9.57
C SER C 30 -7.43 -42.54 -9.72
N LEU C 31 -7.48 -41.83 -10.85
CA LEU C 31 -8.63 -40.96 -11.12
C LEU C 31 -9.92 -41.79 -11.18
N VAL C 32 -11.00 -41.23 -10.67
CA VAL C 32 -12.29 -41.92 -10.65
C VAL C 32 -12.77 -42.25 -12.07
N GLY C 33 -13.39 -43.40 -12.25
CA GLY C 33 -14.02 -43.72 -13.53
C GLY C 33 -13.16 -44.47 -14.55
N THR C 34 -13.83 -45.03 -15.54
CA THR C 34 -13.16 -45.75 -16.62
C THR C 34 -12.88 -44.81 -17.78
N ALA C 35 -11.71 -44.92 -18.39
CA ALA C 35 -11.41 -44.15 -19.60
C ALA C 35 -11.93 -44.87 -20.84
N ASP C 36 -13.25 -44.96 -20.95
CA ASP C 36 -13.90 -45.55 -22.10
C ASP C 36 -15.24 -44.85 -22.27
N SER C 37 -15.41 -44.16 -23.39
CA SER C 37 -16.63 -43.38 -23.57
C SER C 37 -17.87 -44.26 -23.62
N LYS C 38 -17.66 -45.55 -23.89
CA LYS C 38 -18.79 -46.47 -24.03
C LYS C 38 -19.09 -47.24 -22.75
N ALA C 39 -18.29 -47.02 -21.71
CA ALA C 39 -18.48 -47.72 -20.43
C ALA C 39 -19.83 -47.38 -19.79
N GLU C 40 -20.23 -48.20 -18.82
CA GLU C 40 -21.58 -48.10 -18.26
C GLU C 40 -21.67 -47.20 -17.02
N GLY C 41 -20.68 -47.27 -16.15
CA GLY C 41 -20.68 -46.48 -14.94
C GLY C 41 -20.09 -45.09 -15.12
N ILE C 42 -19.29 -44.65 -14.15
CA ILE C 42 -18.62 -43.37 -14.26
C ILE C 42 -17.48 -43.44 -15.27
N LYS C 43 -17.46 -42.48 -16.20
CA LYS C 43 -16.39 -42.41 -17.19
C LYS C 43 -15.48 -41.26 -16.83
N ASN C 44 -14.18 -41.46 -16.97
CA ASN C 44 -13.28 -40.37 -16.65
C ASN C 44 -12.95 -39.54 -17.87
N TYR C 45 -13.43 -38.30 -17.89
CA TYR C 45 -13.27 -37.45 -19.07
C TYR C 45 -11.96 -36.68 -19.10
N PHE C 46 -11.18 -36.75 -18.02
CA PHE C 46 -9.85 -36.18 -18.08
C PHE C 46 -8.96 -37.06 -18.95
N LYS C 47 -8.92 -38.35 -18.64
CA LYS C 47 -8.09 -39.28 -19.39
C LYS C 47 -8.63 -39.52 -20.81
N LEU C 48 -9.93 -39.31 -21.01
CA LEU C 48 -10.50 -39.38 -22.35
C LEU C 48 -10.11 -38.19 -23.20
N SER C 49 -10.00 -37.03 -22.56
CA SER C 49 -9.81 -35.78 -23.28
C SER C 49 -8.35 -35.36 -23.48
N PHE C 50 -7.41 -35.91 -22.71
CA PHE C 50 -6.02 -35.49 -22.81
C PHE C 50 -5.04 -36.66 -22.95
N THR C 51 -3.91 -36.40 -23.61
CA THR C 51 -2.87 -37.42 -23.77
C THR C 51 -1.50 -36.83 -23.39
N LEU C 52 -0.53 -37.69 -23.14
CA LEU C 52 0.84 -37.26 -22.93
C LEU C 52 1.42 -36.79 -24.25
N PRO C 53 2.14 -35.67 -24.22
CA PRO C 53 2.73 -35.15 -25.46
C PRO C 53 3.97 -35.96 -25.87
N GLU C 54 4.23 -36.01 -27.18
CA GLU C 54 5.42 -36.70 -27.66
C GLU C 54 6.66 -36.15 -26.95
N GLU C 55 6.73 -34.84 -26.83
CA GLU C 55 7.87 -34.18 -26.20
C GLU C 55 7.41 -33.41 -24.96
N GLN C 56 8.09 -33.66 -23.84
CA GLN C 56 7.78 -33.01 -22.56
C GLN C 56 7.55 -31.50 -22.69
N LYS C 57 6.46 -31.03 -22.11
CA LYS C 57 6.11 -29.61 -22.15
C LYS C 57 6.20 -28.98 -20.76
N SER C 58 5.87 -29.77 -19.74
CA SER C 58 5.85 -29.25 -18.38
C SER C 58 6.63 -30.21 -17.51
N ARG C 59 7.40 -29.66 -16.58
CA ARG C 59 8.30 -30.45 -15.75
C ARG C 59 7.61 -30.93 -14.47
N THR C 60 6.31 -30.68 -14.37
CA THR C 60 5.56 -31.16 -13.21
C THR C 60 4.83 -32.47 -13.54
N VAL C 61 4.72 -32.78 -14.83
CA VAL C 61 4.11 -34.03 -15.23
C VAL C 61 4.91 -35.18 -14.59
N GLY C 62 4.22 -36.02 -13.84
CA GLY C 62 4.86 -37.14 -13.17
C GLY C 62 5.22 -36.85 -11.72
N SER C 63 5.13 -35.58 -11.33
CA SER C 63 5.42 -35.19 -9.97
C SER C 63 4.26 -35.43 -9.00
N GLU C 64 4.53 -36.13 -7.90
CA GLU C 64 3.51 -36.45 -6.92
C GLU C 64 3.21 -35.27 -6.01
N ALA C 65 4.03 -34.22 -6.07
CA ALA C 65 3.85 -33.04 -5.24
C ALA C 65 4.45 -31.81 -5.89
N PRO C 66 3.81 -31.31 -6.96
CA PRO C 66 4.33 -30.18 -7.72
C PRO C 66 4.72 -28.97 -6.87
N LEU C 67 3.85 -28.54 -5.93
CA LEU C 67 4.16 -27.35 -5.13
C LEU C 67 5.43 -27.52 -4.31
N LYS C 68 5.60 -28.69 -3.73
CA LYS C 68 6.80 -29.00 -2.97
C LYS C 68 8.04 -29.02 -3.88
N ASP C 69 7.92 -29.68 -5.03
CA ASP C 69 9.05 -29.88 -5.93
C ASP C 69 9.51 -28.59 -6.59
N VAL C 70 8.58 -27.67 -6.86
CA VAL C 70 8.93 -26.41 -7.51
C VAL C 70 9.46 -25.44 -6.44
N ALA C 71 8.91 -25.51 -5.24
CA ALA C 71 9.42 -24.68 -4.16
C ALA C 71 10.88 -25.07 -3.89
N GLN C 72 11.15 -26.37 -3.94
CA GLN C 72 12.49 -26.90 -3.76
C GLN C 72 13.43 -26.37 -4.83
N ALA C 73 12.96 -26.40 -6.08
CA ALA C 73 13.69 -25.83 -7.21
C ALA C 73 13.97 -24.33 -7.03
N LEU C 74 13.01 -23.62 -6.46
CA LEU C 74 13.15 -22.16 -6.31
C LEU C 74 13.94 -21.78 -5.06
N SER C 75 14.43 -22.77 -4.31
CA SER C 75 15.05 -22.49 -3.03
C SER C 75 16.51 -22.03 -3.12
N SER C 76 17.13 -22.18 -4.29
CA SER C 76 18.49 -21.75 -4.50
C SER C 76 18.83 -21.77 -5.99
N ARG C 77 19.79 -20.95 -6.39
CA ARG C 77 20.23 -20.92 -7.78
C ARG C 77 20.63 -22.29 -8.28
N ALA C 78 21.39 -23.02 -7.47
CA ALA C 78 21.90 -24.32 -7.87
C ALA C 78 20.77 -25.31 -8.14
N ARG C 79 19.78 -25.33 -7.26
CA ARG C 79 18.63 -26.20 -7.42
C ARG C 79 17.80 -25.83 -8.65
N TYR C 80 17.66 -24.53 -8.89
CA TYR C 80 16.91 -24.04 -10.05
C TYR C 80 17.59 -24.47 -11.35
N GLU C 81 18.92 -24.37 -11.38
CA GLU C 81 19.66 -24.74 -12.57
C GLU C 81 19.54 -26.23 -12.85
N LEU C 82 19.50 -27.04 -11.79
CA LEU C 82 19.31 -28.48 -11.92
C LEU C 82 17.91 -28.82 -12.44
N PHE C 83 16.89 -28.27 -11.80
CA PHE C 83 15.50 -28.53 -12.17
C PHE C 83 15.22 -28.15 -13.61
N THR C 84 15.81 -27.04 -14.06
CA THR C 84 15.55 -26.53 -15.40
C THR C 84 16.57 -27.02 -16.42
N GLU C 85 17.55 -27.79 -15.95
CA GLU C 85 18.55 -28.36 -16.84
C GLU C 85 19.29 -27.29 -17.64
N LYS C 86 19.50 -26.13 -17.03
CA LYS C 86 20.21 -25.03 -17.67
C LYS C 86 21.40 -24.68 -16.81
N GLU C 87 22.58 -24.57 -17.40
CA GLU C 87 23.81 -24.43 -16.62
C GLU C 87 23.84 -23.17 -15.76
N THR C 88 23.29 -22.08 -16.28
CA THR C 88 23.29 -20.82 -15.54
C THR C 88 21.90 -20.16 -15.58
N ALA C 89 21.47 -19.65 -14.43
CA ALA C 89 20.14 -19.04 -14.31
C ALA C 89 20.19 -17.52 -14.47
N ASN C 90 19.04 -16.94 -14.84
CA ASN C 90 18.89 -15.48 -14.88
C ASN C 90 19.48 -14.87 -13.61
N PRO C 91 20.50 -14.00 -13.76
CA PRO C 91 21.16 -13.41 -12.59
C PRO C 91 20.22 -12.56 -11.73
N ALA C 92 19.09 -12.14 -12.28
CA ALA C 92 18.07 -11.47 -11.47
C ALA C 92 17.51 -12.41 -10.38
N PHE C 93 17.62 -13.72 -10.61
CA PHE C 93 17.17 -14.70 -9.60
C PHE C 93 18.23 -14.84 -8.52
N ASN C 94 18.20 -13.90 -7.57
CA ASN C 94 19.21 -13.84 -6.53
C ASN C 94 18.63 -14.08 -5.15
N GLY C 95 19.38 -13.72 -4.12
CA GLY C 95 18.98 -14.05 -2.76
C GLY C 95 17.69 -13.38 -2.34
N GLU C 96 17.53 -12.13 -2.71
CA GLU C 96 16.36 -11.37 -2.29
C GLU C 96 15.08 -11.90 -2.97
N VAL C 97 15.21 -12.23 -4.26
CA VAL C 97 14.10 -12.73 -5.03
C VAL C 97 13.72 -14.12 -4.55
N ILE C 98 14.73 -14.93 -4.23
CA ILE C 98 14.50 -16.27 -3.68
C ILE C 98 13.70 -16.22 -2.38
N LYS C 99 14.01 -15.25 -1.53
CA LYS C 99 13.27 -15.09 -0.30
C LYS C 99 11.78 -14.83 -0.58
N ARG C 100 11.49 -14.04 -1.61
CA ARG C 100 10.11 -13.68 -1.92
C ARG C 100 9.33 -14.84 -2.54
N TYR C 101 10.00 -15.67 -3.34
CA TYR C 101 9.35 -16.84 -3.89
C TYR C 101 9.11 -17.91 -2.82
N LYS C 102 10.02 -18.01 -1.86
CA LYS C 102 9.79 -18.93 -0.76
C LYS C 102 8.43 -18.63 -0.12
N GLU C 103 8.17 -17.36 0.14
CA GLU C 103 6.91 -16.94 0.74
C GLU C 103 5.70 -17.15 -0.19
N LEU C 104 5.89 -16.92 -1.48
CA LEU C 104 4.82 -17.11 -2.46
C LEU C 104 4.44 -18.58 -2.52
N MET C 105 5.42 -19.47 -2.40
CA MET C 105 5.14 -20.90 -2.42
C MET C 105 4.27 -21.29 -1.24
N GLU C 106 4.57 -20.70 -0.08
CA GLU C 106 3.79 -20.94 1.13
C GLU C 106 2.36 -20.44 0.94
N HIS C 107 2.24 -19.31 0.26
CA HIS C 107 0.90 -18.78 -0.09
C HIS C 107 0.16 -19.81 -0.95
N GLY C 108 0.88 -20.43 -1.89
CA GLY C 108 0.33 -21.51 -2.69
C GLY C 108 -0.29 -22.64 -1.88
N GLU C 109 0.35 -23.01 -0.78
CA GLU C 109 -0.19 -24.05 0.09
C GLU C 109 -1.52 -23.61 0.69
N GLY C 110 -1.62 -22.33 1.04
CA GLY C 110 -2.88 -21.77 1.51
C GLY C 110 -3.96 -21.88 0.44
N ILE C 111 -3.62 -21.50 -0.79
CA ILE C 111 -4.57 -21.59 -1.89
C ILE C 111 -5.06 -23.02 -2.07
N ALA C 112 -4.12 -23.97 -2.05
CA ALA C 112 -4.50 -25.38 -2.19
C ALA C 112 -5.43 -25.82 -1.07
N ASP C 113 -5.12 -25.43 0.18
CA ASP C 113 -6.01 -25.77 1.30
C ASP C 113 -7.41 -25.22 1.10
N ILE C 114 -7.52 -24.00 0.58
CA ILE C 114 -8.83 -23.43 0.32
C ILE C 114 -9.54 -24.31 -0.71
N LEU C 115 -8.80 -24.69 -1.75
CA LEU C 115 -9.40 -25.52 -2.81
C LEU C 115 -9.93 -26.86 -2.28
N ARG C 116 -9.16 -27.48 -1.39
CA ARG C 116 -9.56 -28.76 -0.82
C ARG C 116 -10.85 -28.67 -0.03
N SER C 117 -11.05 -27.60 0.74
CA SER C 117 -12.28 -27.46 1.53
C SER C 117 -13.47 -27.12 0.65
N ARG C 118 -13.24 -26.35 -0.40
CA ARG C 118 -14.31 -26.02 -1.34
C ARG C 118 -14.82 -27.29 -2.02
N LEU C 119 -13.91 -28.20 -2.37
CA LEU C 119 -14.30 -29.50 -2.89
C LEU C 119 -15.12 -30.30 -1.87
N ALA C 120 -14.62 -30.36 -0.62
CA ALA C 120 -15.34 -31.10 0.43
C ALA C 120 -16.77 -30.58 0.64
N LYS C 121 -16.93 -29.26 0.67
CA LYS C 121 -18.26 -28.66 0.80
C LYS C 121 -19.15 -29.05 -0.37
N PHE C 122 -18.59 -28.96 -1.57
CA PHE C 122 -19.34 -29.30 -2.77
C PHE C 122 -19.81 -30.74 -2.72
N LEU C 123 -18.96 -31.63 -2.22
CA LEU C 123 -19.30 -33.05 -2.16
C LEU C 123 -20.37 -33.32 -1.12
N ASN C 124 -20.37 -32.53 -0.05
CA ASN C 124 -21.33 -32.74 1.02
C ASN C 124 -22.70 -32.10 0.76
N THR C 125 -22.71 -30.95 0.08
CA THR C 125 -23.97 -30.26 -0.21
C THR C 125 -24.85 -31.04 -1.20
N LYS C 126 -26.11 -31.22 -0.85
CA LYS C 126 -27.06 -31.97 -1.69
C LYS C 126 -26.64 -33.41 -1.93
N ASP C 127 -25.77 -33.93 -1.06
CA ASP C 127 -25.31 -35.31 -1.15
C ASP C 127 -24.64 -35.64 -2.47
N VAL C 128 -24.03 -34.64 -3.09
CA VAL C 128 -23.40 -34.84 -4.39
C VAL C 128 -22.37 -35.95 -4.36
N GLY C 129 -21.55 -35.99 -3.32
CA GLY C 129 -20.53 -37.02 -3.22
C GLY C 129 -21.11 -38.42 -3.14
N LYS C 130 -22.11 -38.60 -2.29
CA LYS C 130 -22.75 -39.90 -2.15
C LYS C 130 -23.44 -40.31 -3.45
N ARG C 131 -24.05 -39.34 -4.12
CA ARG C 131 -24.75 -39.62 -5.36
C ARG C 131 -23.78 -39.94 -6.48
N PHE C 132 -22.61 -39.33 -6.44
CA PHE C 132 -21.58 -39.61 -7.43
C PHE C 132 -21.08 -41.04 -7.24
N ALA C 133 -20.85 -41.43 -5.99
CA ALA C 133 -20.41 -42.77 -5.64
C ALA C 133 -21.45 -43.80 -6.05
N GLN C 134 -22.72 -43.41 -6.00
CA GLN C 134 -23.80 -44.31 -6.40
C GLN C 134 -23.93 -44.35 -7.92
N GLY C 135 -23.15 -43.53 -8.62
CA GLY C 135 -23.14 -43.56 -10.06
C GLY C 135 -23.87 -42.46 -10.82
N THR C 136 -24.31 -41.41 -10.15
CA THR C 136 -24.85 -40.29 -10.91
C THR C 136 -23.68 -39.64 -11.62
N GLU C 137 -23.87 -39.24 -12.88
CA GLU C 137 -22.75 -38.71 -13.67
C GLU C 137 -22.50 -37.23 -13.39
N ALA C 138 -22.26 -36.95 -12.12
CA ALA C 138 -22.01 -35.60 -11.64
C ALA C 138 -20.80 -35.00 -12.36
N ASN C 139 -19.90 -35.86 -12.84
CA ASN C 139 -18.70 -35.37 -13.50
C ASN C 139 -18.98 -34.80 -14.88
N ARG C 140 -20.25 -34.80 -15.28
CA ARG C 140 -20.62 -34.29 -16.58
C ARG C 140 -21.52 -33.07 -16.43
N TRP C 141 -21.76 -32.65 -15.20
CA TRP C 141 -22.52 -31.43 -14.94
C TRP C 141 -21.64 -30.24 -15.27
N VAL C 142 -22.26 -29.08 -15.51
CA VAL C 142 -21.50 -27.88 -15.78
C VAL C 142 -20.65 -27.49 -14.57
N GLY C 143 -21.10 -27.86 -13.38
CA GLY C 143 -20.37 -27.51 -12.17
C GLY C 143 -19.59 -28.66 -11.55
N GLY C 144 -19.58 -29.82 -12.20
CA GLY C 144 -18.97 -31.00 -11.64
C GLY C 144 -17.80 -31.58 -12.42
N LYS C 145 -17.36 -30.89 -13.46
CA LYS C 145 -16.27 -31.39 -14.29
C LYS C 145 -14.95 -31.61 -13.53
N LEU C 146 -14.74 -30.91 -12.43
CA LEU C 146 -13.53 -31.15 -11.63
C LEU C 146 -13.54 -32.55 -10.99
N LEU C 147 -14.72 -33.17 -10.94
CA LEU C 147 -14.83 -34.53 -10.44
C LEU C 147 -14.10 -35.52 -11.35
N ASN C 148 -13.68 -35.07 -12.53
CA ASN C 148 -12.87 -35.90 -13.42
C ASN C 148 -11.43 -35.96 -12.98
N ILE C 149 -11.05 -35.10 -12.06
CA ILE C 149 -9.71 -35.16 -11.50
C ILE C 149 -9.71 -35.45 -10.01
N VAL C 150 -10.73 -36.14 -9.51
CA VAL C 150 -10.70 -36.60 -8.11
C VAL C 150 -10.45 -38.10 -8.00
N GLU C 151 -10.07 -38.53 -6.81
CA GLU C 151 -9.83 -39.94 -6.51
C GLU C 151 -10.66 -40.36 -5.30
N GLN C 152 -11.08 -41.62 -5.26
CA GLN C 152 -11.87 -42.05 -4.13
C GLN C 152 -11.04 -42.00 -2.85
N ASP C 153 -11.65 -41.49 -1.78
CA ASP C 153 -10.98 -41.44 -0.48
C ASP C 153 -11.91 -41.92 0.64
N GLY C 154 -11.75 -43.17 1.05
CA GLY C 154 -12.71 -43.78 1.96
C GLY C 154 -14.11 -43.61 1.42
N ASP C 155 -14.96 -42.91 2.16
CA ASP C 155 -16.36 -42.77 1.77
C ASP C 155 -16.64 -41.48 0.99
N THR C 156 -15.58 -40.80 0.58
CA THR C 156 -15.71 -39.52 -0.13
C THR C 156 -14.66 -39.44 -1.25
N PHE C 157 -14.32 -38.24 -1.70
CA PHE C 157 -13.38 -38.10 -2.80
C PHE C 157 -12.41 -36.98 -2.50
N LYS C 158 -11.24 -36.99 -3.15
CA LYS C 158 -10.25 -35.95 -2.96
C LYS C 158 -9.54 -35.62 -4.26
N TYR C 159 -8.99 -34.42 -4.36
CA TYR C 159 -8.22 -34.04 -5.54
C TYR C 159 -7.02 -34.94 -5.76
N ASN C 160 -6.78 -35.28 -7.02
CA ASN C 160 -5.46 -35.75 -7.42
C ASN C 160 -4.49 -34.59 -7.14
N GLU C 161 -3.54 -34.82 -6.24
CA GLU C 161 -2.65 -33.75 -5.77
C GLU C 161 -1.74 -33.17 -6.84
N GLN C 162 -1.29 -33.99 -7.78
CA GLN C 162 -0.42 -33.50 -8.86
C GLN C 162 -1.16 -32.47 -9.73
N LEU C 163 -2.39 -32.76 -10.09
CA LEU C 163 -3.17 -31.86 -10.94
C LEU C 163 -3.56 -30.57 -10.21
N LEU C 164 -3.93 -30.72 -8.95
CA LEU C 164 -4.33 -29.58 -8.12
C LEU C 164 -3.14 -28.66 -7.92
N GLN C 165 -2.00 -29.22 -7.53
CA GLN C 165 -0.85 -28.41 -7.18
C GLN C 165 -0.24 -27.71 -8.40
N THR C 166 -0.22 -28.40 -9.53
CA THR C 166 0.20 -27.77 -10.80
C THR C 166 -0.69 -26.58 -11.14
N ALA C 167 -2.00 -26.73 -10.91
CA ALA C 167 -2.95 -25.67 -11.22
C ALA C 167 -2.72 -24.49 -10.31
N VAL C 168 -2.39 -24.76 -9.05
CA VAL C 168 -2.08 -23.69 -8.13
C VAL C 168 -0.85 -22.92 -8.60
N LEU C 169 0.17 -23.64 -9.09
CA LEU C 169 1.36 -22.98 -9.63
C LEU C 169 1.00 -22.03 -10.77
N ALA C 170 0.06 -22.45 -11.62
CA ALA C 170 -0.38 -21.62 -12.74
C ALA C 170 -1.11 -20.39 -12.21
N GLY C 171 -1.87 -20.58 -11.14
CA GLY C 171 -2.58 -19.48 -10.50
C GLY C 171 -1.63 -18.43 -9.93
N LEU C 172 -0.60 -18.89 -9.24
CA LEU C 172 0.42 -17.98 -8.68
C LEU C 172 1.09 -17.18 -9.81
N GLN C 173 1.52 -17.85 -10.86
CA GLN C 173 2.10 -17.12 -11.98
C GLN C 173 1.11 -16.12 -12.55
N TRP C 174 -0.13 -16.57 -12.76
CA TRP C 174 -1.20 -15.71 -13.27
C TRP C 174 -1.37 -14.48 -12.38
N ARG C 175 -1.40 -14.70 -11.08
CA ARG C 175 -1.53 -13.63 -10.11
C ARG C 175 -0.36 -12.64 -10.25
N LEU C 176 0.82 -13.13 -10.59
CA LEU C 176 1.99 -12.26 -10.72
C LEU C 176 1.98 -11.39 -11.99
N THR C 177 1.53 -11.94 -13.11
CA THR C 177 1.71 -11.28 -14.40
C THR C 177 0.47 -11.02 -15.25
N ALA C 178 -0.70 -11.53 -14.85
CA ALA C 178 -1.91 -11.35 -15.67
C ALA C 178 -2.26 -9.89 -15.97
N THR C 179 -2.13 -9.04 -14.95
CA THR C 179 -2.48 -7.63 -15.08
C THR C 179 -1.69 -6.96 -16.19
N SER C 180 -0.44 -7.37 -16.37
CA SER C 180 0.43 -6.70 -17.32
C SER C 180 0.28 -7.29 -18.72
N ASN C 181 -0.63 -8.24 -18.88
CA ASN C 181 -0.88 -8.83 -20.18
C ASN C 181 -2.32 -8.66 -20.67
N THR C 182 -3.15 -7.98 -19.88
CA THR C 182 -4.53 -7.79 -20.29
C THR C 182 -4.64 -6.86 -21.49
N ALA C 183 -5.67 -7.07 -22.29
CA ALA C 183 -5.97 -6.15 -23.38
C ALA C 183 -6.44 -4.80 -22.81
N ILE C 184 -6.52 -3.80 -23.67
CA ILE C 184 -7.05 -2.51 -23.25
C ILE C 184 -8.49 -2.38 -23.71
N LYS C 185 -9.38 -1.99 -22.79
CA LYS C 185 -10.78 -1.78 -23.14
C LYS C 185 -11.03 -0.33 -23.50
N ASP C 186 -11.69 -0.12 -24.64
CA ASP C 186 -12.11 1.21 -25.05
C ASP C 186 -13.63 1.34 -24.90
N ALA C 187 -14.18 2.49 -25.27
CA ALA C 187 -15.60 2.75 -25.10
C ALA C 187 -16.45 1.69 -25.81
N LYS C 188 -15.99 1.23 -26.96
CA LYS C 188 -16.73 0.22 -27.72
C LYS C 188 -16.80 -1.09 -26.96
N ASP C 189 -15.70 -1.42 -26.27
CA ASP C 189 -15.63 -2.65 -25.48
C ASP C 189 -16.61 -2.61 -24.30
N VAL C 190 -16.57 -1.51 -23.55
CA VAL C 190 -17.43 -1.36 -22.38
C VAL C 190 -18.90 -1.37 -22.77
N ALA C 191 -19.22 -0.67 -23.86
CA ALA C 191 -20.58 -0.66 -24.39
C ALA C 191 -21.07 -2.09 -24.59
N ALA C 192 -20.24 -2.91 -25.23
CA ALA C 192 -20.57 -4.31 -25.48
C ALA C 192 -20.79 -5.09 -24.19
N ILE C 193 -19.80 -5.01 -23.29
CA ILE C 193 -19.91 -5.68 -22.00
C ILE C 193 -21.18 -5.28 -21.23
N THR C 194 -21.42 -3.98 -21.10
CA THR C 194 -22.48 -3.46 -20.25
C THR C 194 -23.87 -3.40 -20.91
N GLY C 195 -23.90 -3.35 -22.24
CA GLY C 195 -25.16 -3.23 -22.94
C GLY C 195 -25.69 -1.81 -22.92
N ILE C 196 -24.84 -0.88 -22.48
CA ILE C 196 -25.15 0.54 -22.54
C ILE C 196 -24.63 1.13 -23.84
N ASP C 197 -25.47 1.94 -24.49
CA ASP C 197 -25.07 2.61 -25.72
C ASP C 197 -23.76 3.36 -25.52
N GLN C 198 -22.84 3.19 -26.46
CA GLN C 198 -21.50 3.75 -26.34
C GLN C 198 -21.50 5.26 -26.10
N ALA C 199 -22.54 5.93 -26.59
CA ALA C 199 -22.58 7.38 -26.52
C ALA C 199 -22.97 7.89 -25.13
N LEU C 200 -23.70 7.07 -24.39
CA LEU C 200 -24.25 7.50 -23.11
C LEU C 200 -23.44 6.98 -21.93
N LEU C 201 -22.22 6.53 -22.19
CA LEU C 201 -21.39 5.97 -21.13
C LEU C 201 -20.98 7.03 -20.12
N PRO C 202 -21.35 6.82 -18.85
CA PRO C 202 -20.98 7.75 -17.77
C PRO C 202 -19.47 7.91 -17.64
N GLU C 203 -19.05 8.99 -16.99
CA GLU C 203 -17.65 9.28 -16.79
C GLU C 203 -16.98 8.27 -15.88
N GLY C 204 -15.86 7.73 -16.33
CA GLY C 204 -15.08 6.81 -15.52
C GLY C 204 -15.56 5.37 -15.61
N LEU C 205 -16.72 5.17 -16.22
CA LEU C 205 -17.25 3.81 -16.39
C LEU C 205 -16.31 3.00 -17.25
N VAL C 206 -15.84 3.60 -18.34
CA VAL C 206 -14.89 2.93 -19.22
C VAL C 206 -13.57 2.69 -18.48
N GLU C 207 -13.27 3.59 -17.53
CA GLU C 207 -12.09 3.44 -16.70
C GLU C 207 -12.27 2.28 -15.74
N GLN C 208 -13.38 2.30 -15.02
CA GLN C 208 -13.69 1.25 -14.05
C GLN C 208 -13.55 -0.12 -14.69
N PHE C 209 -13.95 -0.24 -15.95
CA PHE C 209 -13.93 -1.54 -16.64
C PHE C 209 -12.58 -1.87 -17.28
N ASP C 210 -11.77 -0.86 -17.53
CA ASP C 210 -10.44 -1.10 -18.07
C ASP C 210 -9.48 -1.46 -16.93
N THR C 211 -9.93 -1.22 -15.71
CA THR C 211 -9.12 -1.52 -14.53
C THR C 211 -9.32 -2.96 -14.04
N GLY C 212 -10.51 -3.51 -14.28
CA GLY C 212 -10.80 -4.86 -13.89
C GLY C 212 -10.91 -5.77 -15.10
N MET C 213 -10.88 -7.07 -14.85
CA MET C 213 -11.16 -8.06 -15.88
C MET C 213 -12.59 -8.53 -15.72
N THR C 214 -13.25 -8.83 -16.82
CA THR C 214 -14.53 -9.52 -16.74
C THR C 214 -14.28 -10.97 -16.35
N LEU C 215 -15.34 -11.67 -15.99
CA LEU C 215 -15.25 -13.06 -15.59
C LEU C 215 -14.60 -13.88 -16.69
N THR C 216 -15.07 -13.69 -17.92
CA THR C 216 -14.54 -14.42 -19.06
C THR C 216 -13.06 -14.11 -19.29
N GLU C 217 -12.72 -12.85 -19.11
CA GLU C 217 -11.35 -12.42 -19.27
C GLU C 217 -10.43 -13.08 -18.23
N ALA C 218 -10.87 -13.04 -16.98
CA ALA C 218 -10.12 -13.59 -15.86
C ALA C 218 -9.96 -15.11 -15.96
N VAL C 219 -11.07 -15.80 -16.17
CA VAL C 219 -11.09 -17.26 -16.17
C VAL C 219 -10.36 -17.85 -17.37
N SER C 220 -10.53 -17.26 -18.55
CA SER C 220 -9.91 -17.85 -19.73
C SER C 220 -8.38 -17.66 -19.75
N SER C 221 -7.88 -16.56 -19.22
CA SER C 221 -6.42 -16.42 -19.10
C SER C 221 -5.89 -17.40 -18.07
N LEU C 222 -6.58 -17.55 -16.94
CA LEU C 222 -6.17 -18.56 -15.96
C LEU C 222 -6.21 -19.96 -16.57
N ALA C 223 -7.30 -20.26 -17.28
CA ALA C 223 -7.52 -21.61 -17.80
C ALA C 223 -6.44 -21.96 -18.82
N GLN C 224 -6.07 -20.98 -19.63
CA GLN C 224 -4.96 -21.16 -20.56
C GLN C 224 -3.66 -21.53 -19.81
N LYS C 225 -3.36 -20.80 -18.75
CA LYS C 225 -2.15 -21.04 -17.96
C LYS C 225 -2.20 -22.42 -17.29
N ILE C 226 -3.34 -22.75 -16.67
CA ILE C 226 -3.50 -24.06 -16.04
C ILE C 226 -3.30 -25.20 -17.05
N GLU C 227 -3.94 -25.10 -18.20
CA GLU C 227 -3.85 -26.19 -19.16
C GLU C 227 -2.42 -26.31 -19.67
N SER C 228 -1.74 -25.18 -19.77
CA SER C 228 -0.35 -25.17 -20.19
C SER C 228 0.58 -25.85 -19.16
N TYR C 229 0.38 -25.58 -17.88
CA TYR C 229 1.21 -26.22 -16.86
C TYR C 229 0.92 -27.72 -16.69
N TRP C 230 -0.33 -28.13 -16.89
CA TRP C 230 -0.67 -29.55 -16.87
C TRP C 230 0.11 -30.25 -17.97
N GLY C 231 0.43 -29.50 -19.01
CA GLY C 231 1.40 -29.97 -20.00
C GLY C 231 1.02 -31.19 -20.78
N LEU C 232 -0.28 -31.36 -21.04
CA LEU C 232 -0.78 -32.48 -21.81
C LEU C 232 -1.26 -31.98 -23.17
N SER C 233 -1.70 -32.91 -24.01
CA SER C 233 -2.25 -32.53 -25.32
C SER C 233 -3.71 -32.94 -25.41
N ARG C 234 -4.51 -32.12 -26.09
CA ARG C 234 -5.92 -32.42 -26.27
C ARG C 234 -6.15 -33.55 -27.28
N ASN C 235 -7.01 -34.49 -26.91
CA ASN C 235 -7.46 -35.52 -27.83
C ASN C 235 -8.45 -34.91 -28.83
N PRO C 236 -8.09 -34.91 -30.13
CA PRO C 236 -8.92 -34.33 -31.21
C PRO C 236 -10.33 -34.92 -31.26
N ASN C 237 -10.52 -36.10 -30.69
CA ASN C 237 -11.82 -36.75 -30.72
C ASN C 237 -12.58 -36.72 -29.39
N ALA C 238 -12.13 -35.89 -28.46
CA ALA C 238 -12.87 -35.69 -27.22
C ALA C 238 -13.71 -34.42 -27.33
N PRO C 239 -14.87 -34.41 -26.67
CA PRO C 239 -15.77 -33.26 -26.77
C PRO C 239 -15.17 -32.01 -26.13
N LEU C 240 -15.37 -30.86 -26.76
CA LEU C 240 -14.84 -29.61 -26.24
C LEU C 240 -15.34 -29.32 -24.83
N GLY C 241 -16.52 -29.84 -24.51
CA GLY C 241 -17.09 -29.69 -23.19
C GLY C 241 -16.12 -30.11 -22.10
N TYR C 242 -15.25 -31.08 -22.41
CA TYR C 242 -14.26 -31.54 -21.42
C TYR C 242 -12.84 -31.01 -21.67
N THR C 243 -12.41 -30.97 -22.94
CA THR C 243 -11.07 -30.47 -23.22
C THR C 243 -10.92 -29.01 -22.78
N LYS C 244 -11.93 -28.19 -23.07
CA LYS C 244 -11.99 -26.82 -22.59
C LYS C 244 -12.58 -26.77 -21.18
N GLY C 245 -13.55 -27.64 -20.95
CA GLY C 245 -14.34 -27.56 -19.74
C GLY C 245 -13.55 -27.82 -18.48
N ILE C 246 -12.73 -28.86 -18.49
CA ILE C 246 -12.01 -29.23 -17.28
C ILE C 246 -11.03 -28.14 -16.79
N PRO C 247 -10.14 -27.65 -17.66
CA PRO C 247 -9.27 -26.58 -17.15
C PRO C 247 -10.03 -25.29 -16.82
N THR C 248 -11.19 -25.10 -17.42
CA THR C 248 -11.98 -23.90 -17.13
C THR C 248 -12.67 -24.00 -15.79
N ALA C 249 -13.14 -25.19 -15.46
CA ALA C 249 -13.67 -25.48 -14.13
C ALA C 249 -12.59 -25.29 -13.05
N MET C 250 -11.37 -25.71 -13.34
CA MET C 250 -10.26 -25.53 -12.41
C MET C 250 -9.95 -24.05 -12.24
N ALA C 251 -9.92 -23.33 -13.37
CA ALA C 251 -9.70 -21.89 -13.37
C ALA C 251 -10.74 -21.14 -12.55
N ALA C 252 -12.00 -21.50 -12.74
CA ALA C 252 -13.10 -20.89 -11.98
C ALA C 252 -12.91 -21.10 -10.47
N GLU C 253 -12.51 -22.31 -10.09
CA GLU C 253 -12.29 -22.60 -8.68
C GLU C 253 -11.10 -21.79 -8.15
N ILE C 254 -10.07 -21.62 -8.97
CA ILE C 254 -8.90 -20.89 -8.47
C ILE C 254 -9.23 -19.41 -8.31
N LEU C 255 -9.98 -18.86 -9.26
CA LEU C 255 -10.36 -17.46 -9.19
C LEU C 255 -11.14 -17.26 -7.90
N ALA C 256 -12.05 -18.18 -7.61
CA ALA C 256 -12.85 -18.11 -6.40
C ALA C 256 -11.98 -18.21 -5.14
N ALA C 257 -10.95 -19.06 -5.19
CA ALA C 257 -10.05 -19.17 -4.06
C ALA C 257 -9.28 -17.86 -3.87
N PHE C 258 -8.87 -17.22 -4.96
CA PHE C 258 -8.16 -15.94 -4.87
C PHE C 258 -9.06 -14.84 -4.31
N VAL C 259 -10.35 -14.90 -4.62
CA VAL C 259 -11.31 -14.00 -3.98
C VAL C 259 -11.39 -14.25 -2.48
N GLU C 260 -11.33 -15.51 -2.07
CA GLU C 260 -11.38 -15.83 -0.64
C GLU C 260 -10.09 -15.42 0.06
N SER C 261 -8.99 -15.33 -0.69
CA SER C 261 -7.70 -15.04 -0.09
C SER C 261 -7.27 -13.57 -0.27
N THR C 262 -8.11 -12.80 -0.96
CA THR C 262 -7.91 -11.37 -1.18
C THR C 262 -6.82 -11.04 -2.21
N ASP C 263 -6.31 -12.04 -2.92
CA ASP C 263 -5.41 -11.77 -4.02
C ASP C 263 -6.16 -11.15 -5.18
N VAL C 264 -7.47 -11.38 -5.20
CA VAL C 264 -8.35 -10.79 -6.21
C VAL C 264 -9.55 -10.19 -5.50
N VAL C 265 -9.92 -8.97 -5.90
CA VAL C 265 -11.13 -8.36 -5.37
C VAL C 265 -12.25 -8.48 -6.39
N GLU C 266 -13.39 -9.00 -5.94
CA GLU C 266 -14.54 -9.18 -6.82
C GLU C 266 -15.55 -8.07 -6.61
N ASN C 267 -15.98 -7.45 -7.70
CA ASN C 267 -16.97 -6.37 -7.64
C ASN C 267 -18.08 -6.57 -8.68
N ILE C 268 -19.29 -6.86 -8.21
CA ILE C 268 -20.43 -7.03 -9.11
C ILE C 268 -21.08 -5.69 -9.39
N VAL C 269 -20.90 -5.19 -10.61
CA VAL C 269 -21.38 -3.88 -11.00
C VAL C 269 -22.84 -3.93 -11.48
N ASP C 270 -23.72 -3.24 -10.77
CA ASP C 270 -25.15 -3.24 -11.10
C ASP C 270 -25.46 -2.13 -12.09
N MET C 271 -25.78 -2.51 -13.32
CA MET C 271 -26.05 -1.55 -14.39
C MET C 271 -27.35 -0.79 -14.16
N SER C 272 -28.10 -1.21 -13.14
CA SER C 272 -29.41 -0.62 -12.86
C SER C 272 -29.30 0.83 -12.38
N GLU C 273 -28.27 1.11 -11.59
CA GLU C 273 -28.01 2.47 -11.12
C GLU C 273 -27.58 3.35 -12.28
N ILE C 274 -26.89 2.74 -13.23
CA ILE C 274 -26.31 3.47 -14.35
C ILE C 274 -27.34 3.65 -15.45
N ASP C 275 -28.39 2.84 -15.39
CA ASP C 275 -29.49 2.89 -16.34
C ASP C 275 -30.63 2.02 -15.81
N PRO C 276 -31.75 2.67 -15.45
CA PRO C 276 -32.88 2.00 -14.79
C PRO C 276 -33.43 0.79 -15.56
N ASP C 277 -33.22 0.76 -16.87
CA ASP C 277 -33.78 -0.32 -17.67
C ASP C 277 -32.82 -1.47 -17.98
N ASN C 278 -31.55 -1.29 -17.63
CA ASN C 278 -30.54 -2.33 -17.81
C ASN C 278 -30.53 -3.30 -16.63
N LYS C 279 -30.88 -4.55 -16.92
CA LYS C 279 -30.96 -5.59 -15.88
C LYS C 279 -29.64 -6.30 -15.57
N LYS C 280 -28.61 -6.02 -16.36
CA LYS C 280 -27.32 -6.71 -16.20
C LYS C 280 -26.64 -6.40 -14.87
N THR C 281 -26.05 -7.43 -14.26
CA THR C 281 -25.12 -7.26 -13.16
C THR C 281 -23.81 -7.92 -13.57
N ILE C 282 -22.73 -7.16 -13.53
CA ILE C 282 -21.49 -7.56 -14.20
C ILE C 282 -20.31 -7.68 -13.25
N GLY C 283 -19.73 -8.87 -13.20
CA GLY C 283 -18.58 -9.09 -12.33
C GLY C 283 -17.32 -8.45 -12.87
N LEU C 284 -16.59 -7.78 -11.99
CA LEU C 284 -15.30 -7.19 -12.31
C LEU C 284 -14.26 -7.69 -11.31
N TYR C 285 -13.11 -8.15 -11.81
CA TYR C 285 -12.08 -8.75 -10.97
C TYR C 285 -10.78 -7.99 -11.09
N THR C 286 -10.24 -7.56 -9.95
CA THR C 286 -8.97 -6.83 -9.97
C THR C 286 -7.94 -7.52 -9.08
N ILE C 287 -6.80 -7.84 -9.68
CA ILE C 287 -5.74 -8.49 -8.95
C ILE C 287 -5.07 -7.48 -8.03
N THR C 288 -4.90 -7.86 -6.77
CA THR C 288 -4.26 -6.96 -5.81
C THR C 288 -2.84 -6.67 -6.26
N GLU C 289 -2.46 -5.40 -6.19
CA GLU C 289 -1.19 -4.94 -6.73
C GLU C 289 -0.01 -5.21 -5.78
N LEU C 290 1.05 -5.82 -6.31
CA LEU C 290 2.29 -5.98 -5.53
C LEU C 290 2.94 -4.62 -5.34
N ASP C 291 3.51 -4.38 -4.16
CA ASP C 291 4.28 -3.16 -3.92
C ASP C 291 5.24 -2.95 -5.08
N SER C 292 5.37 -1.69 -5.51
CA SER C 292 6.31 -1.35 -6.58
C SER C 292 7.75 -1.74 -6.21
N PHE C 293 8.04 -1.83 -4.92
CA PHE C 293 9.39 -2.16 -4.46
C PHE C 293 9.55 -3.61 -3.98
N ASP C 294 8.66 -4.49 -4.43
CA ASP C 294 8.76 -5.92 -4.14
C ASP C 294 9.86 -6.52 -5.02
N PRO C 295 10.87 -7.15 -4.40
CA PRO C 295 11.99 -7.73 -5.16
C PRO C 295 11.52 -8.62 -6.32
N ILE C 296 10.38 -9.27 -6.13
CA ILE C 296 9.91 -10.26 -7.09
C ILE C 296 9.56 -9.58 -8.42
N ASN C 297 9.34 -8.28 -8.39
CA ASN C 297 9.09 -7.54 -9.62
C ASN C 297 10.28 -7.56 -10.58
N SER C 298 11.47 -7.81 -10.05
CA SER C 298 12.66 -7.83 -10.89
C SER C 298 12.81 -9.17 -11.60
N PHE C 299 12.01 -10.14 -11.19
CA PHE C 299 11.95 -11.44 -11.85
C PHE C 299 10.64 -12.16 -11.54
N PRO C 300 9.54 -11.73 -12.18
CA PRO C 300 8.21 -12.24 -11.83
C PRO C 300 7.80 -13.51 -12.60
N THR C 301 8.75 -14.14 -13.30
CA THR C 301 8.44 -15.30 -14.13
C THR C 301 9.25 -16.56 -13.77
N ALA C 302 9.68 -16.67 -12.51
CA ALA C 302 10.50 -17.81 -12.08
C ALA C 302 9.74 -19.13 -12.11
N ILE C 303 8.48 -19.10 -11.69
CA ILE C 303 7.62 -20.28 -11.80
C ILE C 303 7.44 -20.72 -13.26
N GLU C 304 6.97 -19.81 -14.09
CA GLU C 304 6.80 -20.09 -15.51
C GLU C 304 8.04 -20.74 -16.13
N GLU C 305 9.21 -20.14 -15.89
CA GLU C 305 10.42 -20.63 -16.53
C GLU C 305 10.93 -21.94 -15.94
N ALA C 306 10.48 -22.27 -14.73
CA ALA C 306 10.79 -23.58 -14.17
C ALA C 306 9.81 -24.67 -14.63
N VAL C 307 8.52 -24.33 -14.70
CA VAL C 307 7.51 -25.32 -15.06
C VAL C 307 7.55 -25.67 -16.55
N LEU C 308 7.54 -24.66 -17.40
CA LEU C 308 7.49 -24.86 -18.84
C LEU C 308 8.85 -24.96 -19.52
N VAL C 309 8.99 -25.98 -20.36
CA VAL C 309 10.20 -26.16 -21.17
C VAL C 309 10.35 -25.03 -22.17
N ASN C 310 9.23 -24.53 -22.67
CA ASN C 310 9.21 -23.33 -23.51
C ASN C 310 8.29 -22.25 -22.93
N PRO C 311 8.81 -21.45 -21.99
CA PRO C 311 8.02 -20.41 -21.33
C PRO C 311 7.63 -19.31 -22.32
N THR C 312 6.44 -18.75 -22.16
CA THR C 312 5.99 -17.67 -23.03
C THR C 312 6.19 -16.34 -22.31
N GLU C 313 6.04 -16.37 -20.98
CA GLU C 313 6.23 -15.19 -20.15
C GLU C 313 7.70 -15.09 -19.72
N LYS C 314 8.42 -14.13 -20.28
CA LYS C 314 9.84 -13.98 -20.01
C LYS C 314 10.40 -12.78 -20.76
N MET C 315 11.55 -12.30 -20.30
CA MET C 315 12.31 -11.31 -21.05
C MET C 315 13.30 -12.01 -21.99
N PHE C 316 13.56 -11.39 -23.14
CA PHE C 316 14.50 -11.95 -24.12
C PHE C 316 15.76 -11.10 -24.17
N PHE C 317 16.85 -11.64 -23.62
CA PHE C 317 18.13 -10.91 -23.54
C PHE C 317 19.18 -11.50 -24.46
N GLY C 318 20.00 -10.62 -25.02
CA GLY C 318 21.13 -11.04 -25.82
C GLY C 318 20.71 -11.97 -26.95
N ASP C 319 21.30 -13.15 -26.99
CA ASP C 319 21.06 -14.06 -28.10
C ASP C 319 19.88 -15.00 -27.91
N ASP C 320 19.12 -14.79 -26.84
CA ASP C 320 17.90 -15.55 -26.59
C ASP C 320 16.74 -14.85 -27.33
N ILE C 321 16.44 -15.31 -28.54
CA ILE C 321 15.52 -14.62 -29.42
C ILE C 321 14.12 -15.20 -29.34
N PRO C 322 13.09 -14.33 -29.33
CA PRO C 322 11.70 -14.79 -29.38
C PRO C 322 11.44 -15.65 -30.62
N PRO C 323 10.67 -16.72 -30.45
CA PRO C 323 10.20 -17.53 -31.58
C PRO C 323 9.26 -16.74 -32.50
N VAL C 324 9.12 -17.18 -33.75
CA VAL C 324 8.19 -16.57 -34.69
C VAL C 324 6.81 -17.25 -34.67
N ALA C 325 5.78 -16.50 -34.33
CA ALA C 325 4.40 -17.00 -34.31
C ALA C 325 3.96 -17.58 -35.66
N ASN C 326 3.27 -18.70 -35.61
CA ASN C 326 2.80 -19.35 -36.83
C ASN C 326 1.46 -18.85 -37.31
N THR C 327 0.63 -18.42 -36.36
CA THR C 327 -0.71 -17.98 -36.70
C THR C 327 -1.01 -16.56 -36.25
N GLN C 328 -1.84 -15.89 -37.06
CA GLN C 328 -2.35 -14.56 -36.78
C GLN C 328 -2.91 -14.51 -35.35
N LEU C 329 -2.68 -13.40 -34.66
CA LEU C 329 -3.13 -13.22 -33.27
C LEU C 329 -4.64 -13.47 -33.11
N ARG C 330 -4.98 -14.42 -32.23
CA ARG C 330 -6.38 -14.81 -31.97
C ARG C 330 -7.19 -15.19 -33.22
N ASN C 331 -6.51 -15.69 -34.24
CA ASN C 331 -7.19 -16.18 -35.45
C ASN C 331 -6.52 -17.47 -35.93
N PRO C 332 -6.70 -18.55 -35.17
CA PRO C 332 -6.04 -19.83 -35.41
C PRO C 332 -6.23 -20.40 -36.81
N ALA C 333 -7.26 -19.98 -37.53
CA ALA C 333 -7.52 -20.51 -38.86
C ALA C 333 -6.61 -19.86 -39.92
N VAL C 334 -5.92 -18.81 -39.49
CA VAL C 334 -5.11 -18.02 -40.42
C VAL C 334 -3.64 -18.11 -40.07
N ARG C 335 -2.88 -18.78 -40.91
CA ARG C 335 -1.43 -18.80 -40.77
C ARG C 335 -0.82 -17.48 -41.24
N ASN C 336 0.16 -16.98 -40.50
CA ASN C 336 0.94 -15.86 -40.98
C ASN C 336 1.60 -16.30 -42.28
N THR C 337 1.61 -15.44 -43.27
CA THR C 337 2.26 -15.78 -44.52
C THR C 337 3.76 -15.86 -44.26
N PRO C 338 4.52 -16.41 -45.22
CA PRO C 338 5.97 -16.43 -45.08
C PRO C 338 6.58 -15.02 -45.08
N GLU C 339 6.01 -14.09 -45.81
CA GLU C 339 6.52 -12.72 -45.79
C GLU C 339 6.19 -12.07 -44.45
N GLN C 340 5.00 -12.34 -43.93
CA GLN C 340 4.64 -11.90 -42.60
C GLN C 340 5.55 -12.50 -41.52
N LYS C 341 5.95 -13.77 -41.68
CA LYS C 341 6.88 -14.36 -40.72
C LYS C 341 8.29 -13.72 -40.84
N ALA C 342 8.73 -13.48 -42.06
CA ALA C 342 10.00 -12.79 -42.27
C ALA C 342 9.98 -11.42 -41.58
N ALA C 343 8.87 -10.69 -41.69
CA ALA C 343 8.77 -9.39 -41.04
C ALA C 343 8.81 -9.53 -39.53
N LEU C 344 7.99 -10.42 -38.98
CA LEU C 344 8.00 -10.67 -37.54
C LEU C 344 9.44 -10.95 -37.09
N LYS C 345 10.12 -11.81 -37.83
CA LYS C 345 11.47 -12.22 -37.48
C LYS C 345 12.43 -11.03 -37.43
N ALA C 346 12.30 -10.16 -38.42
CA ALA C 346 13.17 -8.99 -38.54
C ALA C 346 12.95 -8.03 -37.38
N GLU C 347 11.69 -7.79 -37.01
CA GLU C 347 11.40 -6.93 -35.87
C GLU C 347 11.86 -7.56 -34.54
N GLN C 348 11.82 -8.88 -34.46
CA GLN C 348 12.20 -9.56 -33.22
C GLN C 348 13.72 -9.58 -33.04
N ALA C 349 14.45 -9.45 -34.13
CA ALA C 349 15.92 -9.47 -34.07
C ALA C 349 16.49 -8.14 -33.60
N THR C 350 15.70 -7.08 -33.68
CA THR C 350 16.16 -5.74 -33.32
C THR C 350 16.54 -5.68 -31.85
N GLU C 351 17.66 -5.01 -31.56
CA GLU C 351 18.14 -4.89 -30.18
C GLU C 351 17.75 -3.56 -29.57
N PHE C 352 17.09 -3.61 -28.42
CA PHE C 352 16.74 -2.40 -27.69
C PHE C 352 17.69 -2.26 -26.50
N TYR C 353 18.03 -1.02 -26.17
CA TYR C 353 18.95 -0.77 -25.06
C TYR C 353 18.39 0.30 -24.15
N VAL C 354 18.63 0.14 -22.86
CA VAL C 354 18.30 1.13 -21.87
C VAL C 354 19.12 2.40 -22.05
N HIS C 355 18.44 3.55 -22.01
CA HIS C 355 19.10 4.86 -22.00
C HIS C 355 19.22 5.39 -20.58
N THR C 356 20.40 5.24 -20.00
CA THR C 356 20.63 5.55 -18.58
C THR C 356 20.30 6.99 -18.16
N PRO C 357 20.69 7.98 -18.97
CA PRO C 357 20.34 9.35 -18.58
C PRO C 357 18.84 9.56 -18.37
N MET C 358 18.01 8.98 -19.24
CA MET C 358 16.56 9.15 -19.09
C MET C 358 16.04 8.37 -17.88
N VAL C 359 16.56 7.17 -17.68
CA VAL C 359 16.16 6.39 -16.52
C VAL C 359 16.50 7.18 -15.25
N GLN C 360 17.71 7.70 -15.19
CA GLN C 360 18.13 8.50 -14.05
C GLN C 360 17.26 9.73 -13.87
N PHE C 361 16.96 10.41 -14.97
CA PHE C 361 16.06 11.54 -14.90
C PHE C 361 14.68 11.16 -14.33
N TYR C 362 14.10 10.06 -14.82
CA TYR C 362 12.81 9.61 -14.29
C TYR C 362 12.95 9.33 -12.80
N GLU C 363 13.95 8.52 -12.47
CA GLU C 363 14.24 8.11 -11.10
C GLU C 363 14.39 9.29 -10.14
N THR C 364 15.14 10.30 -10.57
CA THR C 364 15.39 11.48 -9.74
C THR C 364 14.15 12.37 -9.60
N LEU C 365 13.43 12.57 -10.70
CA LEU C 365 12.15 13.26 -10.61
C LEU C 365 11.25 12.55 -9.59
N GLY C 366 11.16 11.23 -9.71
CA GLY C 366 10.31 10.46 -8.83
C GLY C 366 8.93 10.26 -9.42
N LYS C 367 8.23 9.21 -8.97
CA LYS C 367 6.89 8.91 -9.45
C LYS C 367 5.90 10.05 -9.18
N ASP C 368 5.99 10.66 -8.01
CA ASP C 368 5.06 11.72 -7.66
C ASP C 368 5.21 12.96 -8.55
N ARG C 369 6.45 13.37 -8.81
CA ARG C 369 6.66 14.50 -9.71
C ARG C 369 6.39 14.15 -11.17
N ILE C 370 6.57 12.88 -11.54
CA ILE C 370 6.26 12.44 -12.89
C ILE C 370 4.75 12.55 -13.09
N LEU C 371 3.99 12.11 -12.09
CA LEU C 371 2.53 12.19 -12.13
C LEU C 371 2.08 13.64 -12.14
N GLU C 372 2.83 14.49 -11.46
CA GLU C 372 2.45 15.90 -11.34
C GLU C 372 2.69 16.62 -12.66
N LEU C 373 3.74 16.21 -13.36
CA LEU C 373 4.12 16.84 -14.61
C LEU C 373 3.36 16.27 -15.80
N MET C 374 3.28 14.93 -15.88
CA MET C 374 2.71 14.26 -17.03
C MET C 374 1.33 13.66 -16.75
N GLY C 375 0.94 13.61 -15.48
CA GLY C 375 -0.35 13.07 -15.11
C GLY C 375 -1.24 14.15 -14.54
N ALA C 376 -2.02 13.82 -13.52
CA ALA C 376 -2.94 14.80 -12.94
C ALA C 376 -2.50 15.20 -11.54
N GLY C 377 -1.35 14.69 -11.12
CA GLY C 377 -0.81 14.95 -9.79
C GLY C 377 -1.71 14.42 -8.68
N THR C 378 -1.62 15.04 -7.51
CA THR C 378 -2.44 14.65 -6.37
C THR C 378 -3.86 15.18 -6.53
N LEU C 379 -4.84 14.35 -6.20
CA LEU C 379 -6.24 14.72 -6.38
C LEU C 379 -6.92 15.12 -5.07
N ASN C 380 -7.22 16.40 -4.94
CA ASN C 380 -8.04 16.93 -3.85
C ASN C 380 -9.51 16.74 -4.23
N LYS C 381 -10.13 15.67 -3.74
CA LYS C 381 -11.45 15.25 -4.22
C LYS C 381 -12.59 16.21 -3.92
N GLU C 382 -12.29 17.38 -3.37
CA GLU C 382 -13.33 18.39 -3.18
C GLU C 382 -12.94 19.77 -3.72
N LEU C 383 -11.90 19.79 -4.53
CA LEU C 383 -11.66 20.90 -5.43
C LEU C 383 -11.97 20.37 -6.82
N LEU C 384 -12.69 19.25 -6.86
CA LEU C 384 -12.87 18.51 -8.10
C LEU C 384 -14.32 18.05 -8.31
N ASN C 385 -14.81 18.19 -9.54
CA ASN C 385 -16.11 17.63 -9.92
C ASN C 385 -16.04 16.11 -9.97
N ASP C 386 -17.11 15.44 -9.55
CA ASP C 386 -17.08 13.99 -9.40
C ASP C 386 -16.74 13.26 -10.69
N ASN C 387 -17.17 13.81 -11.82
CA ASN C 387 -16.91 13.20 -13.11
C ASN C 387 -15.48 13.45 -13.55
N HIS C 388 -15.04 14.69 -13.40
CA HIS C 388 -13.68 15.07 -13.74
C HIS C 388 -12.69 14.22 -12.94
N ALA C 389 -12.95 14.08 -11.64
CA ALA C 389 -12.10 13.30 -10.74
C ALA C 389 -11.83 11.89 -11.27
N LYS C 390 -12.84 11.29 -11.88
CA LYS C 390 -12.69 9.93 -12.39
C LYS C 390 -11.81 9.89 -13.65
N SER C 391 -11.87 10.96 -14.44
CA SER C 391 -10.98 11.09 -15.61
C SER C 391 -9.54 11.19 -15.12
N LEU C 392 -9.30 12.13 -14.21
CA LEU C 392 -7.97 12.38 -13.66
C LEU C 392 -7.34 11.11 -13.08
N GLU C 393 -8.13 10.34 -12.34
CA GLU C 393 -7.64 9.09 -11.77
C GLU C 393 -7.11 8.18 -12.87
N GLY C 394 -7.83 8.13 -13.99
CA GLY C 394 -7.44 7.28 -15.10
C GLY C 394 -6.18 7.77 -15.77
N LYS C 395 -6.04 9.09 -15.84
CA LYS C 395 -4.86 9.69 -16.44
C LYS C 395 -3.64 9.32 -15.59
N ASN C 396 -3.83 9.29 -14.28
CA ASN C 396 -2.75 8.95 -13.36
C ASN C 396 -2.39 7.47 -13.40
N ARG C 397 -3.40 6.62 -13.49
CA ARG C 397 -3.19 5.19 -13.49
C ARG C 397 -2.31 4.76 -14.65
N SER C 398 -2.55 5.38 -15.80
CA SER C 398 -1.83 5.04 -17.02
C SER C 398 -0.35 5.40 -16.92
N VAL C 399 -0.06 6.54 -16.30
CA VAL C 399 1.31 7.00 -16.14
C VAL C 399 2.01 6.25 -15.01
N GLU C 400 1.29 6.02 -13.92
CA GLU C 400 1.83 5.31 -12.79
C GLU C 400 2.21 3.88 -13.17
N ASP C 401 1.27 3.17 -13.78
CA ASP C 401 1.52 1.79 -14.21
C ASP C 401 2.68 1.72 -15.19
N SER C 402 2.75 2.70 -16.08
CA SER C 402 3.85 2.76 -17.03
C SER C 402 5.21 2.97 -16.33
N TYR C 403 5.27 3.89 -15.38
CA TYR C 403 6.46 4.14 -14.58
C TYR C 403 6.87 2.86 -13.86
N ASN C 404 5.92 2.25 -13.16
CA ASN C 404 6.17 1.01 -12.42
C ASN C 404 6.63 -0.14 -13.31
N GLN C 405 6.01 -0.32 -14.45
CA GLN C 405 6.44 -1.36 -15.38
C GLN C 405 7.84 -1.13 -15.89
N LEU C 406 8.18 0.13 -16.20
CA LEU C 406 9.50 0.45 -16.70
C LEU C 406 10.55 0.02 -15.69
N PHE C 407 10.31 0.35 -14.43
CA PHE C 407 11.34 0.14 -13.43
C PHE C 407 11.47 -1.30 -12.97
N SER C 408 10.37 -2.06 -13.05
CA SER C 408 10.46 -3.51 -12.85
C SER C 408 11.32 -4.12 -13.96
N VAL C 409 11.13 -3.62 -15.17
CA VAL C 409 11.96 -4.04 -16.30
C VAL C 409 13.42 -3.62 -16.10
N ILE C 410 13.63 -2.37 -15.73
CA ILE C 410 14.99 -1.86 -15.50
C ILE C 410 15.71 -2.72 -14.47
N GLU C 411 14.99 -3.09 -13.40
CA GLU C 411 15.58 -3.95 -12.36
C GLU C 411 16.11 -5.27 -12.92
N GLN C 412 15.32 -5.95 -13.76
CA GLN C 412 15.76 -7.23 -14.31
C GLN C 412 16.93 -7.04 -15.26
N VAL C 413 16.85 -6.01 -16.10
CA VAL C 413 17.94 -5.67 -17.02
C VAL C 413 19.23 -5.37 -16.25
N ARG C 414 19.12 -4.66 -15.14
CA ARG C 414 20.29 -4.24 -14.38
C ARG C 414 21.09 -5.43 -13.82
N ALA C 415 20.41 -6.54 -13.53
CA ALA C 415 21.07 -7.73 -13.01
C ALA C 415 21.87 -8.52 -14.05
N GLN C 416 21.64 -8.25 -15.34
CA GLN C 416 22.27 -9.05 -16.39
C GLN C 416 23.72 -8.65 -16.67
N SER C 417 24.12 -7.49 -16.18
CA SER C 417 25.45 -6.98 -16.44
C SER C 417 25.73 -5.76 -15.56
N GLU C 418 27.00 -5.37 -15.49
CA GLU C 418 27.36 -4.21 -14.70
C GLU C 418 27.08 -2.90 -15.44
N ASP C 419 27.06 -2.95 -16.78
CA ASP C 419 26.66 -1.80 -17.58
C ASP C 419 25.32 -2.07 -18.30
N ILE C 420 24.23 -1.56 -17.75
CA ILE C 420 22.90 -1.82 -18.31
C ILE C 420 22.74 -1.37 -19.75
N SER C 421 23.50 -0.37 -20.16
CA SER C 421 23.31 0.16 -21.51
C SER C 421 23.81 -0.78 -22.61
N THR C 422 24.44 -1.88 -22.23
CA THR C 422 24.96 -2.83 -23.21
C THR C 422 24.17 -4.14 -23.23
N VAL C 423 23.17 -4.24 -22.37
CA VAL C 423 22.33 -5.44 -22.33
C VAL C 423 21.29 -5.35 -23.42
N PRO C 424 21.39 -6.22 -24.44
CA PRO C 424 20.45 -6.18 -25.56
C PRO C 424 19.10 -6.79 -25.15
N ILE C 425 18.01 -6.09 -25.46
CA ILE C 425 16.66 -6.57 -25.16
C ILE C 425 15.90 -6.80 -26.48
N HIS C 426 15.21 -7.93 -26.59
CA HIS C 426 14.38 -8.20 -27.77
C HIS C 426 12.93 -8.26 -27.34
N TYR C 427 12.02 -7.91 -28.25
CA TYR C 427 10.61 -8.04 -27.95
C TYR C 427 9.88 -9.00 -28.89
N ALA C 428 8.98 -9.79 -28.34
CA ALA C 428 8.15 -10.65 -29.18
C ALA C 428 7.09 -9.79 -29.87
N TYR C 429 6.75 -10.16 -31.10
CA TYR C 429 5.70 -9.48 -31.88
C TYR C 429 4.74 -10.53 -32.40
N ASN C 430 3.53 -10.10 -32.77
CA ASN C 430 2.67 -10.94 -33.63
C ASN C 430 1.85 -10.08 -34.59
N MET C 431 1.40 -10.69 -35.68
CA MET C 431 0.51 -10.02 -36.64
C MET C 431 -0.92 -10.03 -36.11
N THR C 432 -1.58 -8.88 -36.10
CA THR C 432 -2.99 -8.82 -35.73
C THR C 432 -3.90 -9.09 -36.94
N ARG C 433 -5.19 -9.24 -36.67
CA ARG C 433 -6.22 -9.49 -37.70
C ARG C 433 -6.18 -8.50 -38.84
N VAL C 434 -5.72 -7.28 -38.56
CA VAL C 434 -5.68 -6.23 -39.57
C VAL C 434 -4.27 -6.05 -40.14
N GLY C 435 -3.38 -6.98 -39.82
CA GLY C 435 -2.07 -7.03 -40.45
C GLY C 435 -1.03 -6.08 -39.86
N ARG C 436 -1.29 -5.59 -38.65
CA ARG C 436 -0.30 -4.76 -37.95
C ARG C 436 0.64 -5.61 -37.11
N MET C 437 1.90 -5.20 -37.03
CA MET C 437 2.88 -5.91 -36.21
C MET C 437 2.88 -5.30 -34.83
N GLN C 438 2.29 -6.00 -33.88
CA GLN C 438 2.11 -5.47 -32.54
C GLN C 438 3.08 -6.10 -31.57
N MET C 439 3.83 -5.25 -30.86
CA MET C 439 4.72 -5.72 -29.79
C MET C 439 3.84 -6.29 -28.68
N LEU C 440 4.15 -7.50 -28.23
CA LEU C 440 3.34 -8.12 -27.18
C LEU C 440 3.53 -7.39 -25.85
N GLY C 441 2.50 -7.37 -25.02
CA GLY C 441 2.58 -6.74 -23.71
C GLY C 441 1.93 -5.36 -23.65
N LYS C 442 1.49 -4.97 -22.47
CA LYS C 442 0.77 -3.72 -22.28
C LYS C 442 1.67 -2.48 -22.36
N TYR C 443 2.85 -2.55 -21.74
CA TYR C 443 3.71 -1.37 -21.63
C TYR C 443 5.11 -1.66 -22.17
N ASN C 444 5.28 -1.45 -23.47
CA ASN C 444 6.56 -1.67 -24.11
C ASN C 444 6.86 -0.42 -24.93
N PRO C 445 8.05 -0.33 -25.55
CA PRO C 445 8.37 0.87 -26.33
C PRO C 445 7.31 1.25 -27.38
N GLN C 446 6.70 0.26 -28.01
CA GLN C 446 5.74 0.56 -29.06
C GLN C 446 4.48 1.20 -28.48
N SER C 447 4.05 0.68 -27.34
CA SER C 447 2.73 1.01 -26.79
C SER C 447 2.75 2.14 -25.76
N ALA C 448 3.91 2.38 -25.12
CA ALA C 448 3.95 3.31 -23.98
C ALA C 448 4.99 4.40 -24.09
N LYS C 449 4.53 5.64 -24.23
CA LYS C 449 5.41 6.79 -24.46
C LYS C 449 6.48 6.98 -23.38
N LEU C 450 6.13 6.72 -22.12
CA LEU C 450 7.11 6.87 -21.04
C LEU C 450 8.26 5.89 -21.27
N VAL C 451 7.89 4.67 -21.68
CA VAL C 451 8.87 3.60 -21.83
C VAL C 451 9.67 3.80 -23.12
N ARG C 452 9.01 4.32 -24.14
CA ARG C 452 9.64 4.61 -25.43
C ARG C 452 10.87 5.53 -25.32
N GLU C 453 10.93 6.35 -24.28
CA GLU C 453 12.04 7.29 -24.16
C GLU C 453 13.16 6.72 -23.30
N ALA C 454 12.96 5.52 -22.77
CA ALA C 454 13.94 4.92 -21.87
C ALA C 454 14.57 3.66 -22.45
N ILE C 455 13.87 3.02 -23.39
CA ILE C 455 14.35 1.78 -23.99
C ILE C 455 14.23 1.89 -25.50
N LEU C 456 15.36 2.03 -26.20
CA LEU C 456 15.36 2.41 -27.61
C LEU C 456 16.26 1.50 -28.44
N PRO C 457 15.91 1.32 -29.72
CA PRO C 457 16.77 0.56 -30.64
C PRO C 457 17.59 1.54 -31.45
N THR C 458 17.26 2.83 -31.36
CA THR C 458 17.91 3.84 -32.17
C THR C 458 19.22 4.28 -31.52
N LYS C 459 20.24 4.53 -32.33
CA LYS C 459 21.46 5.11 -31.80
C LYS C 459 22.26 5.74 -32.91
N ALA C 460 23.00 6.79 -32.58
CA ALA C 460 23.83 7.42 -33.60
C ALA C 460 25.09 8.03 -33.00
N THR C 461 26.12 8.11 -33.82
CA THR C 461 27.35 8.82 -33.46
C THR C 461 27.47 10.03 -34.34
N LEU C 462 27.45 11.21 -33.73
CA LEU C 462 27.38 12.45 -34.48
C LEU C 462 28.56 13.35 -34.13
N ASP C 463 29.08 14.05 -35.13
CA ASP C 463 30.06 15.07 -34.89
C ASP C 463 29.32 16.39 -34.73
N LEU C 464 29.16 16.85 -33.50
CA LEU C 464 28.44 18.10 -33.26
C LEU C 464 29.37 19.27 -32.92
N SER C 465 30.63 19.18 -33.32
CA SER C 465 31.59 20.22 -32.97
C SER C 465 31.31 21.45 -33.81
N ASN C 466 30.76 21.23 -35.00
CA ASN C 466 30.44 22.33 -35.91
C ASN C 466 28.95 22.38 -36.26
N GLN C 467 28.31 23.50 -35.95
CA GLN C 467 26.87 23.61 -36.11
C GLN C 467 26.40 23.80 -37.56
N ASN C 468 27.33 23.90 -38.50
CA ASN C 468 27.00 23.93 -39.92
C ASN C 468 26.97 22.55 -40.56
N ASN C 469 27.40 21.54 -39.79
CA ASN C 469 27.45 20.14 -40.22
C ASN C 469 26.08 19.53 -40.53
N GLU C 470 26.06 18.55 -41.43
CA GLU C 470 24.85 17.75 -41.59
C GLU C 470 24.49 17.03 -40.29
N ASP C 471 25.50 16.56 -39.55
CA ASP C 471 25.23 15.89 -38.29
C ASP C 471 24.44 16.78 -37.34
N PHE C 472 24.85 18.03 -37.22
CA PHE C 472 24.13 18.96 -36.33
C PHE C 472 22.73 19.28 -36.84
N SER C 473 22.57 19.29 -38.16
CA SER C 473 21.24 19.50 -38.75
C SER C 473 20.32 18.34 -38.39
N ALA C 474 20.86 17.12 -38.44
CA ALA C 474 20.10 15.91 -38.08
C ALA C 474 19.71 15.98 -36.62
N PHE C 475 20.66 16.36 -35.77
CA PHE C 475 20.41 16.54 -34.34
C PHE C 475 19.29 17.56 -34.17
N GLN C 476 19.38 18.69 -34.87
CA GLN C 476 18.32 19.71 -34.81
C GLN C 476 16.95 19.15 -35.19
N LEU C 477 16.89 18.37 -36.27
CA LEU C 477 15.60 17.83 -36.72
C LEU C 477 14.96 16.98 -35.63
N GLY C 478 15.76 16.14 -35.00
CA GLY C 478 15.28 15.35 -33.87
C GLY C 478 14.80 16.20 -32.71
N LEU C 479 15.58 17.20 -32.35
CA LEU C 479 15.19 18.06 -31.24
C LEU C 479 13.89 18.82 -31.53
N ALA C 480 13.84 19.43 -32.71
CA ALA C 480 12.68 20.23 -33.14
C ALA C 480 11.41 19.38 -33.18
N GLN C 481 11.51 18.18 -33.72
CA GLN C 481 10.33 17.33 -33.81
C GLN C 481 9.85 16.94 -32.40
N ALA C 482 10.80 16.61 -31.52
CA ALA C 482 10.45 16.26 -30.16
C ALA C 482 9.76 17.39 -29.43
N LEU C 483 10.12 18.62 -29.79
CA LEU C 483 9.67 19.81 -29.08
C LEU C 483 8.39 20.34 -29.71
N ASP C 484 7.79 19.52 -30.58
CA ASP C 484 6.52 19.83 -31.21
C ASP C 484 6.61 20.90 -32.30
N ILE C 485 7.80 21.16 -32.82
CA ILE C 485 7.89 21.94 -34.04
C ILE C 485 7.49 21.01 -35.20
N LYS C 486 6.58 21.47 -36.04
CA LYS C 486 6.06 20.64 -37.11
C LYS C 486 7.03 20.58 -38.27
N VAL C 487 8.02 19.70 -38.13
CA VAL C 487 9.18 19.69 -39.01
C VAL C 487 8.87 19.32 -40.46
N HIS C 488 7.78 18.60 -40.70
CA HIS C 488 7.49 18.22 -42.07
C HIS C 488 6.88 19.36 -42.89
N THR C 489 6.48 20.43 -42.22
CA THR C 489 5.83 21.56 -42.89
C THR C 489 6.78 22.68 -43.30
N MET C 490 8.08 22.52 -43.03
CA MET C 490 9.06 23.58 -43.27
C MET C 490 10.41 23.00 -43.66
N THR C 491 11.22 23.80 -44.34
CA THR C 491 12.55 23.35 -44.73
C THR C 491 13.50 23.27 -43.54
N ARG C 492 14.64 22.63 -43.76
CA ARG C 492 15.60 22.40 -42.69
C ARG C 492 16.08 23.77 -42.19
N GLU C 493 16.33 24.69 -43.13
CA GLU C 493 16.81 26.02 -42.80
C GLU C 493 15.80 26.79 -41.94
N VAL C 494 14.53 26.74 -42.34
CA VAL C 494 13.48 27.42 -41.59
C VAL C 494 13.31 26.76 -40.22
N MET C 495 13.33 25.43 -40.19
CA MET C 495 13.29 24.68 -38.95
C MET C 495 14.44 25.09 -38.00
N SER C 496 15.63 25.24 -38.58
CA SER C 496 16.80 25.59 -37.77
C SER C 496 16.58 26.91 -37.01
N ASP C 497 16.09 27.93 -37.71
CA ASP C 497 15.79 29.22 -37.12
C ASP C 497 14.73 29.16 -36.01
N GLU C 498 13.66 28.42 -36.24
CA GLU C 498 12.65 28.23 -35.21
C GLU C 498 13.20 27.53 -33.96
N LEU C 499 13.93 26.43 -34.15
CA LEU C 499 14.45 25.68 -33.00
C LEU C 499 15.36 26.56 -32.19
N THR C 500 16.23 27.27 -32.89
CA THR C 500 17.21 28.12 -32.23
C THR C 500 16.51 29.18 -31.40
N LYS C 501 15.43 29.74 -31.94
CA LYS C 501 14.69 30.77 -31.23
C LYS C 501 14.03 30.17 -30.00
N LEU C 502 13.59 28.93 -30.11
CA LEU C 502 12.93 28.27 -29.01
C LEU C 502 13.94 27.90 -27.91
N LEU C 503 15.14 27.50 -28.32
CA LEU C 503 16.17 27.10 -27.36
C LEU C 503 16.72 28.27 -26.54
N GLU C 504 16.86 29.44 -27.17
CA GLU C 504 17.34 30.64 -26.50
C GLU C 504 16.21 31.34 -25.74
N GLY C 505 14.98 31.02 -26.09
CA GLY C 505 13.82 31.66 -25.51
C GLY C 505 13.19 30.87 -24.38
N ASN C 506 11.96 30.36 -24.61
CA ASN C 506 11.18 29.69 -23.58
C ASN C 506 11.84 28.49 -22.90
N LEU C 507 12.68 27.77 -23.62
CA LEU C 507 13.24 26.54 -23.09
C LEU C 507 14.46 26.79 -22.21
N LYS C 508 15.11 27.93 -22.39
CA LYS C 508 16.40 28.17 -21.75
C LYS C 508 16.49 27.82 -20.26
N PRO C 509 15.53 28.29 -19.44
CA PRO C 509 15.50 27.94 -18.02
C PRO C 509 15.46 26.43 -17.80
N ALA C 510 14.72 25.72 -18.65
CA ALA C 510 14.66 24.27 -18.56
C ALA C 510 15.97 23.64 -19.04
N ILE C 511 16.54 24.20 -20.09
CA ILE C 511 17.80 23.72 -20.62
C ILE C 511 18.86 23.87 -19.53
N ASP C 512 18.89 25.04 -18.88
CA ASP C 512 19.88 25.32 -17.84
C ASP C 512 19.73 24.37 -16.67
N MET C 513 18.49 24.09 -16.30
CA MET C 513 18.22 23.12 -15.26
C MET C 513 18.81 21.74 -15.62
N MET C 514 18.64 21.32 -16.86
CA MET C 514 19.14 20.01 -17.30
C MET C 514 20.66 19.97 -17.48
N VAL C 515 21.25 21.12 -17.79
CA VAL C 515 22.71 21.24 -17.82
C VAL C 515 23.27 20.97 -16.42
N GLU C 516 22.67 21.60 -15.41
CA GLU C 516 23.05 21.38 -14.02
C GLU C 516 22.85 19.92 -13.60
N PHE C 517 21.73 19.33 -14.00
CA PHE C 517 21.44 17.94 -13.69
C PHE C 517 22.47 16.99 -14.28
N ASN C 518 22.86 17.22 -15.53
CA ASN C 518 23.84 16.37 -16.19
C ASN C 518 25.24 16.69 -15.69
N THR C 519 25.33 17.69 -14.82
CA THR C 519 26.61 18.04 -14.22
C THR C 519 26.74 17.47 -12.81
N THR C 520 25.68 17.56 -12.01
CA THR C 520 25.77 17.13 -10.61
C THR C 520 24.80 16.02 -10.24
N GLY C 521 23.83 15.75 -11.11
CA GLY C 521 22.88 14.68 -10.84
C GLY C 521 21.72 15.10 -9.95
N SER C 522 21.59 16.39 -9.70
CA SER C 522 20.52 16.88 -8.84
C SER C 522 19.49 17.75 -9.57
N LEU C 523 18.27 17.77 -9.06
CA LEU C 523 17.20 18.61 -9.59
C LEU C 523 16.68 19.55 -8.51
N PRO C 524 16.30 20.78 -8.90
CA PRO C 524 15.68 21.74 -7.96
C PRO C 524 14.32 21.24 -7.46
N GLU C 525 13.85 21.77 -6.33
CA GLU C 525 12.54 21.41 -5.80
C GLU C 525 11.41 21.89 -6.70
N ASN C 526 11.69 22.90 -7.52
CA ASN C 526 10.68 23.45 -8.42
C ASN C 526 10.83 22.91 -9.84
N ALA C 527 11.41 21.72 -9.96
CA ALA C 527 11.63 21.09 -11.27
C ALA C 527 10.36 21.06 -12.11
N VAL C 528 9.27 20.56 -11.55
CA VAL C 528 8.04 20.43 -12.31
C VAL C 528 7.63 21.81 -12.83
N ASP C 529 7.70 22.80 -11.97
CA ASP C 529 7.34 24.18 -12.30
C ASP C 529 8.20 24.75 -13.43
N VAL C 530 9.51 24.52 -13.34
CA VAL C 530 10.44 24.96 -14.37
C VAL C 530 10.14 24.30 -15.73
N LEU C 531 9.85 23.01 -15.71
CA LEU C 531 9.57 22.28 -16.94
C LEU C 531 8.24 22.69 -17.54
N ASN C 532 7.22 22.70 -16.69
CA ASN C 532 5.88 23.06 -17.12
C ASN C 532 5.84 24.43 -17.78
N THR C 533 6.53 25.38 -17.15
CA THR C 533 6.56 26.74 -17.66
C THR C 533 7.29 26.83 -19.00
N ALA C 534 8.43 26.15 -19.09
CA ALA C 534 9.26 26.18 -20.30
C ALA C 534 8.58 25.54 -21.51
N LEU C 535 7.87 24.44 -21.28
CA LEU C 535 7.35 23.61 -22.36
C LEU C 535 5.94 23.99 -22.81
N GLY C 536 5.13 24.48 -21.87
CA GLY C 536 3.75 24.80 -22.21
C GLY C 536 3.08 23.60 -22.85
N ASP C 537 2.46 23.82 -24.00
CA ASP C 537 1.76 22.75 -24.70
C ASP C 537 2.67 21.76 -25.42
N ARG C 538 3.98 22.02 -25.41
CA ARG C 538 4.95 21.14 -26.06
C ARG C 538 5.32 19.97 -25.15
N LYS C 539 4.75 19.95 -23.95
CA LYS C 539 5.08 18.94 -22.97
C LYS C 539 4.72 17.53 -23.44
N SER C 540 5.69 16.62 -23.30
CA SER C 540 5.50 15.21 -23.64
C SER C 540 6.74 14.47 -23.19
N PHE C 541 6.69 13.15 -23.10
CA PHE C 541 7.89 12.40 -22.72
C PHE C 541 9.04 12.58 -23.74
N VAL C 542 8.71 12.54 -25.02
CA VAL C 542 9.72 12.75 -26.06
C VAL C 542 10.33 14.16 -25.95
N ALA C 543 9.54 15.14 -25.53
CA ALA C 543 10.08 16.48 -25.29
C ALA C 543 11.11 16.49 -24.15
N LEU C 544 10.87 15.72 -23.10
CA LEU C 544 11.85 15.59 -22.03
C LEU C 544 13.13 14.95 -22.54
N MET C 545 13.00 13.99 -23.44
CA MET C 545 14.18 13.37 -24.06
C MET C 545 14.99 14.40 -24.85
N ALA C 546 14.31 15.30 -25.56
CA ALA C 546 14.99 16.39 -26.25
C ALA C 546 15.72 17.35 -25.29
N LEU C 547 15.12 17.63 -24.14
CA LEU C 547 15.81 18.49 -23.17
C LEU C 547 17.04 17.78 -22.63
N MET C 548 16.85 16.53 -22.22
CA MET C 548 17.95 15.71 -21.77
C MET C 548 19.09 15.70 -22.80
N GLU C 549 18.80 15.28 -24.03
CA GLU C 549 19.85 15.09 -25.01
C GLU C 549 20.56 16.39 -25.39
N TYR C 550 19.82 17.48 -25.49
CA TYR C 550 20.46 18.74 -25.84
C TYR C 550 21.40 19.19 -24.73
N SER C 551 20.98 19.04 -23.49
CA SER C 551 21.78 19.51 -22.38
C SER C 551 23.00 18.62 -22.20
N ARG C 552 22.86 17.33 -22.52
CA ARG C 552 24.02 16.44 -22.48
C ARG C 552 25.03 16.86 -23.53
N TYR C 553 24.55 17.27 -24.70
CA TYR C 553 25.44 17.81 -25.73
C TYR C 553 26.18 19.06 -25.22
N LEU C 554 25.46 19.95 -24.54
CA LEU C 554 26.07 21.16 -23.98
C LEU C 554 27.22 20.85 -23.03
N VAL C 555 27.08 19.81 -22.21
CA VAL C 555 28.12 19.47 -21.22
C VAL C 555 29.11 18.41 -21.71
N ALA C 556 28.91 17.89 -22.91
CA ALA C 556 29.72 16.76 -23.40
C ALA C 556 31.18 17.14 -23.65
N GLU C 557 32.08 16.34 -23.09
CA GLU C 557 33.53 16.47 -23.27
C GLU C 557 33.90 16.36 -24.74
N ASP C 558 33.27 15.42 -25.44
CA ASP C 558 33.63 15.12 -26.81
C ASP C 558 32.45 15.37 -27.75
N LYS C 559 32.18 16.64 -28.02
CA LYS C 559 31.13 17.01 -28.96
C LYS C 559 31.36 16.47 -30.37
N SER C 560 32.58 16.04 -30.66
CA SER C 560 32.90 15.60 -32.03
C SER C 560 32.58 14.12 -32.30
N ALA C 561 32.15 13.41 -31.26
CA ALA C 561 31.66 12.05 -31.43
C ALA C 561 30.57 11.79 -30.40
N PHE C 562 29.49 12.56 -30.47
CA PHE C 562 28.45 12.49 -29.48
C PHE C 562 27.55 11.29 -29.78
N VAL C 563 27.30 10.46 -28.78
CA VAL C 563 26.47 9.27 -28.96
C VAL C 563 25.08 9.48 -28.37
N THR C 564 24.05 9.23 -29.17
CA THR C 564 22.68 9.51 -28.74
C THR C 564 21.66 8.56 -29.35
N PRO C 565 20.61 8.22 -28.59
CA PRO C 565 19.46 7.46 -29.08
C PRO C 565 18.38 8.37 -29.67
N LEU C 566 18.54 9.68 -29.54
CA LEU C 566 17.56 10.63 -30.09
C LEU C 566 17.16 10.23 -31.51
N TYR C 567 15.87 10.26 -31.81
CA TYR C 567 15.40 9.78 -33.09
C TYR C 567 14.58 10.81 -33.87
N VAL C 568 14.40 10.55 -35.16
CA VAL C 568 13.44 11.29 -35.98
C VAL C 568 12.39 10.28 -36.43
N GLU C 569 11.13 10.61 -36.20
CA GLU C 569 10.07 9.76 -36.69
C GLU C 569 9.65 10.15 -38.10
N ALA C 570 9.89 9.26 -39.05
CA ALA C 570 9.29 9.42 -40.37
C ALA C 570 7.83 9.08 -40.18
N ASP C 571 6.95 10.07 -40.28
CA ASP C 571 5.57 9.87 -39.85
C ASP C 571 4.56 10.07 -40.98
N GLY C 572 3.68 9.10 -41.16
CA GLY C 572 2.67 9.17 -42.21
C GLY C 572 1.80 10.39 -42.04
N VAL C 573 1.60 11.13 -43.13
CA VAL C 573 0.75 12.32 -43.15
C VAL C 573 -0.69 11.92 -43.51
N THR C 574 -1.62 12.06 -42.57
CA THR C 574 -3.00 11.56 -42.74
C THR C 574 -3.00 10.22 -43.45
N ASN C 575 -2.28 9.27 -42.85
CA ASN C 575 -1.96 8.00 -43.46
C ASN C 575 -3.14 7.16 -43.94
N GLY C 576 -4.08 6.88 -43.03
CA GLY C 576 -5.21 6.04 -43.35
C GLY C 576 -6.05 6.58 -44.50
N PRO C 577 -6.50 7.84 -44.39
CA PRO C 577 -7.29 8.43 -45.47
C PRO C 577 -6.56 8.44 -46.83
N ILE C 578 -5.29 8.84 -46.81
CA ILE C 578 -4.50 8.90 -48.03
C ILE C 578 -4.35 7.52 -48.66
N ASN C 579 -4.04 6.50 -47.86
CA ASN C 579 -3.94 5.13 -48.37
C ASN C 579 -5.26 4.67 -48.99
N ALA C 580 -6.35 4.99 -48.32
CA ALA C 580 -7.68 4.65 -48.81
C ALA C 580 -7.91 5.31 -50.18
N MET C 581 -7.60 6.59 -50.29
CA MET C 581 -7.73 7.29 -51.57
C MET C 581 -6.85 6.66 -52.67
N MET C 582 -5.66 6.20 -52.32
CA MET C 582 -4.81 5.58 -53.34
C MET C 582 -5.26 4.17 -53.68
N LEU C 583 -5.62 3.41 -52.66
CA LEU C 583 -5.89 2.00 -52.87
C LEU C 583 -7.27 1.70 -53.46
N MET C 584 -8.23 2.62 -53.27
CA MET C 584 -9.61 2.31 -53.58
C MET C 584 -10.38 3.32 -54.42
N THR C 585 -9.76 4.44 -54.75
CA THR C 585 -10.40 5.32 -55.71
C THR C 585 -10.35 4.62 -57.07
N GLY C 586 -11.50 4.46 -57.70
CA GLY C 586 -11.57 3.61 -58.89
C GLY C 586 -12.06 4.19 -60.20
N GLY C 587 -12.15 5.51 -60.31
CA GLY C 587 -12.62 6.10 -61.57
C GLY C 587 -11.51 6.64 -62.45
N LEU C 588 -11.88 7.53 -63.36
CA LEU C 588 -10.90 8.31 -64.12
C LEU C 588 -10.25 9.32 -63.17
N PHE C 589 -9.12 9.88 -63.58
CA PHE C 589 -8.44 10.86 -62.75
C PHE C 589 -9.15 12.20 -62.81
N THR C 590 -9.21 12.87 -61.66
CA THR C 590 -9.80 14.20 -61.60
C THR C 590 -8.81 15.13 -60.94
N PRO C 591 -8.84 16.41 -61.32
CA PRO C 591 -7.96 17.46 -60.76
C PRO C 591 -8.06 17.58 -59.24
N ASP C 592 -9.26 17.46 -58.68
CA ASP C 592 -9.45 17.57 -57.24
C ASP C 592 -8.70 16.47 -56.51
N TRP C 593 -8.75 15.28 -57.08
CA TRP C 593 -8.08 14.13 -56.50
C TRP C 593 -6.58 14.39 -56.52
N ILE C 594 -6.08 14.89 -57.65
CA ILE C 594 -4.65 15.21 -57.76
C ILE C 594 -4.19 16.19 -56.68
N ARG C 595 -4.93 17.26 -56.46
CA ARG C 595 -4.60 18.20 -55.40
C ARG C 595 -4.64 17.58 -54.00
N ASN C 596 -5.68 16.80 -53.75
CA ASN C 596 -5.89 16.24 -52.42
C ASN C 596 -4.90 15.14 -52.07
N ILE C 597 -4.54 14.33 -53.06
CA ILE C 597 -3.62 13.24 -52.82
C ILE C 597 -2.21 13.78 -52.62
N ALA C 598 -1.95 14.95 -53.21
CA ALA C 598 -0.69 15.64 -52.98
C ALA C 598 -0.54 16.03 -51.52
N LYS C 599 -1.66 16.25 -50.84
CA LYS C 599 -1.63 16.56 -49.41
C LYS C 599 -1.09 15.35 -48.62
N GLY C 600 -1.06 14.19 -49.27
CA GLY C 600 -0.55 12.99 -48.65
C GLY C 600 0.85 12.59 -49.10
N GLY C 601 1.47 13.44 -49.90
CA GLY C 601 2.84 13.17 -50.33
C GLY C 601 2.97 12.41 -51.63
N LEU C 602 1.90 12.35 -52.41
CA LEU C 602 1.98 11.83 -53.77
C LEU C 602 2.07 12.99 -54.73
N PHE C 603 3.28 13.25 -55.24
CA PHE C 603 3.52 14.39 -56.12
C PHE C 603 3.72 13.96 -57.56
N ILE C 604 2.92 14.54 -58.45
CA ILE C 604 2.99 14.20 -59.86
C ILE C 604 3.66 15.33 -60.62
N GLY C 605 4.71 15.02 -61.37
CA GLY C 605 5.36 16.01 -62.21
C GLY C 605 6.20 17.03 -61.46
N SER C 606 6.83 16.62 -60.36
CA SER C 606 7.71 17.49 -59.58
C SER C 606 8.87 16.65 -59.03
N PRO C 607 9.90 16.46 -59.84
CA PRO C 607 11.00 15.56 -59.42
C PRO C 607 11.61 16.01 -58.09
N ASN C 608 11.79 15.06 -57.18
CA ASN C 608 12.42 15.32 -55.88
C ASN C 608 11.68 16.30 -54.97
N LYS C 609 10.42 16.58 -55.27
CA LYS C 609 9.63 17.41 -54.38
C LYS C 609 9.45 16.66 -53.05
N THR C 610 9.55 17.40 -51.94
CA THR C 610 9.38 16.87 -50.60
C THR C 610 8.09 17.40 -49.99
N MET C 611 7.65 16.79 -48.90
CA MET C 611 6.51 17.31 -48.16
C MET C 611 6.83 18.68 -47.60
N ASN C 612 8.09 18.88 -47.19
CA ASN C 612 8.52 20.15 -46.64
C ASN C 612 8.33 21.28 -47.65
N GLU C 613 8.67 21.02 -48.90
CA GLU C 613 8.47 22.01 -49.98
C GLU C 613 6.98 22.19 -50.28
N HIS C 614 6.26 21.09 -50.39
CA HIS C 614 4.84 21.16 -50.67
C HIS C 614 4.12 22.04 -49.65
N ARG C 615 4.36 21.80 -48.37
CA ARG C 615 3.65 22.56 -47.33
C ARG C 615 4.06 24.02 -47.26
N SER C 616 5.31 24.31 -47.58
CA SER C 616 5.81 25.67 -47.46
C SER C 616 5.56 26.53 -48.71
N THR C 617 5.42 25.91 -49.89
CA THR C 617 5.27 26.66 -51.14
C THR C 617 4.07 26.32 -52.02
N ALA C 618 3.33 25.26 -51.70
CA ALA C 618 2.29 24.81 -52.62
C ALA C 618 0.90 24.73 -52.00
N ASP C 619 0.83 24.15 -50.81
CA ASP C 619 -0.46 23.90 -50.17
C ASP C 619 -0.27 23.63 -48.70
N ASN C 620 -0.58 24.60 -47.86
CA ASN C 620 -0.36 24.46 -46.43
C ASN C 620 -1.52 23.77 -45.68
N ASN C 621 -2.48 23.27 -46.44
CA ASN C 621 -3.65 22.60 -45.87
C ASN C 621 -3.55 21.07 -45.98
N ASP C 622 -3.49 20.39 -44.84
CA ASP C 622 -3.54 18.93 -44.89
C ASP C 622 -5.00 18.49 -45.09
N LEU C 623 -5.19 17.18 -45.22
CA LEU C 623 -6.51 16.62 -45.48
C LEU C 623 -7.53 16.97 -44.38
N TYR C 624 -7.09 17.10 -43.13
CA TYR C 624 -7.99 17.46 -42.03
C TYR C 624 -8.50 18.89 -42.18
N GLN C 625 -7.60 19.79 -42.55
CA GLN C 625 -7.94 21.19 -42.73
C GLN C 625 -8.89 21.35 -43.90
N ALA C 626 -8.60 20.62 -44.97
CA ALA C 626 -9.45 20.63 -46.15
C ALA C 626 -10.87 20.22 -45.78
N SER C 627 -11.00 19.11 -45.06
CA SER C 627 -12.31 18.66 -44.63
C SER C 627 -12.97 19.69 -43.71
N THR C 628 -12.17 20.35 -42.89
CA THR C 628 -12.64 21.45 -42.04
C THR C 628 -13.16 22.66 -42.83
N ASN C 629 -12.46 23.00 -43.91
CA ASN C 629 -12.90 24.09 -44.77
C ASN C 629 -14.19 23.70 -45.50
N ALA C 630 -14.34 22.42 -45.79
CA ALA C 630 -15.52 21.94 -46.49
C ALA C 630 -16.72 21.83 -45.55
N LEU C 631 -16.46 21.46 -44.29
CA LEU C 631 -17.48 21.53 -43.24
C LEU C 631 -18.05 22.94 -43.12
N MET C 632 -17.19 23.95 -43.17
CA MET C 632 -17.66 25.33 -43.13
C MET C 632 -18.59 25.65 -44.30
N GLU C 633 -18.24 25.19 -45.49
CA GLU C 633 -19.10 25.41 -46.65
C GLU C 633 -20.45 24.74 -46.44
N SER C 634 -20.42 23.49 -45.99
CA SER C 634 -21.64 22.72 -45.79
C SER C 634 -22.50 23.28 -44.67
N LEU C 635 -21.87 23.78 -43.62
CA LEU C 635 -22.58 24.35 -42.50
C LEU C 635 -23.22 25.66 -42.92
N GLY C 636 -22.55 26.36 -43.84
CA GLY C 636 -23.11 27.53 -44.49
C GLY C 636 -24.35 27.19 -45.29
N LYS C 637 -24.25 26.20 -46.17
CA LYS C 637 -25.39 25.77 -46.95
C LYS C 637 -26.57 25.38 -46.07
N LEU C 638 -26.29 24.70 -44.97
CA LEU C 638 -27.37 24.25 -44.08
C LEU C 638 -28.14 25.45 -43.52
N ARG C 639 -27.40 26.44 -43.02
CA ARG C 639 -28.03 27.64 -42.52
C ARG C 639 -28.88 28.36 -43.57
N SER C 640 -28.39 28.41 -44.81
CA SER C 640 -29.11 29.05 -45.90
C SER C 640 -30.46 28.41 -46.11
N ASN C 641 -30.46 27.09 -46.29
CA ASN C 641 -31.69 26.33 -46.47
C ASN C 641 -32.73 26.61 -45.38
N TYR C 642 -32.26 27.08 -44.24
CA TYR C 642 -33.14 27.39 -43.12
C TYR C 642 -32.98 28.85 -42.69
N ALA C 643 -32.69 29.72 -43.67
CA ALA C 643 -32.37 31.12 -43.38
C ALA C 643 -33.53 31.87 -42.74
N SER C 644 -34.75 31.50 -43.11
CA SER C 644 -35.94 32.19 -42.63
C SER C 644 -36.41 31.58 -41.32
N ASN C 645 -36.07 30.31 -41.10
CA ASN C 645 -36.48 29.58 -39.92
C ASN C 645 -35.67 29.95 -38.68
N MET C 646 -36.15 30.92 -37.92
CA MET C 646 -35.38 31.45 -36.78
C MET C 646 -35.07 30.45 -35.67
N PRO C 647 -36.06 29.63 -35.27
CA PRO C 647 -35.79 28.65 -34.22
C PRO C 647 -34.65 27.67 -34.58
N ILE C 648 -34.58 27.23 -35.82
CA ILE C 648 -33.47 26.38 -36.25
C ILE C 648 -32.14 27.13 -36.23
N GLN C 649 -32.14 28.36 -36.72
CA GLN C 649 -30.95 29.21 -36.62
C GLN C 649 -30.51 29.36 -35.17
N SER C 650 -31.45 29.67 -34.29
CA SER C 650 -31.15 29.85 -32.88
C SER C 650 -30.69 28.54 -32.25
N GLN C 651 -31.13 27.42 -32.82
CA GLN C 651 -30.73 26.11 -32.31
C GLN C 651 -29.29 25.85 -32.71
N ILE C 652 -28.96 26.18 -33.95
CA ILE C 652 -27.60 26.05 -34.44
C ILE C 652 -26.67 26.97 -33.67
N ASP C 653 -27.06 28.24 -33.55
CA ASP C 653 -26.25 29.22 -32.84
C ASP C 653 -25.93 28.74 -31.43
N SER C 654 -26.90 28.09 -30.80
CA SER C 654 -26.73 27.61 -29.43
C SER C 654 -25.69 26.50 -29.36
N LEU C 655 -25.69 25.64 -30.37
CA LEU C 655 -24.76 24.53 -30.42
C LEU C 655 -23.34 25.06 -30.60
N LEU C 656 -23.16 25.95 -31.57
CA LEU C 656 -21.86 26.55 -31.83
C LEU C 656 -21.39 27.37 -30.64
N SER C 657 -22.33 28.04 -29.96
CA SER C 657 -21.96 28.84 -28.81
C SER C 657 -21.42 27.94 -27.71
N LEU C 658 -22.11 26.83 -27.47
CA LEU C 658 -21.71 25.92 -26.40
C LEU C 658 -20.35 25.26 -26.67
N MET C 659 -20.10 24.93 -27.93
CA MET C 659 -18.80 24.35 -28.32
C MET C 659 -17.71 25.42 -28.23
N ASP C 660 -18.03 26.64 -28.67
CA ASP C 660 -17.07 27.73 -28.61
C ASP C 660 -16.67 27.98 -27.16
N LEU C 661 -17.63 27.83 -26.27
CA LEU C 661 -17.38 28.02 -24.85
C LEU C 661 -16.35 27.04 -24.30
N PHE C 662 -16.30 25.83 -24.85
CA PHE C 662 -15.51 24.77 -24.23
C PHE C 662 -14.44 24.08 -25.08
N LEU C 663 -14.55 24.17 -26.40
CA LEU C 663 -13.59 23.54 -27.30
C LEU C 663 -12.68 24.58 -27.95
N PRO C 664 -11.37 24.31 -27.98
CA PRO C 664 -10.45 25.26 -28.59
C PRO C 664 -10.57 25.30 -30.12
N ASP C 665 -10.92 24.17 -30.73
CA ASP C 665 -10.98 24.07 -32.19
C ASP C 665 -12.16 24.82 -32.79
N ILE C 666 -13.07 25.29 -31.94
CA ILE C 666 -14.22 26.05 -32.40
C ILE C 666 -14.16 27.46 -31.86
N ASN C 667 -14.06 28.44 -32.76
CA ASN C 667 -14.13 29.85 -32.37
C ASN C 667 -15.31 30.59 -32.99
N LEU C 668 -16.24 31.01 -32.16
CA LEU C 668 -17.31 31.88 -32.62
C LEU C 668 -16.88 33.33 -32.48
N GLY C 669 -16.67 33.98 -33.62
CA GLY C 669 -16.32 35.39 -33.64
C GLY C 669 -17.46 36.26 -33.17
N GLU C 670 -17.17 37.53 -32.95
CA GLU C 670 -18.14 38.49 -32.42
C GLU C 670 -19.30 38.72 -33.38
N ASN C 671 -18.99 38.90 -34.66
CA ASN C 671 -19.99 39.21 -35.68
C ASN C 671 -20.78 37.99 -36.18
N GLY C 672 -20.56 36.85 -35.53
CA GLY C 672 -21.19 35.61 -35.94
C GLY C 672 -20.24 34.75 -36.74
N ALA C 673 -19.16 35.37 -37.21
CA ALA C 673 -18.15 34.64 -37.96
C ALA C 673 -17.74 33.40 -37.20
N LEU C 674 -17.41 32.34 -37.92
CA LEU C 674 -17.07 31.07 -37.32
C LEU C 674 -15.74 30.56 -37.84
N GLU C 675 -14.81 30.27 -36.94
CA GLU C 675 -13.52 29.69 -37.30
C GLU C 675 -13.38 28.28 -36.73
N LEU C 676 -12.90 27.35 -37.54
CA LEU C 676 -12.70 25.98 -37.11
C LEU C 676 -11.26 25.55 -37.32
N LYS C 677 -10.70 24.91 -36.30
CA LYS C 677 -9.32 24.41 -36.39
C LYS C 677 -9.32 23.00 -36.95
N ARG C 678 -8.26 22.66 -37.68
CA ARG C 678 -8.14 21.35 -38.30
C ARG C 678 -8.43 20.22 -37.30
N GLY C 679 -8.36 20.54 -36.02
CA GLY C 679 -8.50 19.53 -34.98
C GLY C 679 -9.83 18.81 -34.90
N ILE C 680 -10.94 19.51 -35.10
CA ILE C 680 -12.26 18.88 -34.95
C ILE C 680 -12.50 17.80 -36.00
N ALA C 681 -11.77 17.86 -37.11
CA ALA C 681 -11.95 16.88 -38.18
C ALA C 681 -11.00 15.67 -38.10
N LYS C 682 -9.97 15.75 -37.27
CA LYS C 682 -8.98 14.65 -37.25
C LYS C 682 -9.60 13.28 -37.00
N ASN C 683 -10.23 13.10 -35.85
CA ASN C 683 -10.85 11.81 -35.56
C ASN C 683 -12.04 11.47 -36.48
N PRO C 684 -12.94 12.43 -36.71
CA PRO C 684 -14.05 12.16 -37.64
C PRO C 684 -13.59 11.73 -39.03
N LEU C 685 -12.54 12.32 -39.58
CA LEU C 685 -12.12 11.97 -40.94
C LEU C 685 -11.75 10.49 -40.99
N THR C 686 -10.91 10.07 -40.06
CA THR C 686 -10.44 8.70 -40.01
C THR C 686 -11.57 7.67 -39.92
N ILE C 687 -12.31 7.73 -38.81
CA ILE C 687 -13.27 6.68 -38.54
C ILE C 687 -14.45 6.70 -39.47
N THR C 688 -14.67 7.84 -40.13
CA THR C 688 -15.72 7.94 -41.13
C THR C 688 -15.41 7.01 -42.30
N ILE C 689 -14.16 7.03 -42.73
CA ILE C 689 -13.73 6.18 -43.81
C ILE C 689 -13.86 4.73 -43.39
N TYR C 690 -13.74 4.49 -42.09
CA TYR C 690 -13.79 3.15 -41.53
C TYR C 690 -15.18 2.65 -41.18
N GLY C 691 -16.19 3.22 -41.83
CA GLY C 691 -17.55 2.74 -41.69
C GLY C 691 -18.28 3.27 -40.49
N SER C 692 -17.60 4.04 -39.66
CA SER C 692 -18.24 4.62 -38.49
C SER C 692 -19.50 5.40 -38.87
N GLY C 693 -20.58 5.16 -38.14
CA GLY C 693 -21.80 5.91 -38.34
C GLY C 693 -21.60 7.35 -37.92
N ALA C 694 -22.54 8.20 -38.28
CA ALA C 694 -22.48 9.62 -37.93
C ALA C 694 -22.80 9.79 -36.46
N ARG C 695 -23.67 8.94 -35.94
CA ARG C 695 -24.11 9.05 -34.55
C ARG C 695 -22.94 8.81 -33.59
N GLY C 696 -22.05 7.91 -33.97
CA GLY C 696 -20.88 7.61 -33.16
C GLY C 696 -19.98 8.84 -33.06
N ILE C 697 -19.79 9.51 -34.19
CA ILE C 697 -19.00 10.73 -34.21
C ILE C 697 -19.67 11.81 -33.36
N ALA C 698 -20.99 11.93 -33.49
CA ALA C 698 -21.71 12.93 -32.71
C ALA C 698 -21.50 12.65 -31.23
N GLY C 699 -21.54 11.38 -30.86
CA GLY C 699 -21.34 10.96 -29.48
C GLY C 699 -19.98 11.39 -28.96
N LYS C 700 -18.94 11.16 -29.76
CA LYS C 700 -17.59 11.54 -29.34
C LYS C 700 -17.49 13.04 -29.11
N LEU C 701 -18.01 13.83 -30.04
CA LEU C 701 -17.95 15.29 -29.92
C LEU C 701 -18.64 15.80 -28.68
N VAL C 702 -19.79 15.23 -28.35
CA VAL C 702 -20.48 15.61 -27.11
C VAL C 702 -19.62 15.22 -25.91
N SER C 703 -19.01 14.04 -25.98
CA SER C 703 -18.15 13.58 -24.89
C SER C 703 -17.06 14.59 -24.59
N SER C 704 -16.50 15.17 -25.63
CA SER C 704 -15.40 16.12 -25.43
C SER C 704 -15.93 17.43 -24.85
N VAL C 705 -17.19 17.75 -25.12
CA VAL C 705 -17.79 18.94 -24.53
C VAL C 705 -18.09 18.75 -23.05
N THR C 706 -18.70 17.62 -22.71
CA THR C 706 -19.05 17.34 -21.31
C THR C 706 -17.80 17.20 -20.45
N ASP C 707 -16.72 16.65 -21.02
CA ASP C 707 -15.46 16.55 -20.32
C ASP C 707 -14.97 17.94 -19.92
N ALA C 708 -15.04 18.87 -20.86
CA ALA C 708 -14.58 20.23 -20.66
C ALA C 708 -15.46 20.96 -19.65
N ILE C 709 -16.76 20.72 -19.74
CA ILE C 709 -17.70 21.30 -18.80
C ILE C 709 -17.39 20.81 -17.37
N TYR C 710 -17.15 19.52 -17.23
CA TYR C 710 -16.80 18.96 -15.92
C TYR C 710 -15.50 19.53 -15.39
N GLU C 711 -14.54 19.72 -16.27
CA GLU C 711 -13.29 20.37 -15.88
C GLU C 711 -13.59 21.77 -15.35
N ARG C 712 -14.39 22.52 -16.11
CA ARG C 712 -14.69 23.89 -15.72
C ARG C 712 -15.42 23.92 -14.38
N MET C 713 -16.13 22.85 -14.06
CA MET C 713 -16.80 22.75 -12.75
C MET C 713 -15.78 22.59 -11.62
N SER C 714 -14.66 21.95 -11.94
CA SER C 714 -13.56 21.86 -10.98
C SER C 714 -12.86 23.21 -10.83
N ASP C 715 -12.59 23.86 -11.96
CA ASP C 715 -11.99 25.19 -11.97
C ASP C 715 -12.76 26.12 -11.04
N VAL C 716 -14.07 25.95 -10.99
CA VAL C 716 -14.94 26.81 -10.20
C VAL C 716 -14.72 26.62 -8.72
N LEU C 717 -14.65 25.36 -8.28
CA LEU C 717 -14.43 25.05 -6.88
C LEU C 717 -13.08 25.59 -6.40
N LYS C 718 -12.05 25.40 -7.22
CA LYS C 718 -10.71 25.87 -6.90
C LYS C 718 -10.70 27.39 -6.70
N ALA C 719 -11.07 28.12 -7.76
CA ALA C 719 -11.06 29.58 -7.73
C ALA C 719 -12.06 30.13 -6.70
N ARG C 720 -13.08 29.34 -6.40
CA ARG C 720 -14.09 29.75 -5.42
C ARG C 720 -13.66 29.42 -3.99
N ALA C 721 -12.76 28.45 -3.85
CA ALA C 721 -12.24 28.09 -2.54
C ALA C 721 -11.44 29.24 -1.95
N LYS C 722 -10.97 30.12 -2.82
CA LYS C 722 -10.16 31.26 -2.39
C LYS C 722 -10.98 32.51 -2.07
N ASP C 723 -12.28 32.31 -1.81
CA ASP C 723 -13.20 33.37 -1.37
C ASP C 723 -14.64 32.97 -1.63
N PRO C 724 -15.28 32.35 -0.64
CA PRO C 724 -16.67 31.87 -0.73
C PRO C 724 -17.62 32.98 -1.17
N ASN C 725 -17.07 34.06 -1.71
CA ASN C 725 -17.86 35.20 -2.18
C ASN C 725 -17.51 35.60 -3.60
N ILE C 726 -16.97 34.66 -4.37
CA ILE C 726 -16.59 34.95 -5.75
C ILE C 726 -17.80 34.88 -6.68
N SER C 727 -17.88 35.84 -7.59
CA SER C 727 -18.93 35.86 -8.60
C SER C 727 -18.92 34.58 -9.41
N ALA C 728 -20.08 33.92 -9.49
CA ALA C 728 -20.20 32.66 -10.25
C ALA C 728 -19.69 32.80 -11.69
N ALA C 729 -20.12 33.85 -12.37
CA ALA C 729 -19.66 34.10 -13.73
C ALA C 729 -18.15 34.27 -13.78
N MET C 730 -17.61 34.98 -12.79
CA MET C 730 -16.16 35.17 -12.70
C MET C 730 -15.45 33.92 -12.18
N ALA C 731 -16.18 33.08 -11.46
CA ALA C 731 -15.64 31.81 -10.97
C ALA C 731 -15.47 30.82 -12.11
N MET C 732 -16.24 30.99 -13.17
CA MET C 732 -16.31 30.00 -14.24
C MET C 732 -15.71 30.50 -15.55
N PHE C 733 -15.56 31.82 -15.69
CA PHE C 733 -15.08 32.41 -16.94
C PHE C 733 -14.07 33.54 -16.73
N GLY C 734 -13.15 33.33 -15.80
CA GLY C 734 -12.11 34.31 -15.52
C GLY C 734 -10.94 34.17 -16.49
N LYS C 735 -10.30 33.02 -16.44
CA LYS C 735 -9.15 32.74 -17.30
C LYS C 735 -9.51 32.90 -18.79
N GLN C 736 -10.81 32.91 -19.08
CA GLN C 736 -11.29 32.89 -20.46
C GLN C 736 -11.54 34.27 -21.07
N ALA C 737 -11.96 35.23 -20.26
CA ALA C 737 -12.30 36.55 -20.78
C ALA C 737 -11.25 37.61 -20.44
N ALA C 738 -11.59 38.86 -20.69
CA ALA C 738 -10.69 39.98 -20.44
C ALA C 738 -11.17 40.81 -19.26
N SER C 739 -12.40 41.32 -19.36
CA SER C 739 -12.97 42.16 -18.32
C SER C 739 -13.71 41.32 -17.28
N GLU C 740 -14.66 41.94 -16.59
CA GLU C 740 -15.41 41.25 -15.53
C GLU C 740 -16.84 40.93 -15.95
N ALA C 741 -17.71 41.93 -15.94
CA ALA C 741 -19.11 41.74 -16.32
C ALA C 741 -19.24 40.90 -17.59
N HIS C 742 -18.20 40.96 -18.41
CA HIS C 742 -18.10 40.15 -19.62
C HIS C 742 -18.36 38.68 -19.29
N ALA C 743 -18.04 38.29 -18.06
CA ALA C 743 -18.24 36.92 -17.61
C ALA C 743 -19.72 36.62 -17.41
N GLU C 744 -20.42 37.56 -16.80
CA GLU C 744 -21.85 37.38 -16.52
C GLU C 744 -22.59 37.04 -17.80
N GLU C 745 -22.10 37.57 -18.92
CA GLU C 745 -22.70 37.33 -20.22
C GLU C 745 -22.33 35.94 -20.74
N LEU C 746 -21.16 35.47 -20.33
CA LEU C 746 -20.70 34.13 -20.70
C LEU C 746 -21.46 33.04 -19.97
N LEU C 747 -21.67 33.24 -18.67
CA LEU C 747 -22.46 32.32 -17.87
C LEU C 747 -23.89 32.26 -18.39
N ALA C 748 -24.39 33.42 -18.79
CA ALA C 748 -25.73 33.53 -19.37
C ALA C 748 -25.83 32.70 -20.64
N ARG C 749 -24.82 32.85 -21.50
CA ARG C 749 -24.74 32.08 -22.73
C ARG C 749 -24.71 30.58 -22.45
N PHE C 750 -24.00 30.21 -21.39
CA PHE C 750 -23.86 28.80 -21.05
C PHE C 750 -25.19 28.20 -20.65
N LEU C 751 -25.90 28.88 -19.75
CA LEU C 751 -27.18 28.39 -19.26
C LEU C 751 -28.24 28.44 -20.36
N LYS C 752 -28.16 29.46 -21.22
CA LYS C 752 -29.06 29.58 -22.36
C LYS C 752 -28.86 28.42 -23.34
N ASP C 753 -27.60 28.16 -23.69
CA ASP C 753 -27.26 27.07 -24.61
C ASP C 753 -27.65 25.70 -24.06
N MET C 754 -27.25 25.40 -22.83
CA MET C 754 -27.60 24.11 -22.22
C MET C 754 -29.12 23.92 -22.22
N GLU C 755 -29.84 24.98 -21.89
CA GLU C 755 -31.30 24.89 -21.84
C GLU C 755 -31.90 24.60 -23.20
N THR C 756 -31.51 25.37 -24.21
CA THR C 756 -32.09 25.19 -25.53
C THR C 756 -31.70 23.85 -26.13
N LEU C 757 -30.46 23.44 -25.91
CA LEU C 757 -29.95 22.21 -26.52
C LEU C 757 -30.50 20.95 -25.86
N THR C 758 -30.94 21.05 -24.61
CA THR C 758 -31.47 19.88 -23.93
C THR C 758 -33.00 19.81 -23.93
N SER C 759 -33.64 20.93 -24.25
CA SER C 759 -35.10 20.97 -24.24
C SER C 759 -35.65 20.73 -25.63
N THR C 760 -34.83 20.99 -26.63
CA THR C 760 -35.23 20.86 -28.02
C THR C 760 -34.22 20.04 -28.81
N VAL C 761 -34.73 19.13 -29.64
CA VAL C 761 -33.87 18.38 -30.55
C VAL C 761 -34.41 18.45 -31.98
N PRO C 762 -33.49 18.37 -32.96
CA PRO C 762 -33.91 18.28 -34.36
C PRO C 762 -34.21 16.84 -34.74
N VAL C 763 -35.17 16.66 -35.64
CA VAL C 763 -35.42 15.35 -36.22
C VAL C 763 -35.57 15.56 -37.72
N LYS C 764 -35.25 14.54 -38.51
CA LYS C 764 -35.42 14.64 -39.95
C LYS C 764 -36.70 13.95 -40.40
N ARG C 765 -37.70 14.75 -40.78
CA ARG C 765 -38.96 14.21 -41.31
C ARG C 765 -39.09 14.56 -42.77
N LYS C 766 -38.90 13.56 -43.64
CA LYS C 766 -39.09 13.74 -45.06
C LYS C 766 -38.09 14.72 -45.66
N GLY C 767 -36.81 14.56 -45.28
CA GLY C 767 -35.73 15.35 -45.85
C GLY C 767 -35.54 16.72 -45.22
N VAL C 768 -36.53 17.15 -44.44
CA VAL C 768 -36.46 18.44 -43.77
C VAL C 768 -36.15 18.24 -42.29
N LEU C 769 -35.47 19.22 -41.69
CA LEU C 769 -35.21 19.21 -40.26
C LEU C 769 -36.33 19.93 -39.53
N GLU C 770 -36.77 19.37 -38.41
CA GLU C 770 -37.82 19.96 -37.61
C GLU C 770 -37.49 19.88 -36.14
N LEU C 771 -37.75 20.95 -35.39
CA LEU C 771 -37.50 20.96 -33.96
C LEU C 771 -38.66 20.33 -33.20
N GLN C 772 -38.31 19.58 -32.15
CA GLN C 772 -39.26 18.78 -31.39
C GLN C 772 -38.84 18.82 -29.92
N SER C 773 -39.80 18.95 -29.02
CA SER C 773 -39.47 19.04 -27.59
C SER C 773 -38.97 17.71 -27.08
N THR C 774 -38.23 17.75 -25.97
CA THR C 774 -37.71 16.54 -25.35
C THR C 774 -38.49 16.21 -24.09
N GLY C 775 -38.99 17.24 -23.42
CA GLY C 775 -39.76 17.07 -22.21
C GLY C 775 -38.91 17.14 -20.97
N THR C 776 -37.64 17.49 -21.15
CA THR C 776 -36.73 17.65 -20.00
C THR C 776 -36.13 19.05 -19.97
N GLY C 777 -34.93 19.18 -20.52
CA GLY C 777 -34.25 20.47 -20.53
C GLY C 777 -33.59 20.79 -19.21
N ALA C 778 -32.27 20.96 -19.24
CA ALA C 778 -31.50 21.29 -18.04
C ALA C 778 -32.04 22.53 -17.34
N LYS C 779 -32.39 22.36 -16.07
CA LYS C 779 -32.98 23.45 -15.29
C LYS C 779 -32.51 23.38 -13.84
N GLY C 780 -32.32 24.53 -13.22
CA GLY C 780 -31.93 24.60 -11.83
C GLY C 780 -30.53 25.16 -11.62
N LYS C 781 -30.20 25.49 -10.38
CA LYS C 781 -28.90 26.06 -10.08
C LYS C 781 -27.80 24.99 -10.09
N ILE C 782 -26.67 25.33 -10.69
CA ILE C 782 -25.58 24.39 -10.86
C ILE C 782 -24.73 24.23 -9.59
N ASN C 783 -24.54 22.99 -9.17
CA ASN C 783 -23.59 22.66 -8.10
C ASN C 783 -22.36 21.94 -8.64
N PRO C 784 -21.24 22.68 -8.78
CA PRO C 784 -20.01 22.24 -9.45
C PRO C 784 -19.52 20.85 -9.01
N LYS C 785 -19.71 20.53 -7.74
CA LYS C 785 -19.20 19.28 -7.19
C LYS C 785 -19.87 18.05 -7.79
N THR C 786 -21.19 18.14 -7.98
CA THR C 786 -21.97 16.97 -8.35
C THR C 786 -22.50 17.02 -9.78
N TYR C 787 -22.45 18.21 -10.37
CA TYR C 787 -22.95 18.42 -11.73
C TYR C 787 -22.72 17.20 -12.62
N THR C 788 -23.77 16.77 -13.30
CA THR C 788 -23.67 15.62 -14.18
C THR C 788 -24.74 15.70 -15.27
N ILE C 789 -24.30 15.71 -16.53
CA ILE C 789 -25.22 15.68 -17.64
C ILE C 789 -25.71 14.25 -17.84
N LYS C 790 -26.95 13.99 -17.43
CA LYS C 790 -27.49 12.64 -17.41
C LYS C 790 -28.06 12.19 -18.75
N GLY C 791 -28.53 10.95 -18.79
CA GLY C 791 -29.06 10.31 -19.99
C GLY C 791 -29.83 11.20 -20.95
N GLU C 792 -31.08 11.50 -20.60
CA GLU C 792 -31.95 12.29 -21.46
C GLU C 792 -31.23 13.48 -22.07
N GLN C 793 -30.54 14.24 -21.23
CA GLN C 793 -29.80 15.42 -21.69
C GLN C 793 -28.67 15.10 -22.66
N LEU C 794 -27.90 14.06 -22.38
CA LEU C 794 -26.82 13.65 -23.28
C LEU C 794 -27.36 13.28 -24.66
N LYS C 795 -28.50 12.62 -24.69
CA LYS C 795 -29.10 12.21 -25.96
C LYS C 795 -29.50 13.43 -26.77
N ALA C 796 -30.01 14.46 -26.08
CA ALA C 796 -30.47 15.66 -26.74
C ALA C 796 -29.30 16.45 -27.33
N LEU C 797 -28.24 16.60 -26.55
CA LEU C 797 -27.01 17.21 -27.05
C LEU C 797 -26.52 16.44 -28.28
N GLN C 798 -26.60 15.13 -28.20
CA GLN C 798 -26.16 14.27 -29.31
C GLN C 798 -26.98 14.48 -30.56
N GLU C 799 -28.29 14.69 -30.40
CA GLU C 799 -29.16 14.84 -31.54
C GLU C 799 -28.88 16.13 -32.26
N ASN C 800 -28.74 17.22 -31.50
CA ASN C 800 -28.36 18.51 -32.04
C ASN C 800 -27.02 18.47 -32.74
N MET C 801 -26.04 17.85 -32.07
CA MET C 801 -24.68 17.75 -32.57
C MET C 801 -24.66 17.00 -33.90
N LEU C 802 -25.46 15.96 -33.96
CA LEU C 802 -25.58 15.14 -35.16
C LEU C 802 -26.08 15.92 -36.40
N HIS C 803 -27.24 16.57 -36.28
CA HIS C 803 -27.87 17.18 -37.46
C HIS C 803 -27.30 18.55 -37.83
N PHE C 804 -26.78 19.26 -36.83
CA PHE C 804 -26.32 20.62 -37.06
C PHE C 804 -24.81 20.73 -37.20
N PHE C 805 -24.09 19.64 -37.01
CA PHE C 805 -22.63 19.70 -37.07
C PHE C 805 -22.02 18.49 -37.77
N VAL C 806 -22.31 17.30 -37.26
CA VAL C 806 -21.70 16.10 -37.79
C VAL C 806 -22.09 15.80 -39.23
N GLU C 807 -23.37 15.96 -39.57
CA GLU C 807 -23.83 15.73 -40.95
C GLU C 807 -23.16 16.66 -41.97
N PRO C 808 -23.08 17.96 -41.67
CA PRO C 808 -22.28 18.78 -42.58
C PRO C 808 -20.79 18.38 -42.59
N LEU C 809 -20.27 17.86 -41.48
CA LEU C 809 -18.88 17.41 -41.45
C LEU C 809 -18.70 16.25 -42.42
N ARG C 810 -19.59 15.28 -42.32
CA ARG C 810 -19.63 14.12 -43.20
C ARG C 810 -19.74 14.46 -44.68
N ASN C 811 -20.58 15.43 -45.03
CA ASN C 811 -20.62 15.96 -46.38
C ASN C 811 -19.25 16.50 -46.78
N GLY C 812 -18.63 17.26 -45.88
CA GLY C 812 -17.32 17.82 -46.14
C GLY C 812 -16.25 16.74 -46.37
N ILE C 813 -16.27 15.72 -45.52
CA ILE C 813 -15.33 14.60 -45.67
C ILE C 813 -15.48 13.95 -47.04
N THR C 814 -16.72 13.65 -47.41
CA THR C 814 -17.01 13.02 -48.70
C THR C 814 -16.46 13.85 -49.86
N GLN C 815 -16.68 15.15 -49.80
CA GLN C 815 -16.18 16.07 -50.81
C GLN C 815 -14.64 16.06 -50.86
N THR C 816 -14.02 15.89 -49.71
CA THR C 816 -12.57 15.94 -49.60
C THR C 816 -11.90 14.66 -50.12
N VAL C 817 -12.37 13.50 -49.69
CA VAL C 817 -11.74 12.24 -50.07
C VAL C 817 -12.32 11.68 -51.37
N GLY C 818 -13.45 12.25 -51.80
CA GLY C 818 -14.05 11.88 -53.07
C GLY C 818 -15.20 10.89 -52.93
N GLU C 819 -16.23 11.07 -53.74
CA GLU C 819 -17.39 10.19 -53.73
C GLU C 819 -17.03 8.81 -54.28
N SER C 820 -16.12 8.76 -55.23
CA SER C 820 -15.68 7.47 -55.76
C SER C 820 -15.13 6.58 -54.64
N LEU C 821 -14.31 7.15 -53.75
CA LEU C 821 -13.76 6.38 -52.64
C LEU C 821 -14.91 5.84 -51.78
N VAL C 822 -15.85 6.72 -51.44
CA VAL C 822 -17.01 6.33 -50.66
C VAL C 822 -17.75 5.19 -51.34
N TYR C 823 -18.00 5.33 -52.64
CA TYR C 823 -18.59 4.25 -53.40
C TYR C 823 -17.83 2.94 -53.20
N SER C 824 -16.51 2.97 -53.42
CA SER C 824 -15.70 1.76 -53.24
C SER C 824 -15.91 1.13 -51.87
N THR C 825 -15.78 1.92 -50.82
CA THR C 825 -15.91 1.40 -49.47
C THR C 825 -17.29 0.78 -49.21
N GLU C 826 -18.33 1.37 -49.79
CA GLU C 826 -19.68 0.82 -49.65
C GLU C 826 -19.83 -0.54 -50.31
N GLN C 827 -19.29 -0.70 -51.52
CA GLN C 827 -19.36 -2.00 -52.20
C GLN C 827 -18.53 -3.05 -51.45
N LEU C 828 -17.38 -2.63 -50.94
CA LEU C 828 -16.51 -3.48 -50.17
C LEU C 828 -17.22 -3.97 -48.91
N GLN C 829 -17.89 -3.05 -48.25
CA GLN C 829 -18.64 -3.36 -47.05
C GLN C 829 -19.81 -4.32 -47.33
N LYS C 830 -20.58 -4.03 -48.37
CA LYS C 830 -21.67 -4.92 -48.77
C LYS C 830 -21.18 -6.34 -49.06
N ALA C 831 -20.16 -6.45 -49.90
CA ALA C 831 -19.65 -7.76 -50.30
C ALA C 831 -19.20 -8.61 -49.11
N THR C 832 -18.35 -8.03 -48.26
CA THR C 832 -17.82 -8.78 -47.12
C THR C 832 -18.89 -9.06 -46.07
N GLN C 833 -19.84 -8.15 -45.92
CA GLN C 833 -20.93 -8.39 -44.98
C GLN C 833 -21.81 -9.53 -45.48
N ILE C 834 -22.21 -9.47 -46.76
CA ILE C 834 -23.03 -10.52 -47.35
C ILE C 834 -22.37 -11.88 -47.20
N GLN C 835 -21.11 -11.96 -47.57
CA GLN C 835 -20.34 -13.18 -47.44
C GLN C 835 -20.33 -13.69 -45.99
N SER C 836 -20.14 -12.78 -45.04
CA SER C 836 -20.03 -13.19 -43.65
C SER C 836 -21.36 -13.70 -43.10
N VAL C 837 -22.46 -13.14 -43.58
CA VAL C 837 -23.78 -13.63 -43.21
C VAL C 837 -23.90 -15.11 -43.58
N VAL C 838 -23.48 -15.46 -44.78
CA VAL C 838 -23.59 -16.84 -45.26
C VAL C 838 -22.66 -17.77 -44.48
N LEU C 839 -21.43 -17.34 -44.30
CA LEU C 839 -20.48 -18.13 -43.50
C LEU C 839 -21.05 -18.46 -42.12
N GLU C 840 -21.51 -17.44 -41.41
CA GLU C 840 -22.10 -17.61 -40.10
C GLU C 840 -23.26 -18.60 -40.13
N ASP C 841 -24.17 -18.40 -41.08
CA ASP C 841 -25.35 -19.27 -41.19
C ASP C 841 -24.99 -20.72 -41.53
N MET C 842 -24.05 -20.91 -42.44
CA MET C 842 -23.66 -22.26 -42.85
C MET C 842 -22.99 -22.97 -41.67
N PHE C 843 -22.17 -22.23 -40.94
CA PHE C 843 -21.50 -22.80 -39.80
C PHE C 843 -22.52 -23.24 -38.77
N LYS C 844 -23.47 -22.37 -38.47
CA LYS C 844 -24.48 -22.70 -37.47
C LYS C 844 -25.37 -23.87 -37.89
N GLN C 845 -25.75 -23.91 -39.16
CA GLN C 845 -26.59 -25.03 -39.61
C GLN C 845 -25.82 -26.35 -39.51
N ARG C 846 -24.54 -26.34 -39.90
CA ARG C 846 -23.72 -27.54 -39.83
C ARG C 846 -23.48 -27.99 -38.39
N VAL C 847 -23.28 -27.02 -37.49
CA VAL C 847 -23.17 -27.34 -36.08
C VAL C 847 -24.46 -28.01 -35.58
N GLN C 848 -25.60 -27.39 -35.88
CA GLN C 848 -26.88 -27.97 -35.48
C GLN C 848 -27.10 -29.37 -36.05
N GLU C 849 -26.73 -29.59 -37.31
CA GLU C 849 -26.87 -30.92 -37.89
C GLU C 849 -26.04 -31.97 -37.15
N LYS C 850 -24.78 -31.64 -36.85
CA LYS C 850 -23.89 -32.54 -36.11
C LYS C 850 -24.45 -32.87 -34.73
N LEU C 851 -25.00 -31.86 -34.05
CA LEU C 851 -25.56 -32.06 -32.72
C LEU C 851 -26.83 -32.91 -32.74
N ALA C 852 -27.54 -32.87 -33.86
CA ALA C 852 -28.71 -33.72 -34.05
C ALA C 852 -28.28 -35.18 -34.19
N GLU C 853 -27.19 -35.41 -34.91
CA GLU C 853 -26.61 -36.75 -34.98
C GLU C 853 -26.16 -37.22 -33.59
N LYS C 854 -25.54 -36.31 -32.83
CA LYS C 854 -25.00 -36.65 -31.52
C LYS C 854 -26.08 -37.10 -30.54
N ALA C 855 -27.27 -36.50 -30.66
CA ALA C 855 -28.40 -36.87 -29.81
C ALA C 855 -28.74 -38.34 -29.98
N LYS C 856 -28.42 -38.88 -31.14
CA LYS C 856 -28.62 -40.30 -31.44
C LYS C 856 -27.55 -41.18 -30.78
N ASP C 857 -26.47 -40.55 -30.33
CA ASP C 857 -25.32 -41.26 -29.76
C ASP C 857 -25.47 -41.41 -28.24
N PRO C 858 -25.49 -42.67 -27.76
CA PRO C 858 -25.71 -42.97 -26.34
C PRO C 858 -24.55 -42.55 -25.44
N THR C 859 -23.35 -42.44 -26.00
CA THR C 859 -22.20 -42.02 -25.21
C THR C 859 -22.16 -40.51 -25.03
N TRP C 860 -22.97 -39.81 -25.83
CA TRP C 860 -22.95 -38.36 -25.87
C TRP C 860 -24.04 -37.77 -24.99
N LYS C 861 -23.71 -36.71 -24.28
CA LYS C 861 -24.68 -35.99 -23.46
C LYS C 861 -24.73 -34.52 -23.86
N LYS C 862 -25.92 -33.94 -23.85
CA LYS C 862 -26.07 -32.55 -24.23
C LYS C 862 -25.30 -31.68 -23.25
N GLY C 863 -24.35 -30.90 -23.76
CA GLY C 863 -23.42 -30.17 -22.91
C GLY C 863 -22.00 -30.51 -23.29
N ASP C 864 -21.79 -31.72 -23.81
CA ASP C 864 -20.47 -32.12 -24.28
C ASP C 864 -20.04 -31.31 -25.50
N PHE C 865 -21.02 -30.90 -26.31
CA PHE C 865 -20.76 -30.20 -27.57
C PHE C 865 -19.93 -31.05 -28.54
N LEU C 866 -19.21 -30.39 -29.45
CA LEU C 866 -18.52 -31.08 -30.53
C LEU C 866 -17.06 -31.37 -30.17
N THR C 867 -16.41 -32.25 -30.93
CA THR C 867 -14.98 -32.49 -30.75
C THR C 867 -14.23 -31.49 -31.61
N GLN C 868 -12.93 -31.32 -31.38
CA GLN C 868 -12.14 -30.42 -32.22
C GLN C 868 -12.13 -30.88 -33.68
N LYS C 869 -11.95 -32.19 -33.88
CA LYS C 869 -11.94 -32.76 -35.23
C LYS C 869 -13.23 -32.48 -35.99
N GLU C 870 -14.36 -32.66 -35.32
CA GLU C 870 -15.66 -32.29 -35.85
C GLU C 870 -15.77 -30.79 -36.17
N LEU C 871 -15.27 -29.93 -35.29
CA LEU C 871 -15.31 -28.49 -35.54
C LEU C 871 -14.37 -28.11 -36.67
N ASN C 872 -13.24 -28.81 -36.77
CA ASN C 872 -12.32 -28.57 -37.88
C ASN C 872 -12.96 -28.93 -39.23
N ASP C 873 -13.69 -30.04 -39.26
CA ASP C 873 -14.35 -30.43 -40.51
C ASP C 873 -15.40 -29.41 -40.93
N ILE C 874 -16.16 -28.90 -39.98
CA ILE C 874 -17.15 -27.88 -40.30
C ILE C 874 -16.49 -26.61 -40.84
N GLN C 875 -15.41 -26.18 -40.20
CA GLN C 875 -14.66 -25.01 -40.66
C GLN C 875 -14.17 -25.24 -42.11
N ALA C 876 -13.60 -26.41 -42.36
CA ALA C 876 -13.12 -26.76 -43.69
C ALA C 876 -14.26 -26.80 -44.74
N SER C 877 -15.47 -27.16 -44.30
CA SER C 877 -16.61 -27.23 -45.21
C SER C 877 -16.96 -25.85 -45.78
N LEU C 878 -16.44 -24.80 -45.14
CA LEU C 878 -16.70 -23.44 -45.59
C LEU C 878 -15.68 -22.98 -46.63
N ASN C 879 -14.61 -23.74 -46.81
CA ASN C 879 -13.55 -23.28 -47.69
C ASN C 879 -14.00 -22.96 -49.12
N ASN C 880 -15.02 -23.64 -49.61
CA ASN C 880 -15.48 -23.40 -50.98
C ASN C 880 -16.18 -22.06 -51.13
N LEU C 881 -16.50 -21.42 -50.00
CA LEU C 881 -17.08 -20.09 -49.99
C LEU C 881 -16.02 -19.00 -49.87
N ALA C 882 -14.75 -19.41 -49.85
CA ALA C 882 -13.63 -18.47 -49.86
C ALA C 882 -13.63 -17.47 -48.69
N PRO C 883 -13.60 -17.97 -47.45
CA PRO C 883 -13.63 -17.07 -46.28
C PRO C 883 -12.40 -16.19 -46.15
N MET C 884 -11.27 -16.61 -46.73
CA MET C 884 -10.04 -15.84 -46.64
C MET C 884 -9.83 -14.95 -47.87
N ILE C 885 -9.43 -13.71 -47.63
CA ILE C 885 -8.96 -12.82 -48.68
C ILE C 885 -7.43 -12.88 -48.73
N GLU C 886 -6.89 -13.23 -49.88
CA GLU C 886 -5.45 -13.37 -50.07
C GLU C 886 -4.94 -12.25 -50.95
N THR C 887 -3.86 -11.59 -50.51
CA THR C 887 -3.26 -10.53 -51.31
C THR C 887 -2.02 -11.03 -52.03
N GLY C 888 -1.51 -12.18 -51.61
CA GLY C 888 -0.23 -12.66 -52.07
C GLY C 888 0.82 -12.59 -50.97
N SER C 889 0.75 -11.57 -50.12
CA SER C 889 1.68 -11.45 -49.00
C SER C 889 0.99 -11.35 -47.66
N GLN C 890 -0.33 -11.22 -47.67
CA GLN C 890 -1.11 -11.17 -46.44
C GLN C 890 -2.39 -11.98 -46.60
N THR C 891 -2.94 -12.40 -45.46
CA THR C 891 -4.21 -13.10 -45.41
C THR C 891 -5.14 -12.41 -44.41
N PHE C 892 -6.39 -12.22 -44.82
CA PHE C 892 -7.37 -11.58 -43.97
C PHE C 892 -8.61 -12.47 -43.83
N TYR C 893 -9.11 -12.58 -42.61
CA TYR C 893 -10.30 -13.39 -42.35
C TYR C 893 -11.31 -12.50 -41.66
N ILE C 894 -12.06 -11.74 -42.44
CA ILE C 894 -12.91 -10.68 -41.92
C ILE C 894 -14.01 -11.17 -40.97
N ALA C 895 -14.56 -12.35 -41.26
CA ALA C 895 -15.67 -12.89 -40.48
C ALA C 895 -15.22 -13.59 -39.20
N GLY C 896 -13.94 -13.90 -39.10
CA GLY C 896 -13.45 -14.75 -38.02
C GLY C 896 -13.71 -14.11 -36.67
N SER C 897 -14.22 -14.90 -35.74
CA SER C 897 -14.46 -14.40 -34.39
C SER C 897 -14.47 -15.54 -33.37
N GLU C 898 -14.62 -15.17 -32.10
CA GLU C 898 -14.87 -16.14 -31.04
C GLU C 898 -16.12 -15.70 -30.32
N ASN C 899 -17.19 -16.47 -30.43
CA ASN C 899 -18.47 -16.04 -29.85
C ASN C 899 -19.22 -17.14 -29.13
N ALA C 900 -20.14 -16.72 -28.25
CA ALA C 900 -20.91 -17.61 -27.38
C ALA C 900 -22.23 -18.02 -27.99
N GLU C 901 -22.52 -17.51 -29.18
CA GLU C 901 -23.79 -17.81 -29.83
C GLU C 901 -23.84 -19.18 -30.50
N VAL C 902 -22.68 -19.69 -30.91
CA VAL C 902 -22.62 -20.98 -31.57
C VAL C 902 -23.05 -22.16 -30.69
N ALA C 903 -22.53 -22.19 -29.46
CA ALA C 903 -22.81 -23.32 -28.55
C ALA C 903 -24.02 -23.01 -27.65
N ASN C 904 -24.19 -21.74 -27.33
CA ASN C 904 -25.30 -21.31 -26.48
C ASN C 904 -25.45 -22.14 -25.20
N GLN C 905 -24.38 -22.25 -24.42
CA GLN C 905 -24.42 -23.06 -23.20
C GLN C 905 -23.28 -22.66 -22.27
N VAL C 906 -23.40 -23.03 -21.00
CA VAL C 906 -22.33 -22.78 -20.05
C VAL C 906 -21.22 -23.76 -20.33
N LEU C 907 -19.98 -23.30 -20.27
CA LEU C 907 -18.85 -24.20 -20.36
C LEU C 907 -18.58 -24.84 -18.98
N ALA C 908 -18.47 -24.01 -17.94
CA ALA C 908 -18.22 -24.49 -16.60
C ALA C 908 -18.61 -23.43 -15.58
N THR C 909 -18.82 -23.84 -14.33
CA THR C 909 -19.03 -22.93 -13.21
C THR C 909 -18.05 -23.29 -12.10
N ASN C 910 -17.93 -22.45 -11.07
CA ASN C 910 -17.20 -22.89 -9.89
C ASN C 910 -18.06 -23.82 -9.06
N LEU C 911 -17.51 -24.29 -7.94
CA LEU C 911 -18.21 -25.28 -7.12
C LEU C 911 -19.35 -24.66 -6.31
N ASP C 912 -19.52 -23.35 -6.41
CA ASP C 912 -20.64 -22.69 -5.75
C ASP C 912 -21.74 -22.32 -6.72
N ASP C 913 -21.74 -22.93 -7.90
CA ASP C 913 -22.74 -22.62 -8.91
C ASP C 913 -22.68 -21.17 -9.39
N ARG C 914 -21.50 -20.55 -9.24
CA ARG C 914 -21.30 -19.19 -9.72
C ARG C 914 -20.17 -19.15 -10.73
N MET C 915 -19.76 -17.96 -11.16
CA MET C 915 -18.73 -17.82 -12.19
C MET C 915 -19.03 -18.71 -13.38
N ARG C 916 -20.22 -18.52 -13.96
CA ARG C 916 -20.66 -19.34 -15.07
C ARG C 916 -20.08 -18.85 -16.38
N VAL C 917 -19.06 -19.55 -16.85
CA VAL C 917 -18.36 -19.15 -18.07
C VAL C 917 -19.07 -19.70 -19.29
N PRO C 918 -19.48 -18.82 -20.20
CA PRO C 918 -20.12 -19.30 -21.44
C PRO C 918 -19.16 -20.11 -22.29
N MET C 919 -19.67 -21.10 -23.01
CA MET C 919 -18.83 -21.81 -23.95
C MET C 919 -18.66 -20.98 -25.22
N SER C 920 -17.43 -20.54 -25.45
CA SER C 920 -17.10 -19.71 -26.60
C SER C 920 -16.37 -20.53 -27.64
N ILE C 921 -16.65 -20.26 -28.91
CA ILE C 921 -16.18 -21.10 -30.00
C ILE C 921 -15.63 -20.25 -31.12
N TYR C 922 -14.55 -20.71 -31.75
CA TYR C 922 -14.00 -19.97 -32.88
C TYR C 922 -14.86 -20.23 -34.12
N ALA C 923 -15.46 -19.18 -34.65
CA ALA C 923 -16.43 -19.33 -35.72
C ALA C 923 -16.63 -18.04 -36.46
N PRO C 924 -17.18 -18.12 -37.68
CA PRO C 924 -17.50 -16.94 -38.47
C PRO C 924 -18.71 -16.20 -37.91
N ALA C 925 -18.63 -14.87 -37.83
CA ALA C 925 -19.77 -14.04 -37.42
C ALA C 925 -19.92 -12.90 -38.43
N GLN C 926 -21.04 -12.18 -38.36
CA GLN C 926 -21.26 -11.10 -39.30
C GLN C 926 -20.14 -10.05 -39.22
N ALA C 927 -19.73 -9.52 -40.36
CA ALA C 927 -18.64 -8.54 -40.41
C ALA C 927 -19.05 -7.11 -40.00
N GLY C 928 -20.32 -6.75 -40.26
CA GLY C 928 -20.74 -5.38 -40.12
C GLY C 928 -19.94 -4.50 -41.06
N VAL C 929 -19.21 -3.54 -40.51
CA VAL C 929 -18.42 -2.63 -41.35
C VAL C 929 -16.93 -2.95 -41.33
N ALA C 930 -16.58 -4.06 -40.67
CA ALA C 930 -15.17 -4.45 -40.45
C ALA C 930 -14.35 -4.62 -41.73
N GLY C 931 -15.01 -4.94 -42.83
CA GLY C 931 -14.29 -5.14 -44.07
C GLY C 931 -13.51 -3.90 -44.45
N ILE C 932 -14.05 -2.73 -44.16
CA ILE C 932 -13.39 -1.50 -44.55
C ILE C 932 -12.05 -1.29 -43.80
N PRO C 933 -12.07 -1.25 -42.45
CA PRO C 933 -10.81 -1.08 -41.72
C PRO C 933 -9.84 -2.22 -42.01
N PHE C 934 -10.33 -3.44 -42.08
CA PHE C 934 -9.46 -4.58 -42.33
C PHE C 934 -8.61 -4.36 -43.56
N MET C 935 -9.26 -4.09 -44.69
CA MET C 935 -8.54 -3.95 -45.95
C MET C 935 -7.74 -2.67 -46.04
N THR C 936 -8.26 -1.59 -45.47
CA THR C 936 -7.61 -0.29 -45.56
C THR C 936 -6.35 -0.22 -44.70
N ILE C 937 -6.47 -0.65 -43.45
CA ILE C 937 -5.33 -0.77 -42.55
C ILE C 937 -4.36 -1.85 -43.03
N GLY C 938 -4.92 -3.01 -43.36
CA GLY C 938 -4.14 -4.15 -43.79
C GLY C 938 -3.25 -3.88 -44.98
N THR C 939 -3.84 -3.46 -46.10
CA THR C 939 -3.08 -3.29 -47.33
C THR C 939 -2.47 -1.88 -47.41
N GLY C 940 -2.82 -1.03 -46.46
CA GLY C 940 -2.18 0.27 -46.32
C GLY C 940 -0.95 0.21 -45.42
N ASP C 941 -1.05 0.77 -44.22
CA ASP C 941 0.10 0.80 -43.32
C ASP C 941 0.58 -0.62 -42.93
N GLY C 942 -0.32 -1.57 -42.89
CA GLY C 942 0.06 -2.94 -42.58
C GLY C 942 1.07 -3.46 -43.58
N MET C 943 0.73 -3.35 -44.87
CA MET C 943 1.58 -3.87 -45.94
C MET C 943 2.86 -3.05 -46.04
N MET C 944 2.74 -1.76 -45.77
CA MET C 944 3.90 -0.87 -45.80
C MET C 944 4.94 -1.27 -44.74
N MET C 945 4.51 -1.48 -43.50
CA MET C 945 5.45 -1.81 -42.43
C MET C 945 6.05 -3.19 -42.66
N GLN C 946 5.21 -4.13 -43.07
CA GLN C 946 5.67 -5.47 -43.42
C GLN C 946 6.68 -5.39 -44.56
N THR C 947 6.42 -4.52 -45.53
CA THR C 947 7.33 -4.38 -46.67
C THR C 947 8.62 -3.74 -46.20
N LEU C 948 8.48 -2.70 -45.38
CA LEU C 948 9.64 -1.97 -44.89
C LEU C 948 10.60 -2.88 -44.09
N SER C 949 10.07 -3.93 -43.47
CA SER C 949 10.87 -4.84 -42.63
C SER C 949 11.63 -5.88 -43.44
N THR C 950 11.14 -6.17 -44.65
CA THR C 950 11.68 -7.28 -45.43
C THR C 950 12.35 -6.86 -46.72
N MET C 951 12.00 -5.67 -47.23
CA MET C 951 12.48 -5.20 -48.52
C MET C 951 14.01 -5.20 -48.63
N LYS C 952 14.51 -5.08 -49.86
CA LYS C 952 15.94 -4.94 -50.06
C LYS C 952 16.46 -3.69 -49.34
N GLY C 953 17.48 -3.86 -48.49
CA GLY C 953 18.02 -2.76 -47.71
C GLY C 953 17.08 -2.23 -46.64
N ALA C 954 16.26 -3.12 -46.08
CA ALA C 954 15.40 -2.77 -44.96
C ALA C 954 16.19 -2.06 -43.87
N PRO C 955 15.67 -0.91 -43.39
CA PRO C 955 16.35 -0.12 -42.36
C PRO C 955 16.36 -0.89 -41.05
N LYS C 956 17.52 -0.96 -40.41
CA LYS C 956 17.63 -1.67 -39.15
C LYS C 956 17.60 -0.73 -37.95
N ASN C 957 17.45 -1.29 -36.76
CA ASN C 957 17.49 -0.50 -35.54
C ASN C 957 16.45 0.61 -35.50
N THR C 958 15.24 0.30 -35.94
CA THR C 958 14.12 1.24 -35.88
C THR C 958 13.03 0.74 -34.93
N LEU C 959 12.09 1.62 -34.61
CA LEU C 959 10.90 1.21 -33.89
C LEU C 959 9.71 1.58 -34.77
N LYS C 960 8.99 0.58 -35.27
CA LYS C 960 7.81 0.83 -36.10
C LYS C 960 6.56 0.95 -35.25
N ILE C 961 5.79 2.00 -35.48
CA ILE C 961 4.57 2.23 -34.73
C ILE C 961 3.36 2.40 -35.67
N PHE C 962 3.22 1.45 -36.61
CA PHE C 962 2.06 1.37 -37.47
C PHE C 962 2.14 2.34 -38.65
N ASP C 963 2.03 3.63 -38.38
CA ASP C 963 2.06 4.60 -39.47
C ASP C 963 3.23 5.57 -39.29
N GLY C 964 4.15 5.21 -38.40
CA GLY C 964 5.34 6.01 -38.17
C GLY C 964 6.51 5.10 -37.83
N MET C 965 7.73 5.56 -38.08
CA MET C 965 8.91 4.79 -37.76
C MET C 965 10.00 5.66 -37.15
N ASN C 966 10.46 5.30 -35.96
CA ASN C 966 11.54 6.03 -35.29
C ASN C 966 12.92 5.63 -35.84
N ILE C 967 13.73 6.63 -36.21
CA ILE C 967 14.97 6.35 -36.93
C ILE C 967 16.16 7.01 -36.25
N GLY C 968 17.25 6.28 -36.09
CA GLY C 968 18.48 6.84 -35.53
C GLY C 968 19.05 7.94 -36.42
N LEU C 969 19.73 8.90 -35.82
CA LEU C 969 20.10 10.15 -36.49
C LEU C 969 21.08 9.99 -37.66
N ASN C 970 21.87 8.93 -37.61
CA ASN C 970 22.78 8.59 -38.71
C ASN C 970 22.06 8.10 -39.97
N ASP C 971 20.83 7.60 -39.83
CA ASP C 971 20.18 6.93 -40.94
C ASP C 971 18.89 7.59 -41.45
N ILE C 972 18.65 8.83 -41.09
CA ILE C 972 17.35 9.44 -41.34
C ILE C 972 17.00 9.57 -42.81
N THR C 973 17.97 9.95 -43.62
CA THR C 973 17.73 10.12 -45.04
C THR C 973 17.41 8.80 -45.71
N ASP C 974 18.26 7.80 -45.50
CA ASP C 974 18.07 6.53 -46.18
C ASP C 974 16.85 5.76 -45.67
N ALA C 975 16.65 5.75 -44.37
CA ALA C 975 15.51 5.05 -43.80
C ALA C 975 14.20 5.69 -44.27
N SER C 976 14.20 7.01 -44.38
CA SER C 976 12.99 7.73 -44.81
C SER C 976 12.66 7.43 -46.27
N ARG C 977 13.68 7.38 -47.10
CA ARG C 977 13.48 7.07 -48.52
C ARG C 977 13.01 5.64 -48.72
N LYS C 978 13.59 4.70 -47.98
CA LYS C 978 13.06 3.34 -47.95
C LYS C 978 11.61 3.31 -47.47
N ALA C 979 11.30 4.08 -46.43
CA ALA C 979 9.94 4.10 -45.93
C ALA C 979 9.00 4.56 -47.03
N ASN C 980 9.40 5.59 -47.75
CA ASN C 980 8.60 6.08 -48.86
C ASN C 980 8.56 5.11 -50.02
N GLU C 981 9.63 4.35 -50.19
CA GLU C 981 9.63 3.26 -51.17
C GLU C 981 8.60 2.20 -50.78
N ALA C 982 8.48 1.93 -49.49
CA ALA C 982 7.53 0.92 -49.02
C ALA C 982 6.10 1.40 -49.18
N VAL C 983 5.88 2.69 -48.97
CA VAL C 983 4.58 3.29 -49.27
C VAL C 983 4.21 3.02 -50.71
N TYR C 984 5.09 3.42 -51.63
CA TYR C 984 4.82 3.21 -53.04
C TYR C 984 4.49 1.76 -53.39
N THR C 985 5.23 0.83 -52.80
CA THR C 985 4.98 -0.59 -53.01
C THR C 985 3.58 -0.94 -52.52
N SER C 986 3.21 -0.44 -51.35
CA SER C 986 1.89 -0.74 -50.81
C SER C 986 0.79 -0.17 -51.71
N TRP C 987 1.09 0.94 -52.38
CA TRP C 987 0.15 1.59 -53.29
C TRP C 987 0.01 0.87 -54.65
N GLN C 988 0.77 -0.21 -54.85
CA GLN C 988 0.55 -1.08 -56.00
C GLN C 988 -0.50 -2.14 -55.66
N GLY C 989 -0.94 -2.15 -54.41
CA GLY C 989 -1.93 -3.12 -53.98
C GLY C 989 -3.28 -2.80 -54.59
N ASN C 990 -4.21 -3.72 -54.43
CA ASN C 990 -5.54 -3.57 -55.00
C ASN C 990 -6.51 -4.42 -54.17
N PRO C 991 -6.85 -3.93 -52.96
CA PRO C 991 -7.65 -4.72 -52.02
C PRO C 991 -9.06 -5.04 -52.55
N ILE C 992 -9.64 -4.17 -53.37
CA ILE C 992 -10.96 -4.43 -53.93
C ILE C 992 -10.88 -5.65 -54.85
N LYS C 993 -9.79 -5.73 -55.60
CA LYS C 993 -9.56 -6.90 -56.44
C LYS C 993 -9.44 -8.18 -55.59
N ASN C 994 -8.72 -8.11 -54.48
CA ASN C 994 -8.60 -9.24 -53.56
C ASN C 994 -9.96 -9.65 -53.01
N VAL C 995 -10.77 -8.67 -52.61
CA VAL C 995 -12.12 -8.92 -52.13
C VAL C 995 -12.99 -9.53 -53.25
N TYR C 996 -12.85 -8.98 -54.45
CA TYR C 996 -13.60 -9.45 -55.60
C TYR C 996 -13.31 -10.93 -55.90
N GLU C 997 -12.04 -11.31 -55.92
CA GLU C 997 -11.67 -12.69 -56.17
C GLU C 997 -12.35 -13.65 -55.19
N SER C 998 -12.33 -13.28 -53.92
CA SER C 998 -12.96 -14.10 -52.89
C SER C 998 -14.49 -14.14 -53.10
N TYR C 999 -15.10 -12.97 -53.27
CA TYR C 999 -16.55 -12.88 -53.47
C TYR C 999 -17.06 -13.62 -54.72
N ALA C 1000 -16.29 -13.57 -55.80
CA ALA C 1000 -16.63 -14.26 -57.03
C ALA C 1000 -16.67 -15.76 -56.78
N LYS C 1001 -15.68 -16.26 -56.04
CA LYS C 1001 -15.68 -17.67 -55.67
C LYS C 1001 -16.89 -17.96 -54.80
N PHE C 1002 -17.13 -17.10 -53.82
CA PHE C 1002 -18.28 -17.22 -52.97
C PHE C 1002 -19.58 -17.31 -53.79
N MET C 1003 -19.73 -16.48 -54.81
CA MET C 1003 -20.94 -16.49 -55.60
C MET C 1003 -21.14 -17.79 -56.38
N LYS C 1004 -20.07 -18.54 -56.58
CA LYS C 1004 -20.12 -19.77 -57.36
C LYS C 1004 -20.46 -20.99 -56.49
N ASN C 1005 -20.46 -20.79 -55.19
CA ASN C 1005 -20.61 -21.91 -54.28
C ASN C 1005 -21.73 -21.73 -53.28
N VAL C 1006 -22.25 -20.51 -53.21
CA VAL C 1006 -23.30 -20.23 -52.24
C VAL C 1006 -24.61 -20.89 -52.69
N ASP C 1007 -25.34 -21.41 -51.72
CA ASP C 1007 -26.65 -21.99 -51.96
C ASP C 1007 -27.65 -21.14 -51.21
N PHE C 1008 -28.23 -20.15 -51.87
CA PHE C 1008 -29.15 -19.21 -51.21
C PHE C 1008 -30.37 -19.92 -50.65
N SER C 1009 -30.72 -21.05 -51.26
CA SER C 1009 -31.93 -21.75 -50.87
C SER C 1009 -31.76 -22.50 -49.55
N LYS C 1010 -30.51 -22.72 -49.14
CA LYS C 1010 -30.24 -23.39 -47.87
C LYS C 1010 -30.26 -22.42 -46.70
N LEU C 1011 -30.23 -21.13 -46.97
CA LEU C 1011 -30.08 -20.14 -45.91
C LEU C 1011 -31.35 -20.04 -45.09
N SER C 1012 -31.19 -19.73 -43.82
CA SER C 1012 -32.32 -19.43 -42.97
C SER C 1012 -32.93 -18.10 -43.38
N PRO C 1013 -34.22 -17.88 -43.04
CA PRO C 1013 -34.84 -16.59 -43.34
C PRO C 1013 -34.12 -15.38 -42.71
N GLU C 1014 -33.57 -15.55 -41.51
CA GLU C 1014 -32.80 -14.47 -40.87
C GLU C 1014 -31.62 -14.10 -41.75
N ALA C 1015 -30.85 -15.11 -42.16
CA ALA C 1015 -29.70 -14.91 -43.03
C ALA C 1015 -30.14 -14.26 -44.33
N LEU C 1016 -31.25 -14.73 -44.88
CA LEU C 1016 -31.78 -14.22 -46.13
C LEU C 1016 -32.14 -12.72 -45.99
N GLU C 1017 -32.82 -12.36 -44.92
CA GLU C 1017 -33.18 -10.96 -44.72
C GLU C 1017 -31.95 -10.08 -44.50
N ALA C 1018 -30.93 -10.59 -43.82
CA ALA C 1018 -29.71 -9.80 -43.61
C ALA C 1018 -29.00 -9.51 -44.91
N ILE C 1019 -29.05 -10.46 -45.84
CA ILE C 1019 -28.43 -10.27 -47.14
C ILE C 1019 -29.19 -9.22 -47.95
N GLY C 1020 -30.50 -9.15 -47.74
CA GLY C 1020 -31.33 -8.15 -48.40
C GLY C 1020 -31.02 -6.74 -47.95
N LYS C 1021 -30.77 -6.56 -46.65
CA LYS C 1021 -30.36 -5.27 -46.09
C LYS C 1021 -29.15 -4.70 -46.81
N SER C 1022 -28.24 -5.57 -47.24
CA SER C 1022 -26.99 -5.13 -47.87
C SER C 1022 -27.11 -5.01 -49.38
N ALA C 1023 -27.84 -5.95 -50.00
CA ALA C 1023 -27.88 -6.03 -51.45
C ALA C 1023 -29.04 -5.27 -52.08
N LEU C 1024 -30.10 -5.05 -51.32
CA LEU C 1024 -31.33 -4.46 -51.85
C LEU C 1024 -31.63 -3.11 -51.23
N GLU C 1025 -32.30 -2.26 -51.99
CA GLU C 1025 -32.74 -0.96 -51.49
C GLU C 1025 -33.88 -1.18 -50.51
N TYR C 1026 -34.03 -0.26 -49.55
CA TYR C 1026 -35.08 -0.27 -48.52
C TYR C 1026 -36.40 -0.84 -49.01
N ASP C 1027 -36.94 -0.26 -50.08
CA ASP C 1027 -38.27 -0.64 -50.57
C ASP C 1027 -38.36 -2.10 -51.00
N GLN C 1028 -37.34 -2.57 -51.71
CA GLN C 1028 -37.39 -3.89 -52.33
C GLN C 1028 -37.21 -5.04 -51.34
N ARG C 1029 -36.89 -4.72 -50.10
CA ARG C 1029 -36.61 -5.74 -49.10
C ARG C 1029 -37.91 -6.36 -48.59
N GLU C 1030 -38.34 -5.98 -47.39
CA GLU C 1030 -39.59 -6.46 -46.82
C GLU C 1030 -39.98 -7.88 -47.28
N ASN C 1031 -40.42 -7.99 -48.54
CA ASN C 1031 -40.84 -9.29 -49.08
C ASN C 1031 -40.31 -9.54 -50.49
N ALA C 1032 -38.99 -9.76 -50.57
CA ALA C 1032 -38.32 -10.09 -51.82
C ALA C 1032 -38.13 -11.59 -51.90
N THR C 1033 -37.85 -12.11 -53.09
CA THR C 1033 -37.70 -13.56 -53.25
C THR C 1033 -36.24 -13.96 -53.14
N VAL C 1034 -36.01 -15.24 -52.89
CA VAL C 1034 -34.64 -15.77 -52.87
C VAL C 1034 -33.93 -15.43 -54.17
N ASP C 1035 -34.64 -15.52 -55.29
CA ASP C 1035 -34.07 -15.16 -56.59
C ASP C 1035 -33.73 -13.67 -56.65
N ASP C 1036 -34.59 -12.83 -56.09
CA ASP C 1036 -34.32 -11.39 -56.02
C ASP C 1036 -33.01 -11.11 -55.29
N ILE C 1037 -32.85 -11.75 -54.14
CA ILE C 1037 -31.69 -11.55 -53.27
C ILE C 1037 -30.44 -12.04 -53.95
N ALA C 1038 -30.52 -13.25 -54.51
CA ALA C 1038 -29.38 -13.85 -55.19
C ALA C 1038 -28.91 -12.90 -56.28
N ASN C 1039 -29.87 -12.39 -57.03
CA ASN C 1039 -29.57 -11.53 -58.16
C ASN C 1039 -28.93 -10.22 -57.73
N ALA C 1040 -29.39 -9.68 -56.60
CA ALA C 1040 -28.84 -8.45 -56.05
C ALA C 1040 -27.41 -8.70 -55.54
N ALA C 1041 -27.23 -9.83 -54.87
CA ALA C 1041 -25.91 -10.23 -54.39
C ALA C 1041 -24.93 -10.35 -55.55
N SER C 1042 -25.40 -10.84 -56.69
CA SER C 1042 -24.50 -11.08 -57.83
C SER C 1042 -24.15 -9.81 -58.60
N LEU C 1043 -25.02 -8.80 -58.51
CA LEU C 1043 -24.73 -7.50 -59.13
C LEU C 1043 -23.58 -6.83 -58.40
N ILE C 1044 -23.48 -7.07 -57.10
CA ILE C 1044 -22.41 -6.53 -56.27
C ILE C 1044 -21.06 -7.06 -56.73
N GLU C 1045 -21.02 -8.31 -57.17
CA GLU C 1045 -19.78 -8.87 -57.70
C GLU C 1045 -19.34 -8.09 -58.93
N ARG C 1046 -20.31 -7.68 -59.74
CA ARG C 1046 -20.02 -6.94 -60.96
C ARG C 1046 -19.53 -5.53 -60.68
N ASN C 1047 -20.10 -4.90 -59.65
CA ASN C 1047 -19.64 -3.60 -59.21
C ASN C 1047 -18.19 -3.71 -58.75
N LEU C 1048 -17.94 -4.71 -57.92
CA LEU C 1048 -16.61 -5.02 -57.40
C LEU C 1048 -15.61 -5.16 -58.54
N ARG C 1049 -16.00 -5.91 -59.57
CA ARG C 1049 -15.10 -6.19 -60.68
C ARG C 1049 -14.67 -4.94 -61.43
N ASN C 1050 -15.59 -3.99 -61.58
CA ASN C 1050 -15.26 -2.79 -62.32
C ASN C 1050 -14.37 -1.82 -61.53
N ILE C 1051 -14.68 -1.65 -60.25
CA ILE C 1051 -13.84 -0.85 -59.37
C ILE C 1051 -12.42 -1.43 -59.40
N ALA C 1052 -12.32 -2.75 -59.28
CA ALA C 1052 -11.01 -3.39 -59.29
C ALA C 1052 -10.26 -3.13 -60.58
N LEU C 1053 -10.95 -3.22 -61.71
CA LEU C 1053 -10.32 -2.98 -63.01
C LEU C 1053 -9.80 -1.55 -63.09
N GLY C 1054 -10.63 -0.61 -62.66
CA GLY C 1054 -10.25 0.79 -62.63
C GLY C 1054 -9.00 1.07 -61.80
N VAL C 1055 -8.96 0.50 -60.60
CA VAL C 1055 -7.83 0.64 -59.68
C VAL C 1055 -6.54 0.13 -60.31
N ASP C 1056 -6.62 -1.03 -60.97
CA ASP C 1056 -5.46 -1.62 -61.60
C ASP C 1056 -4.89 -0.69 -62.65
N ILE C 1057 -5.78 -0.13 -63.48
CA ILE C 1057 -5.34 0.76 -64.57
C ILE C 1057 -4.76 2.04 -63.99
N ARG C 1058 -5.47 2.64 -63.03
CA ARG C 1058 -4.99 3.84 -62.37
C ARG C 1058 -3.55 3.66 -61.91
N HIS C 1059 -3.29 2.57 -61.22
CA HIS C 1059 -1.95 2.32 -60.69
C HIS C 1059 -0.91 2.14 -61.80
N LYS C 1060 -1.26 1.38 -62.83
CA LYS C 1060 -0.33 1.14 -63.94
C LYS C 1060 0.02 2.44 -64.69
N VAL C 1061 -0.97 3.29 -64.87
CA VAL C 1061 -0.78 4.59 -65.49
C VAL C 1061 0.11 5.50 -64.64
N LEU C 1062 -0.19 5.59 -63.35
CA LEU C 1062 0.62 6.35 -62.42
C LEU C 1062 2.08 5.89 -62.46
N ASP C 1063 2.28 4.58 -62.50
CA ASP C 1063 3.64 4.07 -62.50
C ASP C 1063 4.44 4.52 -63.74
N LYS C 1064 3.74 4.91 -64.80
CA LYS C 1064 4.40 5.34 -66.04
C LYS C 1064 4.85 6.79 -66.00
N VAL C 1065 4.35 7.52 -65.01
CA VAL C 1065 4.60 8.94 -64.87
C VAL C 1065 5.65 9.21 -63.79
N ASN C 1066 6.34 10.36 -63.89
CA ASN C 1066 7.33 10.76 -62.89
C ASN C 1066 6.70 11.18 -61.58
N LEU C 1067 6.92 10.38 -60.55
CA LEU C 1067 6.33 10.58 -59.24
C LEU C 1067 7.38 10.80 -58.17
N SER C 1068 7.12 11.72 -57.26
CA SER C 1068 7.91 11.85 -56.05
C SER C 1068 7.01 11.55 -54.86
N ILE C 1069 7.47 10.69 -53.95
CA ILE C 1069 6.62 10.26 -52.86
C ILE C 1069 7.24 10.57 -51.51
N ASP C 1070 6.54 11.42 -50.76
CA ASP C 1070 6.96 11.77 -49.41
C ASP C 1070 5.77 11.68 -48.43
N GLN C 1071 5.21 10.49 -48.30
CA GLN C 1071 4.13 10.22 -47.36
C GLN C 1071 4.65 10.04 -45.93
N MET C 1072 5.85 9.49 -45.81
CA MET C 1072 6.46 9.26 -44.50
C MET C 1072 7.37 10.44 -44.22
N ALA C 1073 6.76 11.59 -43.97
CA ALA C 1073 7.46 12.85 -44.04
C ALA C 1073 8.21 13.23 -42.76
N ALA C 1074 9.13 14.19 -42.92
CA ALA C 1074 9.87 14.88 -41.87
C ALA C 1074 11.27 15.25 -42.35
N VAL C 1075 11.98 14.24 -42.85
CA VAL C 1075 13.39 14.38 -43.21
C VAL C 1075 13.57 15.09 -44.54
N GLY C 1076 12.65 14.85 -45.48
CA GLY C 1076 12.77 15.43 -46.80
C GLY C 1076 13.55 14.50 -47.71
N ALA C 1077 13.28 13.20 -47.60
CA ALA C 1077 13.93 12.20 -48.46
C ALA C 1077 12.90 11.39 -49.26
N PRO C 1078 12.36 11.99 -50.32
CA PRO C 1078 11.26 11.37 -51.08
C PRO C 1078 11.74 10.27 -52.01
N TYR C 1079 10.91 9.25 -52.21
CA TYR C 1079 11.22 8.20 -53.16
C TYR C 1079 10.77 8.59 -54.57
N GLN C 1080 11.62 8.34 -55.56
CA GLN C 1080 11.29 8.63 -56.96
C GLN C 1080 11.01 7.32 -57.70
N ASN C 1081 9.88 7.22 -58.39
CA ASN C 1081 9.57 5.98 -59.12
C ASN C 1081 10.27 5.89 -60.48
N ASN C 1082 10.88 6.99 -60.91
CA ASN C 1082 11.48 7.05 -62.24
C ASN C 1082 10.54 6.61 -63.36
N GLY C 1083 9.31 7.13 -63.35
CA GLY C 1083 8.42 7.00 -64.48
C GLY C 1083 8.96 7.90 -65.57
N LYS C 1084 8.76 7.51 -66.83
CA LYS C 1084 9.38 8.22 -67.94
C LYS C 1084 8.52 9.34 -68.53
N ILE C 1085 7.20 9.21 -68.41
CA ILE C 1085 6.32 10.27 -68.89
C ILE C 1085 6.37 11.46 -67.93
N ASP C 1086 6.84 12.59 -68.45
CA ASP C 1086 7.06 13.78 -67.65
C ASP C 1086 5.81 14.65 -67.62
N LEU C 1087 5.26 14.85 -66.44
CA LEU C 1087 4.08 15.71 -66.30
C LEU C 1087 4.39 17.00 -65.56
N SER C 1088 5.66 17.42 -65.59
CA SER C 1088 6.04 18.68 -64.98
C SER C 1088 5.52 19.86 -65.81
N ASN C 1089 5.42 21.03 -65.18
CA ASN C 1089 4.95 22.23 -65.87
C ASN C 1089 3.55 22.05 -66.45
N MET C 1090 2.68 21.42 -65.69
CA MET C 1090 1.29 21.24 -66.06
C MET C 1090 0.42 21.55 -64.86
N THR C 1091 -0.79 22.03 -65.11
CA THR C 1091 -1.73 22.24 -64.03
C THR C 1091 -2.38 20.90 -63.69
N PRO C 1092 -3.01 20.81 -62.51
CA PRO C 1092 -3.77 19.61 -62.17
C PRO C 1092 -4.78 19.21 -63.26
N GLU C 1093 -5.43 20.18 -63.89
CA GLU C 1093 -6.36 19.87 -64.97
C GLU C 1093 -5.66 19.22 -66.15
N GLN C 1094 -4.50 19.76 -66.52
CA GLN C 1094 -3.73 19.22 -67.64
C GLN C 1094 -3.18 17.83 -67.34
N GLN C 1095 -2.77 17.61 -66.09
CA GLN C 1095 -2.25 16.31 -65.70
C GLN C 1095 -3.36 15.25 -65.77
N ALA C 1096 -4.53 15.57 -65.21
CA ALA C 1096 -5.69 14.70 -65.29
C ALA C 1096 -5.96 14.28 -66.74
N ASP C 1097 -6.00 15.24 -67.66
CA ASP C 1097 -6.30 14.92 -69.06
C ASP C 1097 -5.27 13.96 -69.62
N GLU C 1098 -4.01 14.18 -69.31
CA GLU C 1098 -2.94 13.31 -69.79
C GLU C 1098 -3.00 11.91 -69.15
N LEU C 1099 -3.30 11.86 -67.86
CA LEU C 1099 -3.42 10.57 -67.18
C LEU C 1099 -4.61 9.79 -67.76
N ASN C 1100 -5.68 10.51 -68.06
CA ASN C 1100 -6.85 9.86 -68.64
C ASN C 1100 -6.62 9.31 -70.03
N LYS C 1101 -5.82 10.02 -70.84
CA LYS C 1101 -5.43 9.48 -72.13
C LYS C 1101 -4.69 8.17 -71.91
N LEU C 1102 -3.75 8.17 -70.96
CA LEU C 1102 -3.00 6.96 -70.63
C LEU C 1102 -3.93 5.87 -70.08
N PHE C 1103 -4.92 6.29 -69.29
CA PHE C 1103 -5.92 5.37 -68.76
C PHE C 1103 -6.63 4.72 -69.93
N ARG C 1104 -7.09 5.54 -70.88
CA ARG C 1104 -7.86 5.06 -72.00
C ARG C 1104 -7.05 4.14 -72.91
N GLU C 1105 -5.77 4.43 -73.09
CA GLU C 1105 -4.97 3.61 -73.96
C GLU C 1105 -4.59 2.29 -73.29
N GLU C 1106 -4.50 2.32 -71.96
CA GLU C 1106 -4.27 1.10 -71.19
C GLU C 1106 -5.52 0.22 -71.24
N LEU C 1107 -6.68 0.84 -71.05
CA LEU C 1107 -7.95 0.14 -71.10
C LEU C 1107 -8.12 -0.58 -72.43
N GLU C 1108 -7.59 0.03 -73.49
CA GLU C 1108 -7.69 -0.55 -74.83
C GLU C 1108 -6.69 -1.68 -75.07
N ALA C 1109 -5.56 -1.62 -74.38
CA ALA C 1109 -4.55 -2.67 -74.54
C ALA C 1109 -5.00 -3.99 -73.95
N ARG C 1110 -6.07 -3.95 -73.16
CA ARG C 1110 -6.65 -5.16 -72.58
C ARG C 1110 -7.94 -5.52 -73.30
N LYS C 1111 -8.76 -4.51 -73.56
CA LYS C 1111 -9.98 -4.69 -74.33
C LYS C 1111 -9.67 -5.45 -75.63
N GLN C 1112 -8.48 -5.22 -76.17
CA GLN C 1112 -8.05 -5.90 -77.39
C GLN C 1112 -6.84 -6.78 -77.13
#